data_7ROY
#
_entry.id   7ROY
#
_cell.length_a   164.475
_cell.length_b   164.475
_cell.length_c   465.390
_cell.angle_alpha   90.000
_cell.angle_beta   90.000
_cell.angle_gamma   90.000
#
_symmetry.space_group_name_H-M   'I 4 2 2'
#
loop_
_entity.id
_entity.type
_entity.pdbx_description
1 polymer 'Protein fem-1 homolog B'
2 polymer 'Folliculin-interacting protein 1'
3 non-polymer '4-(2-HYDROXYETHYL)-1-PIPERAZINE ETHANESULFONIC ACID'
4 non-polymer 'ZINC ION'
5 water water
#
loop_
_entity_poly.entity_id
_entity_poly.type
_entity_poly.pdbx_seq_one_letter_code
_entity_poly.pdbx_strand_id
1 'polypeptide(L)'
;SGSSMEGLAGYVYKAASEGKVLTLAALLLNRSESDIRYLLGYVSQQGGQRSTPLIIAARNGHAKVVRLLLEHYRVQTQQT
GTVRFDGYVIDGATALWCAAGAGHFEVVKLLVSHGANVNHTTVTNSTPLRAACFDGRLDIVKYLVENNANISIANKYDNT
CLMIAAYKGHTDVVRYLLEQRADPNAKAHCGATALHFAAEAGHIDIVKELIKWRAAIVVNGHGMTPLKVAAESCKADVVE
LLLSHADCDRRSRIEALELLGASFANDRENYDIMKTYHYLYLAMLERFQDGDNILEKEVLPPIHAYGNRTECRNPQELEA
IRQDRDALHMEGLIVRERILGADNIDVSHPIIYRGAVYADNMEFEQCIKLWLHALHLRQKG
;
A,B,C,D
2 'polypeptide(L)' GRNKSSLLFKESEETRTPNCNCKYCSHPVLG G,H
#
loop_
_chem_comp.id
_chem_comp.type
_chem_comp.name
_chem_comp.formula
EPE non-polymer '4-(2-HYDROXYETHYL)-1-PIPERAZINE ETHANESULFONIC ACID' 'C8 H18 N2 O4 S'
ZN non-polymer 'ZINC ION' 'Zn 2'
#
# COMPACT_ATOMS: atom_id res chain seq x y z
N SER A 3 20.74 -17.72 -39.44
CA SER A 3 20.47 -17.88 -38.01
C SER A 3 21.72 -17.59 -37.19
N SER A 4 22.55 -16.66 -37.68
CA SER A 4 23.76 -16.31 -36.95
C SER A 4 23.46 -15.50 -35.70
N MET A 5 22.48 -14.60 -35.79
CA MET A 5 22.05 -13.84 -34.62
C MET A 5 21.36 -14.72 -33.58
N GLU A 6 20.85 -15.88 -33.99
CA GLU A 6 20.20 -16.79 -33.07
C GLU A 6 21.18 -17.34 -32.04
N GLY A 7 22.41 -17.60 -32.44
CA GLY A 7 23.42 -18.02 -31.48
C GLY A 7 23.75 -16.95 -30.46
N LEU A 8 23.82 -15.69 -30.92
CA LEU A 8 24.03 -14.58 -29.97
C LEU A 8 22.85 -14.45 -29.03
N ALA A 9 21.64 -14.70 -29.53
CA ALA A 9 20.46 -14.69 -28.67
C ALA A 9 20.56 -15.79 -27.60
N GLY A 10 21.02 -16.98 -28.01
CA GLY A 10 21.23 -18.04 -27.03
C GLY A 10 22.26 -17.68 -25.99
N TYR A 11 23.36 -17.04 -26.42
CA TYR A 11 24.37 -16.60 -25.47
C TYR A 11 23.82 -15.55 -24.51
N VAL A 12 22.98 -14.63 -25.02
CA VAL A 12 22.33 -13.64 -24.17
C VAL A 12 21.46 -14.33 -23.12
N TYR A 13 20.67 -15.32 -23.56
CA TYR A 13 19.83 -16.06 -22.63
C TYR A 13 20.68 -16.77 -21.57
N LYS A 14 21.81 -17.36 -21.98
CA LYS A 14 22.66 -18.06 -21.02
C LYS A 14 23.22 -17.09 -19.99
N ALA A 15 23.75 -15.96 -20.45
CA ALA A 15 24.30 -14.97 -19.54
C ALA A 15 23.24 -14.45 -18.57
N ALA A 16 22.01 -14.26 -19.06
CA ALA A 16 20.94 -13.78 -18.19
C ALA A 16 20.56 -14.85 -17.17
N SER A 17 20.49 -16.12 -17.60
CA SER A 17 20.05 -17.19 -16.72
C SER A 17 21.09 -17.50 -15.64
N GLU A 18 22.37 -17.31 -15.93
CA GLU A 18 23.42 -17.62 -14.98
C GLU A 18 23.93 -16.39 -14.23
N GLY A 19 23.27 -15.24 -14.39
CA GLY A 19 23.61 -14.07 -13.59
C GLY A 19 24.89 -13.37 -13.96
N LYS A 20 25.33 -13.49 -15.22
CA LYS A 20 26.53 -12.81 -15.70
C LYS A 20 26.13 -11.47 -16.28
N VAL A 21 25.94 -10.49 -15.40
CA VAL A 21 25.41 -9.19 -15.82
C VAL A 21 26.45 -8.43 -16.65
N LEU A 22 27.74 -8.61 -16.37
CA LEU A 22 28.76 -7.94 -17.17
C LEU A 22 28.84 -8.53 -18.56
N THR A 23 28.74 -9.86 -18.68
CA THR A 23 28.71 -10.49 -19.99
C THR A 23 27.50 -10.04 -20.80
N LEU A 24 26.34 -9.95 -20.16
CA LEU A 24 25.14 -9.50 -20.84
C LEU A 24 25.27 -8.04 -21.29
N ALA A 25 25.84 -7.20 -20.42
CA ALA A 25 26.05 -5.80 -20.79
C ALA A 25 27.00 -5.68 -21.96
N ALA A 26 28.05 -6.50 -22.00
CA ALA A 26 28.97 -6.49 -23.12
C ALA A 26 28.29 -6.96 -24.40
N LEU A 27 27.46 -7.99 -24.31
CA LEU A 27 26.78 -8.49 -25.49
C LEU A 27 25.79 -7.48 -26.06
N LEU A 28 25.05 -6.79 -25.18
CA LEU A 28 24.00 -5.89 -25.64
C LEU A 28 24.51 -4.50 -26.01
N LEU A 29 25.71 -4.13 -25.57
CA LEU A 29 26.18 -2.76 -25.74
C LEU A 29 26.36 -2.43 -27.22
N ASN A 30 25.90 -1.23 -27.60
CA ASN A 30 26.00 -0.61 -28.93
C ASN A 30 25.34 -1.41 -30.05
N ARG A 31 24.62 -2.48 -29.75
CA ARG A 31 23.84 -3.17 -30.77
C ARG A 31 22.71 -2.26 -31.25
N SER A 32 22.24 -2.52 -32.47
CA SER A 32 21.15 -1.74 -33.02
C SER A 32 19.85 -2.02 -32.27
N GLU A 33 18.90 -1.09 -32.40
CA GLU A 33 17.63 -1.21 -31.69
C GLU A 33 16.91 -2.49 -32.10
N SER A 34 16.90 -2.80 -33.40
CA SER A 34 16.29 -4.05 -33.85
C SER A 34 17.03 -5.25 -33.28
N ASP A 35 18.36 -5.19 -33.22
CA ASP A 35 19.13 -6.27 -32.61
C ASP A 35 18.80 -6.41 -31.13
N ILE A 36 18.68 -5.29 -30.42
CA ILE A 36 18.33 -5.34 -29.01
C ILE A 36 16.96 -5.99 -28.82
N ARG A 37 15.98 -5.58 -29.62
CA ARG A 37 14.65 -6.15 -29.52
C ARG A 37 14.66 -7.65 -29.81
N TYR A 38 15.40 -8.07 -30.84
CA TYR A 38 15.44 -9.48 -31.18
C TYR A 38 16.13 -10.29 -30.09
N LEU A 39 17.22 -9.78 -29.53
CA LEU A 39 17.97 -10.53 -28.51
C LEU A 39 17.19 -10.63 -27.21
N LEU A 40 16.49 -9.56 -26.82
CA LEU A 40 15.78 -9.57 -25.55
C LEU A 40 14.36 -10.11 -25.63
N GLY A 41 13.81 -10.24 -26.84
CA GLY A 41 12.51 -10.85 -27.03
C GLY A 41 12.55 -12.28 -27.54
N TYR A 42 13.73 -12.89 -27.63
CA TYR A 42 13.86 -14.25 -28.13
C TYR A 42 13.40 -15.23 -27.05
N VAL A 43 12.33 -15.95 -27.32
CA VAL A 43 11.78 -16.94 -26.38
C VAL A 43 12.63 -18.20 -26.50
N SER A 44 13.51 -18.42 -25.53
CA SER A 44 14.35 -19.61 -25.50
C SER A 44 13.63 -20.73 -24.78
N GLN A 45 13.76 -21.95 -25.32
CA GLN A 45 13.19 -23.15 -24.72
C GLN A 45 14.31 -24.00 -24.15
N GLN A 46 14.18 -24.36 -22.88
CA GLN A 46 15.25 -25.03 -22.16
C GLN A 46 14.67 -25.67 -20.89
N GLY A 47 14.95 -26.95 -20.69
CA GLY A 47 14.49 -27.64 -19.50
C GLY A 47 12.99 -27.60 -19.30
N GLY A 48 12.22 -27.64 -20.38
CA GLY A 48 10.78 -27.56 -20.29
C GLY A 48 10.23 -26.18 -20.03
N GLN A 49 11.08 -25.16 -20.02
CA GLN A 49 10.64 -23.78 -19.80
C GLN A 49 10.83 -22.97 -21.08
N ARG A 50 9.89 -22.06 -21.33
CA ARG A 50 9.98 -21.13 -22.44
C ARG A 50 10.01 -19.72 -21.87
N SER A 51 11.12 -19.01 -22.06
CA SER A 51 11.31 -17.74 -21.38
C SER A 51 12.25 -16.83 -22.15
N THR A 52 12.06 -15.53 -21.97
CA THR A 52 12.94 -14.47 -22.42
C THR A 52 14.03 -14.22 -21.39
N PRO A 53 15.11 -13.53 -21.76
CA PRO A 53 16.16 -13.24 -20.76
C PRO A 53 15.64 -12.61 -19.47
N LEU A 54 14.71 -11.67 -19.57
CA LEU A 54 14.15 -11.05 -18.38
C LEU A 54 13.42 -12.06 -17.52
N ILE A 55 12.62 -12.93 -18.15
CA ILE A 55 11.83 -13.90 -17.39
C ILE A 55 12.74 -14.88 -16.66
N ILE A 56 13.76 -15.40 -17.36
CA ILE A 56 14.63 -16.38 -16.74
C ILE A 56 15.51 -15.72 -15.67
N ALA A 57 15.89 -14.45 -15.86
CA ALA A 57 16.65 -13.76 -14.83
C ALA A 57 15.79 -13.51 -13.59
N ALA A 58 14.50 -13.21 -13.79
CA ALA A 58 13.62 -12.99 -12.65
C ALA A 58 13.30 -14.29 -11.93
N ARG A 59 13.17 -15.40 -12.67
CA ARG A 59 12.86 -16.67 -12.04
C ARG A 59 14.05 -17.21 -11.26
N ASN A 60 15.26 -16.92 -11.70
CA ASN A 60 16.47 -17.34 -11.00
C ASN A 60 16.95 -16.33 -9.97
N GLY A 61 16.37 -15.13 -9.95
CA GLY A 61 16.72 -14.15 -8.94
C GLY A 61 17.96 -13.34 -9.21
N HIS A 62 18.28 -13.07 -10.47
CA HIS A 62 19.47 -12.29 -10.82
C HIS A 62 19.06 -10.82 -10.90
N ALA A 63 19.08 -10.17 -9.73
CA ALA A 63 18.56 -8.81 -9.62
C ALA A 63 19.39 -7.82 -10.43
N LYS A 64 20.70 -8.05 -10.52
CA LYS A 64 21.53 -7.15 -11.33
C LYS A 64 21.17 -7.23 -12.81
N VAL A 65 20.94 -8.44 -13.31
CA VAL A 65 20.53 -8.60 -14.71
C VAL A 65 19.17 -7.96 -14.93
N VAL A 66 18.24 -8.16 -14.00
CA VAL A 66 16.91 -7.54 -14.13
C VAL A 66 17.03 -6.03 -14.15
N ARG A 67 17.85 -5.46 -13.26
CA ARG A 67 18.02 -4.01 -13.21
C ARG A 67 18.64 -3.48 -14.50
N LEU A 68 19.66 -4.17 -15.02
CA LEU A 68 20.24 -3.76 -16.29
C LEU A 68 19.20 -3.75 -17.40
N LEU A 69 18.47 -4.86 -17.55
CA LEU A 69 17.49 -4.96 -18.63
C LEU A 69 16.40 -3.90 -18.49
N LEU A 70 16.00 -3.59 -17.26
CA LEU A 70 14.92 -2.61 -17.08
C LEU A 70 15.41 -1.19 -17.32
N GLU A 71 16.54 -0.81 -16.69
CA GLU A 71 16.96 0.58 -16.71
C GLU A 71 17.62 0.98 -18.03
N HIS A 72 18.31 0.07 -18.70
CA HIS A 72 19.13 0.47 -19.84
C HIS A 72 18.71 -0.12 -21.18
N TYR A 73 17.65 -0.93 -21.23
CA TYR A 73 17.28 -1.53 -22.51
C TYR A 73 15.78 -1.61 -22.74
N ARG A 74 14.96 -0.97 -21.91
CA ARG A 74 13.52 -0.82 -22.15
C ARG A 74 12.84 -2.16 -22.44
N VAL A 75 13.12 -3.14 -21.59
CA VAL A 75 12.54 -4.47 -21.79
C VAL A 75 11.05 -4.44 -21.48
N GLN A 76 10.26 -5.06 -22.34
CA GLN A 76 8.82 -5.18 -22.11
C GLN A 76 8.55 -5.86 -20.78
N THR A 77 7.94 -5.12 -19.85
CA THR A 77 7.71 -5.63 -18.52
C THR A 77 6.58 -6.65 -18.45
N GLN A 78 5.85 -6.87 -19.55
CA GLN A 78 4.71 -7.76 -19.55
C GLN A 78 4.90 -8.99 -20.45
N GLN A 79 6.11 -9.24 -20.93
CA GLN A 79 6.34 -10.40 -21.78
C GLN A 79 6.18 -11.68 -20.95
N THR A 80 5.45 -12.63 -21.50
CA THR A 80 5.09 -13.86 -20.80
C THR A 80 5.85 -15.05 -21.37
N GLY A 81 5.85 -16.13 -20.60
CA GLY A 81 6.49 -17.34 -21.02
C GLY A 81 5.93 -18.54 -20.27
N THR A 82 6.70 -19.62 -20.28
CA THR A 82 6.32 -20.86 -19.61
C THR A 82 7.46 -21.25 -18.67
N VAL A 83 7.14 -21.44 -17.39
CA VAL A 83 8.14 -21.77 -16.39
C VAL A 83 7.69 -23.00 -15.61
N ARG A 84 8.66 -23.72 -15.06
CA ARG A 84 8.44 -24.96 -14.34
C ARG A 84 8.91 -24.79 -12.90
N PHE A 85 7.99 -24.96 -11.96
CA PHE A 85 8.28 -24.87 -10.54
C PHE A 85 8.18 -26.26 -9.94
N ASP A 86 9.33 -26.81 -9.53
CA ASP A 86 9.44 -28.20 -9.09
C ASP A 86 8.90 -29.13 -10.17
N GLY A 87 7.67 -29.61 -9.99
CA GLY A 87 7.08 -30.50 -10.96
C GLY A 87 6.07 -29.83 -11.89
N TYR A 88 5.32 -28.88 -11.35
CA TYR A 88 4.24 -28.25 -12.10
C TYR A 88 4.78 -27.19 -13.06
N VAL A 89 4.02 -26.94 -14.11
CA VAL A 89 4.36 -25.94 -15.12
C VAL A 89 3.29 -24.86 -15.11
N ILE A 90 3.70 -23.64 -15.44
CA ILE A 90 2.82 -22.48 -15.46
C ILE A 90 2.95 -21.81 -16.82
N ASP A 91 1.82 -21.59 -17.49
CA ASP A 91 1.79 -20.95 -18.80
C ASP A 91 1.36 -19.50 -18.67
N GLY A 92 1.95 -18.64 -19.49
CA GLY A 92 1.62 -17.22 -19.45
C GLY A 92 2.09 -16.52 -18.20
N ALA A 93 3.32 -16.80 -17.76
CA ALA A 93 3.86 -16.22 -16.53
C ALA A 93 4.79 -15.06 -16.88
N THR A 94 4.64 -13.95 -16.15
CA THR A 94 5.52 -12.81 -16.32
C THR A 94 6.71 -12.91 -15.38
N ALA A 95 7.68 -12.03 -15.62
CA ALA A 95 8.86 -11.97 -14.75
C ALA A 95 8.45 -11.71 -13.30
N LEU A 96 7.44 -10.84 -13.10
CA LEU A 96 6.98 -10.54 -11.75
C LEU A 96 6.33 -11.76 -11.11
N TRP A 97 5.51 -12.49 -11.86
CA TRP A 97 4.90 -13.70 -11.31
C TRP A 97 5.96 -14.72 -10.93
N CYS A 98 6.97 -14.91 -11.78
CA CYS A 98 8.04 -15.85 -11.47
C CYS A 98 8.79 -15.43 -10.21
N ALA A 99 9.15 -14.14 -10.13
CA ALA A 99 9.88 -13.65 -8.96
C ALA A 99 9.06 -13.81 -7.69
N ALA A 100 7.75 -13.59 -7.77
CA ALA A 100 6.90 -13.75 -6.61
C ALA A 100 6.79 -15.22 -6.19
N GLY A 101 6.67 -16.12 -7.17
CA GLY A 101 6.57 -17.53 -6.85
C GLY A 101 7.86 -18.11 -6.29
N ALA A 102 9.00 -17.62 -6.77
CA ALA A 102 10.30 -18.11 -6.30
C ALA A 102 10.75 -17.43 -5.02
N GLY A 103 10.09 -16.35 -4.59
CA GLY A 103 10.49 -15.68 -3.37
C GLY A 103 11.66 -14.73 -3.52
N HIS A 104 11.78 -14.05 -4.67
CA HIS A 104 12.87 -13.11 -4.91
C HIS A 104 12.36 -11.70 -4.67
N PHE A 105 12.51 -11.25 -3.42
CA PHE A 105 11.93 -9.98 -2.99
C PHE A 105 12.56 -8.79 -3.72
N GLU A 106 13.88 -8.83 -3.90
CA GLU A 106 14.55 -7.72 -4.59
C GLU A 106 14.09 -7.61 -6.04
N VAL A 107 13.91 -8.75 -6.70
CA VAL A 107 13.42 -8.73 -8.07
C VAL A 107 11.98 -8.25 -8.13
N VAL A 108 11.16 -8.66 -7.15
CA VAL A 108 9.78 -8.18 -7.09
C VAL A 108 9.76 -6.66 -6.95
N LYS A 109 10.61 -6.12 -6.07
CA LYS A 109 10.68 -4.67 -5.92
C LYS A 109 11.13 -3.99 -7.20
N LEU A 110 12.19 -4.52 -7.82
CA LEU A 110 12.71 -3.92 -9.05
C LEU A 110 11.66 -3.89 -10.15
N LEU A 111 10.89 -4.97 -10.29
CA LEU A 111 9.89 -5.02 -11.35
C LEU A 111 8.70 -4.12 -11.02
N VAL A 112 8.23 -4.15 -9.78
CA VAL A 112 7.09 -3.32 -9.39
C VAL A 112 7.46 -1.84 -9.53
N SER A 113 8.67 -1.47 -9.10
CA SER A 113 9.10 -0.08 -9.17
C SER A 113 9.18 0.43 -10.61
N HIS A 114 9.34 -0.45 -11.59
CA HIS A 114 9.35 -0.07 -12.99
C HIS A 114 7.99 -0.27 -13.65
N GLY A 115 6.92 -0.36 -12.86
CA GLY A 115 5.58 -0.37 -13.40
C GLY A 115 5.10 -1.70 -13.94
N ALA A 116 5.60 -2.82 -13.41
CA ALA A 116 5.12 -4.12 -13.84
C ALA A 116 3.67 -4.32 -13.38
N ASN A 117 2.85 -4.85 -14.29
CA ASN A 117 1.45 -5.11 -13.97
C ASN A 117 1.36 -6.06 -12.78
N VAL A 118 1.01 -5.53 -11.61
CA VAL A 118 1.02 -6.32 -10.39
C VAL A 118 -0.12 -7.32 -10.35
N ASN A 119 -1.18 -7.10 -11.11
CA ASN A 119 -2.33 -7.99 -11.14
C ASN A 119 -2.40 -8.80 -12.44
N HIS A 120 -1.24 -9.13 -13.01
CA HIS A 120 -1.21 -9.99 -14.18
C HIS A 120 -1.69 -11.38 -13.84
N THR A 121 -2.44 -11.99 -14.75
CA THR A 121 -3.00 -13.31 -14.55
C THR A 121 -2.40 -14.28 -15.57
N THR A 122 -2.02 -15.46 -15.09
CA THR A 122 -1.47 -16.49 -15.96
C THR A 122 -2.59 -17.18 -16.73
N VAL A 123 -2.31 -18.37 -17.28
CA VAL A 123 -3.35 -19.10 -18.00
C VAL A 123 -4.40 -19.62 -17.03
N THR A 124 -3.98 -20.12 -15.87
CA THR A 124 -4.91 -20.51 -14.82
C THR A 124 -5.40 -19.32 -14.00
N ASN A 125 -5.19 -18.10 -14.49
CA ASN A 125 -5.62 -16.88 -13.81
C ASN A 125 -4.98 -16.74 -12.43
N SER A 126 -3.72 -17.13 -12.33
CA SER A 126 -2.95 -16.97 -11.09
C SER A 126 -2.24 -15.62 -11.10
N THR A 127 -2.29 -14.94 -9.97
CA THR A 127 -1.67 -13.65 -9.79
C THR A 127 -0.36 -13.79 -9.03
N PRO A 128 0.53 -12.80 -9.14
CA PRO A 128 1.74 -12.83 -8.29
C PRO A 128 1.41 -12.89 -6.81
N LEU A 129 0.31 -12.26 -6.39
CA LEU A 129 -0.11 -12.37 -5.00
C LEU A 129 -0.44 -13.80 -4.62
N ARG A 130 -1.15 -14.52 -5.50
CA ARG A 130 -1.44 -15.92 -5.23
C ARG A 130 -0.17 -16.75 -5.20
N ALA A 131 0.75 -16.48 -6.14
CA ALA A 131 2.02 -17.22 -6.16
C ALA A 131 2.80 -17.02 -4.87
N ALA A 132 2.81 -15.79 -4.34
CA ALA A 132 3.50 -15.54 -3.08
C ALA A 132 2.75 -16.13 -1.90
N CYS A 133 1.42 -16.21 -1.98
CA CYS A 133 0.64 -16.80 -0.90
C CYS A 133 0.88 -18.31 -0.82
N PHE A 134 1.04 -18.96 -1.97
CA PHE A 134 1.36 -20.39 -1.96
C PHE A 134 2.62 -20.67 -1.14
N ASP A 135 3.69 -19.91 -1.42
CA ASP A 135 4.93 -20.10 -0.68
C ASP A 135 4.80 -19.65 0.77
N GLY A 136 3.91 -18.71 1.05
CA GLY A 136 3.76 -18.16 2.39
C GLY A 136 4.69 -17.01 2.70
N ARG A 137 5.20 -16.32 1.68
CA ARG A 137 6.14 -15.21 1.87
C ARG A 137 5.35 -13.96 2.26
N LEU A 138 5.23 -13.75 3.57
CA LEU A 138 4.44 -12.63 4.07
C LEU A 138 5.01 -11.29 3.63
N ASP A 139 6.34 -11.19 3.53
CA ASP A 139 6.95 -9.93 3.10
C ASP A 139 6.53 -9.58 1.67
N ILE A 140 6.59 -10.56 0.77
CA ILE A 140 6.20 -10.32 -0.62
C ILE A 140 4.70 -10.06 -0.71
N VAL A 141 3.90 -10.77 0.09
CA VAL A 141 2.45 -10.53 0.09
C VAL A 141 2.16 -9.09 0.51
N LYS A 142 2.81 -8.63 1.59
CA LYS A 142 2.64 -7.26 2.04
C LYS A 142 3.05 -6.26 0.96
N TYR A 143 4.23 -6.47 0.36
CA TYR A 143 4.72 -5.53 -0.64
C TYR A 143 3.76 -5.44 -1.83
N LEU A 144 3.23 -6.58 -2.27
CA LEU A 144 2.29 -6.57 -3.39
C LEU A 144 0.99 -5.87 -3.00
N VAL A 145 0.41 -6.27 -1.87
CA VAL A 145 -0.87 -5.69 -1.43
C VAL A 145 -0.75 -4.17 -1.30
N GLU A 146 0.37 -3.69 -0.76
CA GLU A 146 0.57 -2.25 -0.62
C GLU A 146 0.68 -1.56 -1.98
N ASN A 147 1.24 -2.23 -2.98
CA ASN A 147 1.35 -1.67 -4.33
C ASN A 147 0.18 -2.05 -5.21
N ASN A 148 -1.04 -2.00 -4.67
CA ASN A 148 -2.29 -2.08 -5.44
C ASN A 148 -2.53 -3.46 -6.04
N ALA A 149 -2.04 -4.52 -5.42
CA ALA A 149 -2.33 -5.86 -5.89
C ALA A 149 -3.72 -6.26 -5.44
N ASN A 150 -4.61 -6.54 -6.40
CA ASN A 150 -5.99 -6.86 -6.09
C ASN A 150 -6.05 -8.19 -5.36
N ILE A 151 -6.50 -8.15 -4.09
CA ILE A 151 -6.55 -9.34 -3.24
C ILE A 151 -7.71 -10.26 -3.58
N SER A 152 -8.68 -9.79 -4.35
CA SER A 152 -9.91 -10.53 -4.60
C SER A 152 -9.93 -11.29 -5.91
N ILE A 153 -8.84 -11.27 -6.68
CA ILE A 153 -8.80 -11.95 -7.97
C ILE A 153 -8.63 -13.44 -7.75
N ALA A 154 -9.62 -14.22 -8.17
CA ALA A 154 -9.54 -15.67 -8.08
C ALA A 154 -8.89 -16.24 -9.34
N ASN A 155 -8.73 -17.57 -9.38
CA ASN A 155 -8.03 -18.23 -10.45
C ASN A 155 -9.01 -19.06 -11.30
N LYS A 156 -8.51 -20.11 -11.96
CA LYS A 156 -9.33 -20.92 -12.85
C LYS A 156 -10.54 -21.49 -12.13
N TYR A 157 -10.35 -22.03 -10.93
CA TYR A 157 -11.42 -22.69 -10.18
C TYR A 157 -11.96 -21.81 -9.05
N ASP A 158 -11.90 -20.49 -9.21
CA ASP A 158 -12.40 -19.54 -8.22
C ASP A 158 -11.73 -19.70 -6.87
N ASN A 159 -10.46 -20.11 -6.87
CA ASN A 159 -9.68 -20.23 -5.65
C ASN A 159 -9.04 -18.89 -5.31
N THR A 160 -9.16 -18.47 -4.05
CA THR A 160 -8.68 -17.18 -3.61
C THR A 160 -7.33 -17.31 -2.94
N CYS A 161 -6.65 -16.17 -2.80
CA CYS A 161 -5.41 -16.12 -2.03
C CYS A 161 -5.66 -16.53 -0.59
N LEU A 162 -6.79 -16.10 -0.03
CA LEU A 162 -7.15 -16.54 1.32
C LEU A 162 -7.30 -18.05 1.38
N MET A 163 -7.95 -18.64 0.37
CA MET A 163 -8.11 -20.09 0.33
C MET A 163 -6.76 -20.80 0.29
N ILE A 164 -5.88 -20.41 -0.64
CA ILE A 164 -4.62 -21.12 -0.80
C ILE A 164 -3.75 -20.94 0.43
N ALA A 165 -3.80 -19.76 1.07
CA ALA A 165 -3.04 -19.56 2.28
C ALA A 165 -3.60 -20.38 3.44
N ALA A 166 -4.93 -20.50 3.52
CA ALA A 166 -5.54 -21.28 4.59
C ALA A 166 -5.26 -22.77 4.43
N TYR A 167 -5.17 -23.25 3.19
CA TYR A 167 -4.92 -24.67 2.98
C TYR A 167 -3.48 -25.04 3.28
N LYS A 168 -2.54 -24.15 2.96
CA LYS A 168 -1.12 -24.43 3.15
C LYS A 168 -0.62 -24.14 4.56
N GLY A 169 -1.47 -23.59 5.44
CA GLY A 169 -1.09 -23.40 6.82
C GLY A 169 -0.35 -22.12 7.12
N HIS A 170 -0.45 -21.11 6.25
CA HIS A 170 0.23 -19.84 6.43
C HIS A 170 -0.67 -18.93 7.26
N THR A 171 -0.57 -19.09 8.59
CA THR A 171 -1.47 -18.37 9.49
C THR A 171 -1.25 -16.86 9.41
N ASP A 172 0.01 -16.43 9.34
CA ASP A 172 0.30 -15.00 9.25
C ASP A 172 -0.28 -14.41 7.97
N VAL A 173 -0.11 -15.11 6.83
CA VAL A 173 -0.67 -14.61 5.57
C VAL A 173 -2.19 -14.57 5.65
N VAL A 174 -2.81 -15.59 6.23
CA VAL A 174 -4.27 -15.61 6.35
C VAL A 174 -4.75 -14.41 7.17
N ARG A 175 -4.12 -14.19 8.33
CA ARG A 175 -4.53 -13.08 9.18
C ARG A 175 -4.31 -11.75 8.50
N TYR A 176 -3.20 -11.59 7.77
CA TYR A 176 -2.96 -10.35 7.04
C TYR A 176 -4.03 -10.12 5.98
N LEU A 177 -4.34 -11.15 5.20
CA LEU A 177 -5.37 -11.01 4.17
C LEU A 177 -6.71 -10.63 4.79
N LEU A 178 -7.08 -11.29 5.89
CA LEU A 178 -8.32 -10.92 6.57
C LEU A 178 -8.27 -9.49 7.09
N GLU A 179 -7.10 -9.01 7.51
CA GLU A 179 -6.97 -7.62 7.94
C GLU A 179 -7.13 -6.65 6.77
N GLN A 180 -6.74 -7.06 5.56
CA GLN A 180 -6.86 -6.23 4.37
C GLN A 180 -8.23 -6.36 3.72
N ARG A 181 -9.27 -6.70 4.49
CA ARG A 181 -10.66 -6.72 4.03
C ARG A 181 -10.91 -7.79 2.97
N ALA A 182 -10.22 -8.93 3.05
CA ALA A 182 -10.48 -10.03 2.14
C ALA A 182 -11.74 -10.75 2.55
N ASP A 183 -12.58 -11.06 1.57
CA ASP A 183 -13.86 -11.73 1.81
C ASP A 183 -13.63 -13.14 2.34
N PRO A 184 -13.97 -13.44 3.59
CA PRO A 184 -13.77 -14.80 4.10
C PRO A 184 -14.82 -15.78 3.63
N ASN A 185 -15.95 -15.32 3.11
CA ASN A 185 -17.04 -16.17 2.67
C ASN A 185 -17.02 -16.43 1.17
N ALA A 186 -15.92 -16.10 0.49
CA ALA A 186 -15.80 -16.42 -0.92
C ALA A 186 -15.88 -17.93 -1.13
N LYS A 187 -16.57 -18.34 -2.19
CA LYS A 187 -16.80 -19.74 -2.47
C LYS A 187 -16.06 -20.14 -3.74
N ALA A 188 -15.45 -21.33 -3.71
CA ALA A 188 -14.80 -21.86 -4.89
C ALA A 188 -15.85 -22.24 -5.93
N HIS A 189 -15.39 -22.79 -7.06
CA HIS A 189 -16.31 -23.22 -8.10
C HIS A 189 -17.28 -24.28 -7.58
N CYS A 190 -16.81 -25.13 -6.67
CA CYS A 190 -17.65 -26.16 -6.07
C CYS A 190 -18.46 -25.65 -4.88
N GLY A 191 -18.12 -24.48 -4.34
CA GLY A 191 -18.78 -23.93 -3.18
C GLY A 191 -17.97 -23.99 -1.90
N ALA A 192 -16.82 -24.67 -1.92
CA ALA A 192 -15.99 -24.76 -0.73
C ALA A 192 -15.42 -23.38 -0.37
N THR A 193 -15.10 -23.22 0.90
CA THR A 193 -14.57 -21.96 1.42
C THR A 193 -13.18 -22.17 2.00
N ALA A 194 -12.56 -21.04 2.38
CA ALA A 194 -11.27 -21.11 3.05
C ALA A 194 -11.38 -21.90 4.36
N LEU A 195 -12.53 -21.80 5.04
CA LEU A 195 -12.74 -22.61 6.23
C LEU A 195 -12.81 -24.09 5.88
N HIS A 196 -13.47 -24.44 4.77
CA HIS A 196 -13.46 -25.81 4.29
C HIS A 196 -12.04 -26.31 4.06
N PHE A 197 -11.22 -25.50 3.38
CA PHE A 197 -9.86 -25.93 3.08
C PHE A 197 -9.02 -26.06 4.34
N ALA A 198 -9.17 -25.12 5.28
CA ALA A 198 -8.39 -25.19 6.51
C ALA A 198 -8.83 -26.34 7.41
N ALA A 199 -10.10 -26.73 7.33
CA ALA A 199 -10.58 -27.82 8.18
C ALA A 199 -9.99 -29.16 7.74
N GLU A 200 -9.93 -29.40 6.43
CA GLU A 200 -9.37 -30.66 5.93
C GLU A 200 -7.89 -30.80 6.26
N ALA A 201 -7.16 -29.69 6.24
CA ALA A 201 -5.72 -29.73 6.51
C ALA A 201 -5.38 -29.69 7.99
N GLY A 202 -6.37 -29.54 8.86
CA GLY A 202 -6.12 -29.51 10.28
C GLY A 202 -5.41 -28.28 10.78
N HIS A 203 -5.57 -27.14 10.10
CA HIS A 203 -4.91 -25.90 10.49
C HIS A 203 -5.79 -25.20 11.52
N ILE A 204 -5.55 -25.54 12.79
CA ILE A 204 -6.42 -25.13 13.88
C ILE A 204 -6.37 -23.62 14.09
N ASP A 205 -5.18 -23.02 13.98
CA ASP A 205 -5.06 -21.58 14.18
C ASP A 205 -5.74 -20.81 13.06
N ILE A 206 -5.65 -21.31 11.82
CA ILE A 206 -6.33 -20.65 10.72
C ILE A 206 -7.84 -20.80 10.86
N VAL A 207 -8.30 -21.94 11.37
CA VAL A 207 -9.73 -22.09 11.65
C VAL A 207 -10.18 -21.05 12.68
N LYS A 208 -9.42 -20.92 13.76
CA LYS A 208 -9.75 -19.92 14.78
C LYS A 208 -9.77 -18.51 14.19
N GLU A 209 -8.79 -18.19 13.35
CA GLU A 209 -8.71 -16.85 12.77
C GLU A 209 -9.89 -16.57 11.86
N LEU A 210 -10.23 -17.53 11.00
CA LEU A 210 -11.39 -17.36 10.12
C LEU A 210 -12.69 -17.23 10.93
N ILE A 211 -12.78 -17.93 12.06
CA ILE A 211 -13.97 -17.80 12.90
C ILE A 211 -14.02 -16.41 13.53
N LYS A 212 -12.86 -15.91 13.97
CA LYS A 212 -12.83 -14.58 14.59
C LYS A 212 -13.29 -13.50 13.63
N TRP A 213 -13.03 -13.67 12.34
CA TRP A 213 -13.50 -12.75 11.32
C TRP A 213 -14.88 -13.12 10.79
N ARG A 214 -15.63 -13.92 11.55
CA ARG A 214 -17.04 -14.22 11.27
C ARG A 214 -17.21 -14.83 9.88
N ALA A 215 -16.49 -15.93 9.65
CA ALA A 215 -16.67 -16.71 8.44
C ALA A 215 -17.89 -17.60 8.58
N ALA A 216 -18.76 -17.58 7.58
CA ALA A 216 -20.01 -18.33 7.64
C ALA A 216 -19.76 -19.81 7.36
N ILE A 217 -20.50 -20.66 8.08
CA ILE A 217 -20.50 -22.09 7.78
C ILE A 217 -21.46 -22.33 6.63
N VAL A 218 -20.95 -22.92 5.55
CA VAL A 218 -21.74 -23.10 4.33
C VAL A 218 -21.61 -24.56 3.89
N VAL A 219 -22.60 -25.00 3.12
CA VAL A 219 -22.64 -26.35 2.58
C VAL A 219 -22.20 -26.27 1.12
N ASN A 220 -21.04 -26.84 0.81
CA ASN A 220 -20.50 -26.78 -0.54
C ASN A 220 -21.31 -27.70 -1.47
N GLY A 221 -20.88 -27.74 -2.74
CA GLY A 221 -21.55 -28.57 -3.72
C GLY A 221 -21.49 -30.05 -3.41
N HIS A 222 -20.58 -30.47 -2.54
CA HIS A 222 -20.47 -31.86 -2.12
C HIS A 222 -21.32 -32.16 -0.88
N GLY A 223 -22.13 -31.21 -0.45
CA GLY A 223 -22.99 -31.42 0.71
C GLY A 223 -22.24 -31.54 2.02
N MET A 224 -21.20 -30.73 2.22
CA MET A 224 -20.35 -30.82 3.40
C MET A 224 -20.14 -29.45 4.02
N THR A 225 -20.24 -29.40 5.33
CA THR A 225 -19.86 -28.23 6.12
C THR A 225 -18.38 -28.34 6.48
N PRO A 226 -17.76 -27.25 6.96
CA PRO A 226 -16.38 -27.38 7.46
C PRO A 226 -16.26 -28.40 8.57
N LEU A 227 -17.26 -28.49 9.45
CA LEU A 227 -17.27 -29.51 10.50
C LEU A 227 -17.32 -30.91 9.89
N LYS A 228 -18.17 -31.11 8.89
CA LYS A 228 -18.28 -32.42 8.25
C LYS A 228 -16.97 -32.79 7.55
N VAL A 229 -16.31 -31.81 6.94
CA VAL A 229 -15.03 -32.07 6.27
C VAL A 229 -13.96 -32.43 7.30
N ALA A 230 -13.95 -31.73 8.44
CA ALA A 230 -12.99 -32.06 9.49
C ALA A 230 -13.25 -33.45 10.06
N ALA A 231 -14.52 -33.84 10.16
CA ALA A 231 -14.84 -35.18 10.67
C ALA A 231 -14.38 -36.26 9.71
N GLU A 232 -14.55 -36.04 8.40
CA GLU A 232 -14.14 -37.04 7.42
C GLU A 232 -12.63 -37.20 7.39
N SER A 233 -11.88 -36.15 7.71
CA SER A 233 -10.43 -36.15 7.60
C SER A 233 -9.74 -36.49 8.92
N CYS A 234 -10.50 -36.97 9.91
CA CYS A 234 -9.95 -37.38 11.21
C CYS A 234 -9.24 -36.24 11.93
N LYS A 235 -9.73 -35.01 11.75
CA LYS A 235 -9.18 -33.85 12.45
C LYS A 235 -9.95 -33.68 13.75
N ALA A 236 -9.51 -34.44 14.77
CA ALA A 236 -10.23 -34.48 16.03
C ALA A 236 -10.23 -33.11 16.71
N ASP A 237 -9.10 -32.40 16.66
CA ASP A 237 -9.02 -31.09 17.31
C ASP A 237 -9.92 -30.08 16.61
N VAL A 238 -9.93 -30.10 15.27
CA VAL A 238 -10.79 -29.18 14.53
C VAL A 238 -12.27 -29.48 14.81
N VAL A 239 -12.61 -30.76 14.92
CA VAL A 239 -13.99 -31.12 15.24
C VAL A 239 -14.35 -30.67 16.65
N GLU A 240 -13.44 -30.85 17.61
CA GLU A 240 -13.68 -30.40 18.96
C GLU A 240 -13.88 -28.89 19.03
N LEU A 241 -13.10 -28.15 18.23
CA LEU A 241 -13.22 -26.70 18.21
C LEU A 241 -14.54 -26.26 17.58
N LEU A 242 -14.87 -26.82 16.42
CA LEU A 242 -16.09 -26.42 15.73
C LEU A 242 -17.35 -26.88 16.47
N LEU A 243 -17.25 -27.97 17.23
CA LEU A 243 -18.41 -28.41 18.01
C LEU A 243 -18.66 -27.53 19.24
N SER A 244 -17.66 -26.74 19.65
CA SER A 244 -17.87 -25.77 20.70
C SER A 244 -18.60 -24.52 20.21
N HIS A 245 -18.69 -24.34 18.90
CA HIS A 245 -19.47 -23.25 18.31
C HIS A 245 -20.96 -23.56 18.47
N ALA A 246 -21.69 -22.68 19.16
CA ALA A 246 -23.05 -23.00 19.57
C ALA A 246 -24.03 -23.11 18.40
N ASP A 247 -23.73 -22.49 17.25
CA ASP A 247 -24.67 -22.48 16.14
C ASP A 247 -24.60 -23.75 15.31
N CYS A 248 -24.60 -24.91 15.97
CA CYS A 248 -24.68 -26.20 15.30
C CYS A 248 -25.74 -27.04 16.00
N ASP A 249 -26.59 -27.70 15.21
CA ASP A 249 -27.71 -28.42 15.78
C ASP A 249 -27.29 -29.79 16.30
N ARG A 250 -28.21 -30.43 17.02
CA ARG A 250 -27.93 -31.69 17.68
C ARG A 250 -27.64 -32.80 16.66
N ARG A 251 -28.44 -32.88 15.60
CA ARG A 251 -28.18 -33.90 14.58
C ARG A 251 -26.86 -33.65 13.87
N SER A 252 -26.48 -32.39 13.70
CA SER A 252 -25.18 -32.09 13.09
C SER A 252 -24.05 -32.53 14.00
N ARG A 253 -24.18 -32.28 15.32
CA ARG A 253 -23.16 -32.74 16.25
C ARG A 253 -23.03 -34.26 16.24
N ILE A 254 -24.17 -34.96 16.24
CA ILE A 254 -24.13 -36.42 16.25
C ILE A 254 -23.54 -36.95 14.94
N GLU A 255 -23.92 -36.35 13.81
CA GLU A 255 -23.36 -36.76 12.53
C GLU A 255 -21.86 -36.54 12.49
N ALA A 256 -21.39 -35.43 13.02
CA ALA A 256 -19.95 -35.16 13.05
C ALA A 256 -19.22 -36.19 13.91
N LEU A 257 -19.76 -36.47 15.10
CA LEU A 257 -19.13 -37.45 15.97
C LEU A 257 -19.07 -38.82 15.30
N GLU A 258 -20.18 -39.25 14.69
CA GLU A 258 -20.22 -40.55 14.04
C GLU A 258 -19.25 -40.62 12.86
N LEU A 259 -19.22 -39.57 12.03
CA LEU A 259 -18.32 -39.57 10.89
C LEU A 259 -16.86 -39.59 11.34
N LEU A 260 -16.52 -38.83 12.38
CA LEU A 260 -15.16 -38.82 12.90
C LEU A 260 -14.77 -40.20 13.41
N GLY A 261 -15.61 -40.80 14.26
CA GLY A 261 -15.31 -42.12 14.78
C GLY A 261 -15.18 -43.16 13.69
N ALA A 262 -16.07 -43.12 12.70
CA ALA A 262 -16.01 -44.08 11.60
C ALA A 262 -14.75 -43.89 10.76
N SER A 263 -14.36 -42.63 10.53
CA SER A 263 -13.18 -42.37 9.71
C SER A 263 -11.90 -42.75 10.43
N PHE A 264 -11.91 -42.74 11.77
CA PHE A 264 -10.72 -43.16 12.51
C PHE A 264 -10.39 -44.64 12.34
N ALA A 265 -11.30 -45.43 11.77
CA ALA A 265 -11.13 -46.88 11.74
C ALA A 265 -10.51 -47.40 10.44
N ASN A 266 -10.54 -46.63 9.36
CA ASN A 266 -10.07 -47.12 8.06
C ASN A 266 -9.15 -46.12 7.37
N ASP A 267 -8.60 -45.16 8.11
CA ASP A 267 -7.66 -44.20 7.54
C ASP A 267 -6.25 -44.77 7.63
N ARG A 268 -5.56 -44.78 6.48
CA ARG A 268 -4.23 -45.37 6.42
C ARG A 268 -3.28 -44.70 7.39
N GLU A 269 -3.28 -43.38 7.45
CA GLU A 269 -2.32 -42.63 8.25
C GLU A 269 -2.86 -42.17 9.60
N ASN A 270 -4.15 -42.38 9.88
CA ASN A 270 -4.76 -41.89 11.11
C ASN A 270 -5.54 -42.98 11.83
N TYR A 271 -5.10 -44.23 11.72
CA TYR A 271 -5.83 -45.34 12.32
C TYR A 271 -5.79 -45.24 13.84
N ASP A 272 -6.96 -45.29 14.47
CA ASP A 272 -7.06 -45.31 15.94
C ASP A 272 -8.37 -45.97 16.32
N ILE A 273 -8.31 -47.26 16.67
CA ILE A 273 -9.51 -48.02 16.99
C ILE A 273 -10.15 -47.52 18.27
N MET A 274 -9.33 -47.10 19.24
CA MET A 274 -9.85 -46.58 20.49
C MET A 274 -10.68 -45.32 20.25
N LYS A 275 -10.14 -44.38 19.46
CA LYS A 275 -10.89 -43.17 19.14
C LYS A 275 -12.11 -43.48 18.30
N THR A 276 -12.01 -44.46 17.40
CA THR A 276 -13.17 -44.92 16.65
C THR A 276 -14.32 -45.26 17.58
N TYR A 277 -14.09 -46.21 18.49
CA TYR A 277 -15.15 -46.62 19.40
C TYR A 277 -15.58 -45.47 20.31
N HIS A 278 -14.61 -44.63 20.74
CA HIS A 278 -14.93 -43.52 21.61
C HIS A 278 -15.96 -42.60 20.99
N TYR A 279 -15.69 -42.12 19.78
CA TYR A 279 -16.61 -41.17 19.15
C TYR A 279 -17.91 -41.84 18.75
N LEU A 280 -17.86 -43.09 18.25
CA LEU A 280 -19.10 -43.77 17.88
C LEU A 280 -20.01 -43.97 19.11
N TYR A 281 -19.43 -44.38 20.24
CA TYR A 281 -20.21 -44.60 21.44
C TYR A 281 -20.73 -43.28 22.01
N LEU A 282 -19.92 -42.20 21.93
CA LEU A 282 -20.40 -40.90 22.37
C LEU A 282 -21.62 -40.47 21.57
N ALA A 283 -21.56 -40.62 20.25
CA ALA A 283 -22.69 -40.26 19.40
C ALA A 283 -23.91 -41.11 19.72
N MET A 284 -23.71 -42.42 19.89
CA MET A 284 -24.83 -43.30 20.21
C MET A 284 -25.47 -42.91 21.54
N LEU A 285 -24.64 -42.61 22.55
CA LEU A 285 -25.17 -42.17 23.84
C LEU A 285 -25.98 -40.89 23.70
N GLU A 286 -25.48 -39.94 22.90
CA GLU A 286 -26.22 -38.70 22.72
C GLU A 286 -27.49 -38.89 21.92
N ARG A 287 -27.58 -39.96 21.12
CA ARG A 287 -28.86 -40.29 20.48
C ARG A 287 -29.89 -40.76 21.50
N PHE A 288 -29.44 -41.44 22.55
CA PHE A 288 -30.33 -42.00 23.57
C PHE A 288 -30.19 -41.20 24.86
N GLN A 289 -30.71 -39.97 24.83
CA GLN A 289 -30.77 -39.16 26.04
C GLN A 289 -32.18 -39.18 26.61
N ASP A 290 -33.07 -38.38 26.03
CA ASP A 290 -34.47 -38.35 26.43
C ASP A 290 -35.13 -39.65 25.97
N GLY A 291 -35.42 -40.55 26.94
CA GLY A 291 -36.05 -41.81 26.61
C GLY A 291 -37.36 -41.67 25.86
N ASP A 292 -38.03 -40.53 26.00
CA ASP A 292 -39.24 -40.28 25.24
C ASP A 292 -38.93 -40.00 23.77
N ASN A 293 -37.98 -39.11 23.52
CA ASN A 293 -37.65 -38.63 22.17
C ASN A 293 -36.24 -39.08 21.82
N ILE A 294 -36.12 -40.37 21.49
CA ILE A 294 -34.86 -40.91 21.02
C ILE A 294 -34.64 -40.50 19.57
N LEU A 295 -33.41 -40.10 19.25
CA LEU A 295 -33.06 -39.76 17.86
C LEU A 295 -32.61 -41.04 17.17
N GLU A 296 -33.60 -41.78 16.66
CA GLU A 296 -33.32 -43.04 15.98
C GLU A 296 -32.61 -42.78 14.65
N LYS A 297 -31.66 -43.65 14.31
CA LYS A 297 -30.90 -43.54 13.07
C LYS A 297 -31.50 -44.46 12.02
N GLU A 298 -31.61 -43.94 10.79
CA GLU A 298 -32.15 -44.71 9.66
C GLU A 298 -30.99 -45.46 9.01
N VAL A 299 -30.75 -46.68 9.51
CA VAL A 299 -29.61 -47.46 9.04
C VAL A 299 -29.88 -47.99 7.63
N LEU A 300 -28.84 -47.99 6.81
CA LEU A 300 -28.97 -48.51 5.45
C LEU A 300 -29.11 -50.03 5.48
N PRO A 301 -29.75 -50.60 4.45
CA PRO A 301 -29.81 -52.06 4.37
C PRO A 301 -28.41 -52.64 4.22
N PRO A 302 -28.21 -53.88 4.66
CA PRO A 302 -26.87 -54.46 4.63
C PRO A 302 -26.37 -54.67 3.21
N ILE A 303 -25.05 -54.80 3.10
CA ILE A 303 -24.39 -55.13 1.84
C ILE A 303 -23.38 -56.23 2.12
N HIS A 304 -23.08 -57.02 1.08
CA HIS A 304 -22.30 -58.24 1.28
C HIS A 304 -20.84 -57.95 1.57
N ALA A 305 -20.29 -56.87 0.99
CA ALA A 305 -18.86 -56.60 1.14
C ALA A 305 -18.49 -56.25 2.57
N TYR A 306 -19.41 -55.65 3.33
CA TYR A 306 -19.17 -55.30 4.72
C TYR A 306 -19.51 -56.44 5.68
N GLY A 307 -19.39 -57.69 5.22
CA GLY A 307 -19.72 -58.82 6.07
C GLY A 307 -21.19 -59.00 6.35
N ASN A 308 -22.06 -58.41 5.53
CA ASN A 308 -23.52 -58.43 5.71
C ASN A 308 -23.93 -57.87 7.07
N ARG A 309 -23.06 -57.09 7.71
CA ARG A 309 -23.37 -56.53 9.02
C ARG A 309 -24.28 -55.32 8.89
N THR A 310 -25.06 -55.08 9.92
CA THR A 310 -25.93 -53.92 10.01
C THR A 310 -25.42 -52.99 11.11
N GLU A 311 -25.46 -51.70 10.84
CA GLU A 311 -24.96 -50.72 11.80
C GLU A 311 -25.75 -50.78 13.10
N CYS A 312 -25.05 -50.61 14.22
CA CYS A 312 -25.68 -50.66 15.54
C CYS A 312 -26.74 -49.57 15.66
N ARG A 313 -27.94 -49.97 16.07
CA ARG A 313 -29.03 -49.02 16.26
C ARG A 313 -29.14 -48.49 17.68
N ASN A 314 -28.51 -49.14 18.65
CA ASN A 314 -28.72 -48.80 20.05
C ASN A 314 -27.41 -48.95 20.82
N PRO A 315 -27.32 -48.34 22.01
CA PRO A 315 -26.07 -48.46 22.78
C PRO A 315 -25.67 -49.88 23.10
N GLN A 316 -26.62 -50.78 23.36
CA GLN A 316 -26.27 -52.16 23.67
C GLN A 316 -25.67 -52.86 22.46
N GLU A 317 -26.27 -52.66 21.28
CA GLU A 317 -25.70 -53.23 20.06
C GLU A 317 -24.30 -52.67 19.80
N LEU A 318 -24.08 -51.40 20.11
CA LEU A 318 -22.74 -50.83 19.92
C LEU A 318 -21.75 -51.39 20.95
N GLU A 319 -22.20 -51.60 22.18
CA GLU A 319 -21.35 -52.20 23.20
C GLU A 319 -20.98 -53.63 22.85
N ALA A 320 -21.85 -54.33 22.12
CA ALA A 320 -21.60 -55.73 21.78
C ALA A 320 -20.32 -55.87 20.97
N ILE A 321 -20.03 -54.91 20.08
CA ILE A 321 -18.90 -55.01 19.17
C ILE A 321 -17.70 -54.22 19.66
N ARG A 322 -17.68 -53.80 20.93
CA ARG A 322 -16.59 -52.96 21.43
C ARG A 322 -15.25 -53.68 21.32
N GLN A 323 -15.23 -54.99 21.56
CA GLN A 323 -14.00 -55.77 21.53
C GLN A 323 -13.74 -56.44 20.19
N ASP A 324 -14.65 -56.30 19.23
CA ASP A 324 -14.52 -56.94 17.92
C ASP A 324 -13.92 -55.92 16.96
N ARG A 325 -12.61 -56.07 16.70
CA ARG A 325 -11.89 -55.11 15.87
C ARG A 325 -12.39 -55.13 14.42
N ASP A 326 -12.61 -56.32 13.86
CA ASP A 326 -13.15 -56.41 12.52
C ASP A 326 -14.54 -55.79 12.44
N ALA A 327 -15.37 -56.03 13.47
CA ALA A 327 -16.70 -55.44 13.49
C ALA A 327 -16.63 -53.92 13.55
N LEU A 328 -15.65 -53.38 14.29
CA LEU A 328 -15.51 -51.93 14.35
C LEU A 328 -15.03 -51.35 13.03
N HIS A 329 -14.11 -52.04 12.36
CA HIS A 329 -13.69 -51.60 11.02
C HIS A 329 -14.87 -51.58 10.05
N MET A 330 -15.66 -52.65 10.05
CA MET A 330 -16.82 -52.71 9.17
C MET A 330 -17.85 -51.66 9.54
N GLU A 331 -18.03 -51.40 10.83
CA GLU A 331 -18.94 -50.34 11.28
C GLU A 331 -18.47 -48.98 10.78
N GLY A 332 -17.16 -48.75 10.80
CA GLY A 332 -16.64 -47.50 10.26
C GLY A 332 -16.96 -47.35 8.79
N LEU A 333 -16.70 -48.39 8.01
CA LEU A 333 -17.03 -48.34 6.58
C LEU A 333 -18.53 -48.09 6.38
N ILE A 334 -19.37 -48.77 7.16
CA ILE A 334 -20.82 -48.64 7.01
C ILE A 334 -21.27 -47.21 7.31
N VAL A 335 -20.77 -46.63 8.40
CA VAL A 335 -21.17 -45.28 8.78
C VAL A 335 -20.67 -44.27 7.74
N ARG A 336 -19.45 -44.45 7.24
CA ARG A 336 -18.95 -43.55 6.22
C ARG A 336 -19.81 -43.63 4.95
N GLU A 337 -20.25 -44.83 4.57
CA GLU A 337 -21.12 -44.94 3.41
C GLU A 337 -22.48 -44.31 3.67
N ARG A 338 -22.98 -44.44 4.90
CA ARG A 338 -24.30 -43.89 5.22
C ARG A 338 -24.29 -42.36 5.20
N ILE A 339 -23.27 -41.74 5.78
CA ILE A 339 -23.25 -40.29 5.89
C ILE A 339 -22.80 -39.64 4.59
N LEU A 340 -21.90 -40.29 3.84
CA LEU A 340 -21.28 -39.68 2.67
C LEU A 340 -21.76 -40.21 1.34
N GLY A 341 -22.39 -41.40 1.32
CA GLY A 341 -22.74 -42.03 0.06
C GLY A 341 -23.75 -41.27 -0.76
N ALA A 342 -24.59 -40.46 -0.10
CA ALA A 342 -25.63 -39.71 -0.81
C ALA A 342 -25.08 -38.58 -1.65
N ASP A 343 -23.80 -38.24 -1.50
CA ASP A 343 -23.20 -37.12 -2.20
C ASP A 343 -22.14 -37.63 -3.20
N ASN A 344 -21.63 -36.70 -3.99
CA ASN A 344 -20.60 -37.02 -5.00
C ASN A 344 -19.23 -36.94 -4.35
N ILE A 345 -18.88 -38.00 -3.63
CA ILE A 345 -17.62 -38.07 -2.89
C ILE A 345 -16.96 -39.41 -3.19
N ASP A 346 -15.69 -39.37 -3.59
CA ASP A 346 -14.92 -40.59 -3.74
C ASP A 346 -14.69 -41.23 -2.37
N VAL A 347 -15.61 -42.09 -1.96
CA VAL A 347 -15.60 -42.69 -0.63
C VAL A 347 -14.84 -44.03 -0.63
N SER A 348 -13.94 -44.24 -1.59
CA SER A 348 -13.38 -45.57 -1.84
C SER A 348 -12.01 -45.81 -1.23
N HIS A 349 -11.25 -44.76 -0.88
CA HIS A 349 -9.90 -44.97 -0.35
C HIS A 349 -9.86 -45.79 0.94
N PRO A 350 -10.69 -45.51 1.95
CA PRO A 350 -10.68 -46.40 3.13
C PRO A 350 -11.11 -47.82 2.81
N ILE A 351 -12.00 -48.01 1.84
CA ILE A 351 -12.39 -49.35 1.44
C ILE A 351 -11.21 -50.10 0.83
N ILE A 352 -10.46 -49.42 -0.04
CA ILE A 352 -9.28 -50.04 -0.64
C ILE A 352 -8.25 -50.35 0.45
N TYR A 353 -8.10 -49.46 1.43
CA TYR A 353 -7.14 -49.72 2.51
C TYR A 353 -7.55 -50.94 3.33
N ARG A 354 -8.84 -51.04 3.68
CA ARG A 354 -9.30 -52.22 4.42
C ARG A 354 -9.09 -53.48 3.61
N GLY A 355 -9.36 -53.43 2.31
CA GLY A 355 -9.11 -54.58 1.46
C GLY A 355 -7.65 -54.99 1.47
N ALA A 356 -6.75 -54.01 1.34
CA ALA A 356 -5.33 -54.32 1.34
C ALA A 356 -4.89 -54.90 2.68
N VAL A 357 -5.44 -54.39 3.78
CA VAL A 357 -5.11 -54.92 5.11
C VAL A 357 -5.57 -56.36 5.22
N TYR A 358 -6.76 -56.66 4.71
CA TYR A 358 -7.24 -58.04 4.70
C TYR A 358 -6.34 -58.93 3.84
N ALA A 359 -5.84 -58.38 2.72
CA ALA A 359 -5.00 -59.17 1.82
C ALA A 359 -3.67 -59.51 2.47
N ASP A 360 -3.08 -58.58 3.21
CA ASP A 360 -1.82 -58.84 3.89
C ASP A 360 -1.98 -59.87 5.01
N ASN A 361 -3.22 -60.15 5.44
CA ASN A 361 -3.49 -61.17 6.43
C ASN A 361 -4.17 -62.39 5.81
N MET A 362 -4.13 -62.51 4.48
CA MET A 362 -4.57 -63.70 3.74
C MET A 362 -6.08 -63.89 3.79
N GLU A 363 -6.84 -62.80 3.79
CA GLU A 363 -8.28 -62.85 3.62
C GLU A 363 -8.65 -62.29 2.25
N PHE A 364 -8.17 -63.01 1.23
CA PHE A 364 -8.30 -62.56 -0.15
C PHE A 364 -9.76 -62.43 -0.56
N GLU A 365 -10.63 -63.30 -0.06
CA GLU A 365 -12.04 -63.25 -0.44
C GLU A 365 -12.68 -61.96 0.04
N GLN A 366 -12.45 -61.61 1.31
CA GLN A 366 -13.01 -60.37 1.85
C GLN A 366 -12.37 -59.15 1.19
N CYS A 367 -11.06 -59.21 0.91
CA CYS A 367 -10.40 -58.13 0.20
C CYS A 367 -11.04 -57.90 -1.17
N ILE A 368 -11.30 -58.98 -1.91
CA ILE A 368 -11.89 -58.86 -3.23
C ILE A 368 -13.32 -58.33 -3.13
N LYS A 369 -14.08 -58.78 -2.12
CA LYS A 369 -15.42 -58.24 -1.91
C LYS A 369 -15.38 -56.74 -1.70
N LEU A 370 -14.46 -56.28 -0.83
CA LEU A 370 -14.34 -54.86 -0.56
C LEU A 370 -13.96 -54.08 -1.82
N TRP A 371 -12.99 -54.59 -2.59
CA TRP A 371 -12.55 -53.88 -3.78
C TRP A 371 -13.66 -53.84 -4.84
N LEU A 372 -14.42 -54.93 -4.96
CA LEU A 372 -15.53 -54.96 -5.90
C LEU A 372 -16.58 -53.92 -5.52
N HIS A 373 -16.94 -53.85 -4.24
CA HIS A 373 -17.90 -52.84 -3.81
C HIS A 373 -17.37 -51.43 -4.02
N ALA A 374 -16.08 -51.23 -3.79
CA ALA A 374 -15.48 -49.92 -3.99
C ALA A 374 -15.56 -49.49 -5.45
N LEU A 375 -15.21 -50.40 -6.37
CA LEU A 375 -15.33 -50.09 -7.78
C LEU A 375 -16.79 -49.91 -8.19
N HIS A 376 -17.71 -50.61 -7.54
CA HIS A 376 -19.13 -50.44 -7.84
C HIS A 376 -19.63 -49.05 -7.42
N LEU A 377 -19.13 -48.53 -6.30
CA LEU A 377 -19.58 -47.24 -5.80
C LEU A 377 -19.14 -46.07 -6.69
N ARG A 378 -18.23 -46.28 -7.63
CA ARG A 378 -17.73 -45.20 -8.46
C ARG A 378 -18.62 -44.87 -9.65
N GLN A 379 -19.86 -45.34 -9.66
CA GLN A 379 -20.81 -44.97 -10.71
C GLN A 379 -22.25 -45.04 -10.19
N MET B 5 17.83 12.09 12.97
CA MET B 5 18.14 11.89 11.56
C MET B 5 19.08 10.70 11.35
N GLU B 6 20.34 10.89 11.70
CA GLU B 6 21.39 9.95 11.30
C GLU B 6 21.37 8.67 12.14
N GLY B 7 21.45 8.81 13.46
CA GLY B 7 21.67 7.68 14.35
C GLY B 7 20.40 7.04 14.87
N LEU B 8 20.52 6.41 16.04
CA LEU B 8 19.38 5.72 16.64
C LEU B 8 18.33 6.69 17.13
N ALA B 9 18.75 7.85 17.65
CA ALA B 9 17.80 8.88 18.05
C ALA B 9 16.94 9.30 16.87
N GLY B 10 17.48 9.27 15.65
CA GLY B 10 16.68 9.58 14.48
C GLY B 10 15.57 8.56 14.26
N TYR B 11 15.89 7.27 14.40
CA TYR B 11 14.87 6.24 14.25
C TYR B 11 13.82 6.35 15.35
N VAL B 12 14.25 6.68 16.57
CA VAL B 12 13.31 6.89 17.67
C VAL B 12 12.35 8.03 17.33
N TYR B 13 12.90 9.16 16.88
CA TYR B 13 12.07 10.30 16.52
C TYR B 13 11.12 9.96 15.39
N LYS B 14 11.60 9.24 14.37
CA LYS B 14 10.75 8.91 13.24
C LYS B 14 9.61 7.99 13.65
N ALA B 15 9.91 6.99 14.49
CA ALA B 15 8.85 6.10 14.99
C ALA B 15 7.83 6.88 15.81
N ALA B 16 8.30 7.81 16.63
CA ALA B 16 7.36 8.62 17.42
C ALA B 16 6.51 9.50 16.52
N SER B 17 7.08 10.01 15.43
CA SER B 17 6.36 10.95 14.59
C SER B 17 5.31 10.25 13.73
N GLU B 18 5.56 9.01 13.35
CA GLU B 18 4.66 8.27 12.47
C GLU B 18 3.72 7.33 13.23
N GLY B 19 3.65 7.45 14.55
CA GLY B 19 2.75 6.63 15.33
C GLY B 19 3.15 5.18 15.47
N LYS B 20 4.34 4.80 14.99
CA LYS B 20 4.81 3.42 15.09
C LYS B 20 5.23 3.15 16.54
N VAL B 21 4.21 2.94 17.38
CA VAL B 21 4.44 2.80 18.82
C VAL B 21 5.18 1.48 19.11
N LEU B 22 4.83 0.41 18.41
CA LEU B 22 5.54 -0.86 18.59
C LEU B 22 6.99 -0.73 18.17
N THR B 23 7.26 -0.08 17.04
CA THR B 23 8.64 0.13 16.61
C THR B 23 9.40 0.98 17.62
N LEU B 24 8.76 2.02 18.15
CA LEU B 24 9.41 2.88 19.13
C LEU B 24 9.79 2.09 20.38
N ALA B 25 8.86 1.25 20.88
CA ALA B 25 9.17 0.44 22.05
C ALA B 25 10.23 -0.59 21.75
N ALA B 26 10.27 -1.11 20.52
CA ALA B 26 11.29 -2.10 20.16
C ALA B 26 12.67 -1.47 20.10
N LEU B 27 12.76 -0.23 19.62
CA LEU B 27 14.04 0.45 19.55
C LEU B 27 14.62 0.75 20.93
N LEU B 28 13.79 0.71 21.97
CA LEU B 28 14.22 1.07 23.32
C LEU B 28 14.26 -0.13 24.26
N LEU B 29 14.13 -1.34 23.75
CA LEU B 29 14.17 -2.53 24.60
C LEU B 29 15.59 -2.77 25.11
N ASN B 30 15.68 -3.19 26.38
CA ASN B 30 16.94 -3.62 26.99
C ASN B 30 18.00 -2.51 26.94
N ARG B 31 17.57 -1.27 27.12
CA ARG B 31 18.48 -0.14 27.20
C ARG B 31 18.43 0.46 28.60
N SER B 32 19.50 1.18 28.96
CA SER B 32 19.57 1.79 30.27
C SER B 32 18.56 2.93 30.40
N GLU B 33 18.22 3.26 31.64
CA GLU B 33 17.30 4.36 31.89
C GLU B 33 17.87 5.67 31.38
N SER B 34 19.16 5.91 31.64
CA SER B 34 19.79 7.14 31.17
C SER B 34 19.82 7.20 29.65
N ASP B 35 20.12 6.07 29.00
CA ASP B 35 20.11 6.03 27.54
C ASP B 35 18.73 6.40 27.00
N ILE B 36 17.68 5.83 27.58
CA ILE B 36 16.32 6.09 27.09
C ILE B 36 15.95 7.55 27.31
N ARG B 37 16.29 8.11 28.47
CA ARG B 37 15.97 9.51 28.73
C ARG B 37 16.72 10.44 27.78
N TYR B 38 18.00 10.14 27.51
CA TYR B 38 18.76 10.94 26.55
C TYR B 38 18.15 10.84 25.16
N LEU B 39 17.79 9.62 24.73
CA LEU B 39 17.25 9.44 23.39
C LEU B 39 15.91 10.14 23.23
N LEU B 40 15.09 10.15 24.27
CA LEU B 40 13.78 10.79 24.19
C LEU B 40 13.82 12.29 24.48
N GLY B 41 14.93 12.80 25.01
CA GLY B 41 15.05 14.23 25.22
C GLY B 41 15.62 15.01 24.06
N TYR B 42 16.20 14.33 23.08
CA TYR B 42 16.82 15.02 21.95
C TYR B 42 15.78 15.79 21.13
N VAL B 43 16.08 17.05 20.85
CA VAL B 43 15.23 17.88 20.00
C VAL B 43 15.71 17.73 18.57
N SER B 44 14.87 17.16 17.71
CA SER B 44 15.19 16.95 16.32
C SER B 44 14.57 18.06 15.46
N GLN B 45 15.31 18.47 14.44
CA GLN B 45 14.85 19.49 13.49
C GLN B 45 14.50 18.81 12.18
N GLN B 46 13.29 19.06 11.68
CA GLN B 46 12.81 18.46 10.46
C GLN B 46 11.59 19.24 9.97
N GLY B 47 11.54 19.48 8.66
CA GLY B 47 10.42 20.16 8.06
C GLY B 47 10.15 21.55 8.64
N GLY B 48 11.22 22.27 8.98
CA GLY B 48 11.05 23.56 9.61
C GLY B 48 10.44 23.50 10.99
N GLN B 49 10.60 22.38 11.68
CA GLN B 49 10.04 22.19 13.02
C GLN B 49 11.09 21.55 13.93
N ARG B 50 11.32 22.15 15.09
N ARG B 50 11.36 22.21 15.05
CA ARG B 50 12.22 21.58 16.09
CA ARG B 50 12.15 21.62 16.13
C ARG B 50 11.37 21.03 17.23
C ARG B 50 11.20 20.99 17.12
N SER B 51 11.41 19.71 17.42
CA SER B 51 10.52 19.04 18.36
C SER B 51 11.18 17.79 18.92
N THR B 52 10.76 17.44 20.13
CA THR B 52 11.12 16.17 20.76
C THR B 52 10.15 15.09 20.29
N PRO B 53 10.46 13.81 20.55
CA PRO B 53 9.49 12.75 20.23
C PRO B 53 8.11 12.99 20.84
N LEU B 54 8.06 13.37 22.11
CA LEU B 54 6.77 13.69 22.73
C LEU B 54 6.08 14.83 22.01
N ILE B 55 6.83 15.89 21.68
CA ILE B 55 6.22 17.06 21.05
C ILE B 55 5.69 16.72 19.67
N ILE B 56 6.47 15.99 18.86
CA ILE B 56 6.02 15.68 17.51
C ILE B 56 4.85 14.70 17.55
N ALA B 57 4.86 13.76 18.51
CA ALA B 57 3.76 12.82 18.63
C ALA B 57 2.48 13.52 19.07
N ALA B 58 2.60 14.53 19.94
CA ALA B 58 1.43 15.29 20.34
C ALA B 58 0.93 16.18 19.20
N ARG B 59 1.86 16.73 18.42
CA ARG B 59 1.49 17.59 17.30
C ARG B 59 0.77 16.79 16.22
N ASN B 60 1.22 15.57 15.96
CA ASN B 60 0.59 14.71 14.96
C ASN B 60 -0.56 13.90 15.50
N GLY B 61 -0.84 13.98 16.81
CA GLY B 61 -2.01 13.33 17.36
C GLY B 61 -1.90 11.85 17.61
N HIS B 62 -0.68 11.31 17.69
CA HIS B 62 -0.48 9.89 17.95
C HIS B 62 -0.66 9.63 19.45
N ALA B 63 -1.91 9.37 19.84
CA ALA B 63 -2.23 9.23 21.26
C ALA B 63 -1.55 8.02 21.89
N LYS B 64 -1.37 6.94 21.13
CA LYS B 64 -0.72 5.75 21.69
C LYS B 64 0.74 6.01 21.99
N VAL B 65 1.44 6.73 21.10
CA VAL B 65 2.83 7.08 21.35
C VAL B 65 2.93 8.01 22.55
N VAL B 66 2.04 9.00 22.65
CA VAL B 66 2.06 9.90 23.80
C VAL B 66 1.82 9.14 25.08
N ARG B 67 0.87 8.19 25.06
CA ARG B 67 0.58 7.39 26.25
C ARG B 67 1.79 6.56 26.64
N LEU B 68 2.47 5.95 25.67
CA LEU B 68 3.65 5.15 25.97
C LEU B 68 4.76 6.02 26.55
N LEU B 69 4.99 7.20 25.98
CA LEU B 69 6.06 8.07 26.45
C LEU B 69 5.76 8.63 27.84
N LEU B 70 4.48 8.86 28.16
CA LEU B 70 4.15 9.42 29.46
C LEU B 70 4.11 8.35 30.55
N GLU B 71 3.51 7.20 30.26
CA GLU B 71 3.29 6.18 31.30
C GLU B 71 4.56 5.37 31.55
N HIS B 72 5.18 4.83 30.49
CA HIS B 72 6.35 3.97 30.68
C HIS B 72 7.62 4.80 30.87
N TYR B 73 8.04 5.51 29.81
CA TYR B 73 9.32 6.19 29.83
C TYR B 73 9.32 7.46 30.68
N ARG B 74 8.15 7.97 31.07
CA ARG B 74 8.02 9.08 32.01
C ARG B 74 8.78 10.32 31.53
N VAL B 75 8.56 10.69 30.26
CA VAL B 75 9.20 11.88 29.73
C VAL B 75 8.59 13.12 30.40
N GLN B 76 9.40 14.16 30.49
CA GLN B 76 8.93 15.41 31.06
C GLN B 76 8.03 16.14 30.08
N THR B 77 7.05 16.86 30.61
CA THR B 77 6.09 17.59 29.79
C THR B 77 6.52 19.01 29.47
N GLN B 78 7.54 19.53 30.15
CA GLN B 78 7.93 20.93 30.04
C GLN B 78 8.77 21.23 28.80
N GLN B 79 9.14 20.21 28.03
CA GLN B 79 9.97 20.44 26.85
C GLN B 79 9.26 21.32 25.85
N THR B 80 9.96 22.35 25.37
CA THR B 80 9.41 23.28 24.39
C THR B 80 10.13 23.10 23.06
N GLY B 81 9.39 23.39 21.97
CA GLY B 81 9.95 23.28 20.64
C GLY B 81 9.38 24.30 19.68
N THR B 82 9.60 24.08 18.38
CA THR B 82 9.12 24.97 17.33
C THR B 82 8.27 24.17 16.37
N VAL B 83 7.02 24.59 16.17
CA VAL B 83 6.10 23.89 15.29
C VAL B 83 5.62 24.83 14.20
N ARG B 84 5.17 24.23 13.10
CA ARG B 84 4.75 24.95 11.91
C ARG B 84 3.33 24.55 11.56
N PHE B 85 2.43 25.54 11.47
CA PHE B 85 1.03 25.34 11.10
C PHE B 85 0.82 26.07 9.78
N ASP B 86 1.03 25.35 8.67
CA ASP B 86 0.96 25.92 7.33
C ASP B 86 1.93 27.09 7.20
N GLY B 87 1.44 28.31 7.43
CA GLY B 87 2.29 29.48 7.38
C GLY B 87 2.79 29.91 8.74
N TYR B 88 2.07 29.52 9.79
CA TYR B 88 2.44 29.89 11.15
C TYR B 88 3.76 29.22 11.56
N VAL B 89 4.49 29.88 12.45
CA VAL B 89 5.69 29.34 13.09
C VAL B 89 5.65 29.74 14.56
N ILE B 90 5.54 28.75 15.45
CA ILE B 90 5.34 28.98 16.87
C ILE B 90 6.56 28.48 17.63
N ASP B 91 7.14 29.35 18.46
CA ASP B 91 8.30 29.00 19.28
C ASP B 91 7.88 28.83 20.73
N GLY B 92 8.67 28.04 21.47
CA GLY B 92 8.37 27.78 22.87
C GLY B 92 7.07 27.04 23.09
N ALA B 93 6.77 26.07 22.22
CA ALA B 93 5.49 25.35 22.25
C ALA B 93 5.67 24.04 22.99
N THR B 94 5.00 23.91 24.13
CA THR B 94 4.95 22.62 24.80
C THR B 94 4.09 21.64 24.01
N ALA B 95 4.25 20.35 24.31
CA ALA B 95 3.47 19.34 23.62
C ALA B 95 1.97 19.53 23.84
N LEU B 96 1.58 19.99 25.03
CA LEU B 96 0.17 20.27 25.30
C LEU B 96 -0.34 21.39 24.40
N TRP B 97 0.45 22.44 24.23
CA TRP B 97 0.04 23.53 23.35
C TRP B 97 -0.16 23.03 21.92
N CYS B 98 0.77 22.20 21.43
CA CYS B 98 0.64 21.65 20.08
C CYS B 98 -0.59 20.79 19.95
N ALA B 99 -0.86 19.94 20.95
CA ALA B 99 -2.04 19.08 20.89
C ALA B 99 -3.32 19.91 20.91
N ALA B 100 -3.34 20.98 21.70
CA ALA B 100 -4.54 21.81 21.77
C ALA B 100 -4.74 22.61 20.49
N GLY B 101 -3.64 23.07 19.88
CA GLY B 101 -3.75 23.83 18.64
C GLY B 101 -4.05 22.98 17.42
N ALA B 102 -3.65 21.72 17.44
CA ALA B 102 -3.93 20.80 16.35
C ALA B 102 -5.22 20.02 16.54
N GLY B 103 -5.92 20.23 17.65
CA GLY B 103 -7.21 19.61 17.87
C GLY B 103 -7.18 18.14 18.21
N HIS B 104 -6.23 17.72 19.05
CA HIS B 104 -6.09 16.32 19.44
C HIS B 104 -6.56 16.20 20.89
N PHE B 105 -7.84 15.91 21.06
CA PHE B 105 -8.46 15.94 22.39
C PHE B 105 -7.91 14.83 23.29
N GLU B 106 -7.75 13.62 22.73
CA GLU B 106 -7.24 12.52 23.52
C GLU B 106 -5.81 12.77 23.99
N VAL B 107 -4.98 13.34 23.12
CA VAL B 107 -3.62 13.68 23.52
C VAL B 107 -3.62 14.78 24.57
N VAL B 108 -4.53 15.75 24.44
CA VAL B 108 -4.65 16.79 25.45
C VAL B 108 -5.00 16.20 26.81
N LYS B 109 -5.96 15.26 26.83
CA LYS B 109 -6.33 14.63 28.09
C LYS B 109 -5.17 13.83 28.66
N LEU B 110 -4.46 13.09 27.82
CA LEU B 110 -3.29 12.33 28.28
C LEU B 110 -2.25 13.24 28.90
N LEU B 111 -1.95 14.37 28.25
CA LEU B 111 -0.92 15.27 28.77
C LEU B 111 -1.38 15.96 30.06
N VAL B 112 -2.62 16.43 30.09
CA VAL B 112 -3.11 17.14 31.27
C VAL B 112 -3.17 16.20 32.47
N SER B 113 -3.62 14.96 32.26
CA SER B 113 -3.75 14.01 33.36
C SER B 113 -2.40 13.60 33.93
N HIS B 114 -1.31 13.75 33.17
CA HIS B 114 0.02 13.45 33.64
C HIS B 114 0.76 14.67 34.17
N GLY B 115 0.03 15.74 34.50
CA GLY B 115 0.60 16.88 35.17
C GLY B 115 1.18 17.96 34.28
N ALA B 116 0.91 17.94 32.98
CA ALA B 116 1.41 18.99 32.10
C ALA B 116 0.81 20.34 32.50
N ASN B 117 1.66 21.36 32.51
CA ASN B 117 1.24 22.70 32.90
C ASN B 117 0.24 23.24 31.89
N VAL B 118 -1.02 23.41 32.30
CA VAL B 118 -2.06 23.89 31.40
C VAL B 118 -1.90 25.36 31.06
N ASN B 119 -1.07 26.10 31.80
CA ASN B 119 -0.92 27.53 31.59
C ASN B 119 0.40 27.89 30.93
N HIS B 120 1.04 26.94 30.26
CA HIS B 120 2.32 27.21 29.62
C HIS B 120 2.14 28.20 28.46
N THR B 121 3.08 29.13 28.34
CA THR B 121 3.01 30.18 27.34
C THR B 121 4.13 30.02 26.32
N THR B 122 3.83 30.41 25.08
CA THR B 122 4.81 30.39 24.00
C THR B 122 5.61 31.70 24.02
N VAL B 123 6.42 31.92 22.99
CA VAL B 123 7.09 33.21 22.84
C VAL B 123 6.08 34.33 22.75
N THR B 124 4.96 34.09 22.07
CA THR B 124 3.85 35.03 21.95
C THR B 124 3.00 35.10 23.21
N ASN B 125 3.35 34.32 24.24
CA ASN B 125 2.56 34.22 25.47
C ASN B 125 1.16 33.67 25.18
N SER B 126 1.11 32.68 24.29
CA SER B 126 -0.12 32.01 23.91
C SER B 126 -0.29 30.75 24.74
N THR B 127 -1.39 30.66 25.47
CA THR B 127 -1.71 29.45 26.20
C THR B 127 -2.33 28.42 25.26
N PRO B 128 -2.31 27.14 25.64
CA PRO B 128 -3.06 26.15 24.86
C PRO B 128 -4.55 26.45 24.83
N LEU B 129 -5.08 27.07 25.89
CA LEU B 129 -6.46 27.53 25.86
C LEU B 129 -6.68 28.53 24.73
N ARG B 130 -5.72 29.45 24.52
CA ARG B 130 -5.85 30.40 23.42
C ARG B 130 -5.82 29.71 22.07
N ALA B 131 -4.98 28.68 21.92
CA ALA B 131 -4.95 27.94 20.66
C ALA B 131 -6.27 27.23 20.41
N ALA B 132 -6.84 26.60 21.44
CA ALA B 132 -8.13 25.94 21.27
C ALA B 132 -9.23 26.94 20.98
N CYS B 133 -9.18 28.13 21.59
CA CYS B 133 -10.18 29.15 21.31
C CYS B 133 -10.07 29.65 19.88
N PHE B 134 -8.84 29.86 19.40
CA PHE B 134 -8.62 30.21 18.01
C PHE B 134 -9.22 29.15 17.09
N ASP B 135 -8.99 27.87 17.41
CA ASP B 135 -9.52 26.79 16.58
C ASP B 135 -11.03 26.73 16.63
N GLY B 136 -11.64 27.13 17.75
CA GLY B 136 -13.07 26.96 17.95
C GLY B 136 -13.45 25.64 18.58
N ARG B 137 -12.47 24.83 18.97
CA ARG B 137 -12.75 23.53 19.60
C ARG B 137 -13.31 23.72 21.00
N LEU B 138 -14.65 23.69 21.11
CA LEU B 138 -15.27 23.93 22.41
C LEU B 138 -14.99 22.80 23.39
N ASP B 139 -14.82 21.57 22.89
CA ASP B 139 -14.54 20.46 23.79
C ASP B 139 -13.21 20.64 24.51
N ILE B 140 -12.16 20.99 23.76
CA ILE B 140 -10.85 21.21 24.35
C ILE B 140 -10.86 22.43 25.25
N VAL B 141 -11.59 23.48 24.86
CA VAL B 141 -11.69 24.68 25.69
C VAL B 141 -12.33 24.34 27.02
N LYS B 142 -13.47 23.63 26.99
CA LYS B 142 -14.15 23.25 28.21
C LYS B 142 -13.27 22.36 29.08
N TYR B 143 -12.57 21.39 28.47
CA TYR B 143 -11.69 20.53 29.23
C TYR B 143 -10.60 21.32 29.94
N LEU B 144 -9.92 22.19 29.19
CA LEU B 144 -8.84 22.98 29.78
C LEU B 144 -9.36 23.87 30.91
N VAL B 145 -10.46 24.58 30.67
CA VAL B 145 -11.01 25.46 31.70
C VAL B 145 -11.41 24.65 32.93
N GLU B 146 -11.96 23.45 32.73
CA GLU B 146 -12.30 22.58 33.85
C GLU B 146 -11.07 22.02 34.54
N ASN B 147 -9.91 22.06 33.89
CA ASN B 147 -8.65 21.63 34.49
C ASN B 147 -7.75 22.81 34.83
N ASN B 148 -8.34 23.89 35.35
CA ASN B 148 -7.63 25.01 35.95
C ASN B 148 -6.81 25.81 34.94
N ALA B 149 -7.24 25.85 33.69
CA ALA B 149 -6.61 26.75 32.74
C ALA B 149 -7.06 28.18 33.00
N ASN B 150 -6.11 29.12 32.92
CA ASN B 150 -6.38 30.51 33.24
C ASN B 150 -6.91 31.23 32.00
N ILE B 151 -8.10 31.82 32.12
CA ILE B 151 -8.69 32.54 31.01
C ILE B 151 -8.05 33.91 30.85
N SER B 152 -7.51 34.47 31.94
CA SER B 152 -7.01 35.84 31.92
C SER B 152 -5.70 36.00 31.17
N ILE B 153 -4.92 34.91 31.02
CA ILE B 153 -3.59 35.00 30.41
C ILE B 153 -3.72 35.37 28.94
N ALA B 154 -3.42 36.63 28.61
CA ALA B 154 -3.46 37.10 27.24
C ALA B 154 -2.07 36.99 26.60
N ASN B 155 -2.02 37.22 25.29
CA ASN B 155 -0.78 37.09 24.55
C ASN B 155 0.07 38.34 24.73
N LYS B 156 1.13 38.47 23.92
CA LYS B 156 2.03 39.62 24.05
C LYS B 156 1.41 40.92 23.55
N TYR B 157 0.18 40.89 23.02
CA TYR B 157 -0.55 42.09 22.67
C TYR B 157 -1.78 42.30 23.55
N ASP B 158 -1.83 41.62 24.69
CA ASP B 158 -2.99 41.66 25.60
C ASP B 158 -4.28 41.27 24.89
N ASN B 159 -4.18 40.38 23.91
CA ASN B 159 -5.34 39.84 23.22
C ASN B 159 -5.81 38.60 23.97
N THR B 160 -7.00 38.65 24.55
CA THR B 160 -7.47 37.60 25.43
C THR B 160 -8.09 36.46 24.62
N CYS B 161 -8.47 35.39 25.33
CA CYS B 161 -9.17 34.28 24.67
C CYS B 161 -10.55 34.72 24.19
N LEU B 162 -11.24 35.52 25.00
CA LEU B 162 -12.55 36.03 24.58
C LEU B 162 -12.44 36.86 23.32
N MET B 163 -11.37 37.66 23.20
CA MET B 163 -11.19 38.49 22.02
C MET B 163 -11.03 37.65 20.76
N ILE B 164 -10.14 36.65 20.81
CA ILE B 164 -9.89 35.86 19.62
C ILE B 164 -11.07 34.96 19.30
N ALA B 165 -11.85 34.56 20.30
CA ALA B 165 -13.07 33.81 20.03
C ALA B 165 -14.13 34.69 19.40
N ALA B 166 -14.21 35.96 19.82
CA ALA B 166 -15.21 36.87 19.26
C ALA B 166 -14.84 37.29 17.85
N TYR B 167 -13.55 37.51 17.59
CA TYR B 167 -13.14 37.93 16.25
C TYR B 167 -13.27 36.79 15.25
N LYS B 168 -13.07 35.55 15.69
CA LYS B 168 -13.16 34.38 14.82
C LYS B 168 -14.57 33.84 14.68
N GLY B 169 -15.56 34.46 15.32
CA GLY B 169 -16.93 34.04 15.16
C GLY B 169 -17.33 32.78 15.89
N HIS B 170 -16.56 32.36 16.89
CA HIS B 170 -16.85 31.14 17.64
C HIS B 170 -17.87 31.48 18.73
N THR B 171 -19.14 31.42 18.36
CA THR B 171 -20.21 31.89 19.25
C THR B 171 -20.30 31.03 20.50
N ASP B 172 -20.23 29.70 20.35
CA ASP B 172 -20.33 28.82 21.51
C ASP B 172 -19.16 29.05 22.47
N VAL B 173 -17.95 29.25 21.94
CA VAL B 173 -16.80 29.52 22.78
C VAL B 173 -16.98 30.85 23.51
N VAL B 174 -17.54 31.84 22.83
CA VAL B 174 -17.78 33.14 23.46
C VAL B 174 -18.76 33.00 24.60
N ARG B 175 -19.88 32.30 24.36
CA ARG B 175 -20.87 32.10 25.42
C ARG B 175 -20.25 31.37 26.61
N TYR B 176 -19.47 30.33 26.34
CA TYR B 176 -18.85 29.57 27.43
C TYR B 176 -17.89 30.43 28.23
N LEU B 177 -17.02 31.18 27.54
CA LEU B 177 -16.07 32.03 28.25
C LEU B 177 -16.78 33.09 29.08
N LEU B 178 -17.83 33.71 28.52
CA LEU B 178 -18.57 34.70 29.28
C LEU B 178 -19.25 34.08 30.50
N GLU B 179 -19.75 32.84 30.35
CA GLU B 179 -20.35 32.18 31.49
C GLU B 179 -19.32 31.78 32.54
N GLN B 180 -18.11 31.42 32.10
CA GLN B 180 -16.99 31.20 33.01
C GLN B 180 -16.43 32.50 33.59
N ARG B 181 -17.19 33.60 33.48
CA ARG B 181 -16.84 34.89 34.10
C ARG B 181 -15.55 35.48 33.55
N ALA B 182 -15.32 35.29 32.25
CA ALA B 182 -14.24 35.99 31.58
C ALA B 182 -14.57 37.48 31.49
N ASP B 183 -13.57 38.31 31.73
CA ASP B 183 -13.77 39.76 31.73
C ASP B 183 -14.14 40.23 30.34
N PRO B 184 -15.34 40.80 30.14
CA PRO B 184 -15.71 41.30 28.81
C PRO B 184 -15.02 42.60 28.44
N ASN B 185 -14.50 43.34 29.42
CA ASN B 185 -14.01 44.70 29.20
C ASN B 185 -12.49 44.78 29.12
N ALA B 186 -11.81 43.65 28.88
CA ALA B 186 -10.37 43.69 28.68
C ALA B 186 -10.02 44.46 27.43
N LYS B 187 -8.88 45.15 27.46
CA LYS B 187 -8.42 45.97 26.36
C LYS B 187 -7.05 45.50 25.90
N ALA B 188 -6.87 45.42 24.58
CA ALA B 188 -5.61 44.98 23.99
C ALA B 188 -4.60 46.13 24.02
N HIS B 189 -3.43 45.91 23.42
CA HIS B 189 -2.41 46.95 23.36
C HIS B 189 -2.84 48.14 22.52
N CYS B 190 -3.92 48.02 21.75
CA CYS B 190 -4.48 49.13 21.00
C CYS B 190 -5.78 49.64 21.60
N GLY B 191 -6.12 49.19 22.81
CA GLY B 191 -7.35 49.60 23.46
C GLY B 191 -8.60 48.90 22.97
N ALA B 192 -8.48 47.99 22.01
CA ALA B 192 -9.64 47.32 21.45
C ALA B 192 -10.16 46.26 22.43
N THR B 193 -11.47 46.10 22.45
CA THR B 193 -12.15 45.11 23.27
C THR B 193 -12.67 43.98 22.39
N ALA B 194 -13.26 42.97 23.03
CA ALA B 194 -13.89 41.89 22.27
C ALA B 194 -15.05 42.42 21.44
N LEU B 195 -15.77 43.42 21.96
CA LEU B 195 -16.89 43.99 21.22
C LEU B 195 -16.42 44.70 19.97
N HIS B 196 -15.26 45.36 20.02
CA HIS B 196 -14.67 45.95 18.83
C HIS B 196 -14.44 44.90 17.75
N PHE B 197 -13.81 43.78 18.14
CA PHE B 197 -13.51 42.73 17.18
C PHE B 197 -14.78 42.13 16.60
N ALA B 198 -15.78 41.89 17.45
CA ALA B 198 -17.04 41.30 16.98
C ALA B 198 -17.76 42.24 16.04
N ALA B 199 -17.75 43.55 16.33
CA ALA B 199 -18.44 44.50 15.46
C ALA B 199 -17.69 44.67 14.14
N GLU B 200 -16.36 44.66 14.17
CA GLU B 200 -15.59 44.75 12.93
C GLU B 200 -15.82 43.53 12.06
N ALA B 201 -15.77 42.33 12.66
CA ALA B 201 -15.99 41.10 11.91
C ALA B 201 -17.46 40.91 11.56
N GLY B 202 -18.37 41.61 12.23
CA GLY B 202 -19.77 41.53 11.90
C GLY B 202 -20.50 40.32 12.42
N HIS B 203 -20.08 39.78 13.57
CA HIS B 203 -20.70 38.59 14.15
C HIS B 203 -21.87 39.04 15.02
N ILE B 204 -23.09 38.85 14.52
CA ILE B 204 -24.27 39.41 15.18
C ILE B 204 -24.51 38.73 16.52
N ASP B 205 -24.45 37.38 16.55
CA ASP B 205 -24.74 36.66 17.78
C ASP B 205 -23.73 36.97 18.87
N ILE B 206 -22.47 37.12 18.50
CA ILE B 206 -21.44 37.43 19.49
C ILE B 206 -21.63 38.83 20.05
N VAL B 207 -22.02 39.78 19.19
CA VAL B 207 -22.33 41.13 19.68
C VAL B 207 -23.52 41.09 20.63
N LYS B 208 -24.55 40.31 20.28
CA LYS B 208 -25.69 40.15 21.18
C LYS B 208 -25.26 39.59 22.52
N GLU B 209 -24.39 38.58 22.51
CA GLU B 209 -23.95 37.94 23.76
C GLU B 209 -23.13 38.91 24.59
N LEU B 210 -22.27 39.70 23.95
CA LEU B 210 -21.47 40.69 24.69
C LEU B 210 -22.33 41.81 25.26
N ILE B 211 -23.39 42.19 24.54
CA ILE B 211 -24.32 43.18 25.07
C ILE B 211 -25.06 42.62 26.27
N LYS B 212 -25.52 41.37 26.17
CA LYS B 212 -26.25 40.74 27.27
C LYS B 212 -25.39 40.66 28.53
N TRP B 213 -24.07 40.58 28.37
CA TRP B 213 -23.16 40.55 29.51
C TRP B 213 -22.64 41.93 29.88
N ARG B 214 -23.31 42.99 29.41
CA ARG B 214 -23.03 44.36 29.84
C ARG B 214 -21.60 44.78 29.52
N ALA B 215 -21.18 44.51 28.29
CA ALA B 215 -19.86 44.94 27.84
C ALA B 215 -19.79 46.46 27.78
N ALA B 216 -18.72 47.03 28.34
CA ALA B 216 -18.59 48.48 28.38
C ALA B 216 -18.24 49.03 27.00
N ILE B 217 -18.87 50.14 26.65
CA ILE B 217 -18.60 50.84 25.39
C ILE B 217 -17.38 51.73 25.63
N VAL B 218 -16.22 51.31 25.14
CA VAL B 218 -14.97 52.00 25.37
C VAL B 218 -14.40 52.48 24.05
N VAL B 219 -13.62 53.56 24.12
CA VAL B 219 -12.93 54.11 22.96
C VAL B 219 -11.54 53.48 22.86
N ASN B 220 -11.21 52.93 21.70
CA ASN B 220 -9.90 52.31 21.50
C ASN B 220 -8.87 53.40 21.21
N GLY B 221 -7.65 52.99 20.86
CA GLY B 221 -6.57 53.96 20.66
C GLY B 221 -6.71 54.80 19.40
N HIS B 222 -7.80 54.61 18.66
CA HIS B 222 -8.07 55.36 17.43
C HIS B 222 -9.40 56.11 17.52
N GLY B 223 -9.88 56.37 18.73
CA GLY B 223 -11.08 57.15 18.92
C GLY B 223 -12.33 56.43 18.45
N MET B 224 -12.19 55.13 18.22
CA MET B 224 -13.25 54.31 17.62
C MET B 224 -13.96 53.52 18.71
N THR B 225 -15.28 53.70 18.81
CA THR B 225 -16.15 52.83 19.58
C THR B 225 -16.57 51.65 18.72
N PRO B 226 -17.10 50.58 19.34
CA PRO B 226 -17.64 49.47 18.52
C PRO B 226 -18.68 49.93 17.51
N LEU B 227 -19.52 50.90 17.90
CA LEU B 227 -20.50 51.45 16.97
C LEU B 227 -19.82 52.14 15.80
N LYS B 228 -18.81 52.97 16.08
CA LYS B 228 -18.05 53.62 15.01
C LYS B 228 -17.37 52.59 14.12
N VAL B 229 -16.82 51.53 14.71
CA VAL B 229 -16.15 50.49 13.94
C VAL B 229 -17.13 49.82 12.98
N ALA B 230 -18.28 49.41 13.50
CA ALA B 230 -19.29 48.78 12.65
C ALA B 230 -19.75 49.72 11.56
N ALA B 231 -19.92 51.01 11.88
CA ALA B 231 -20.36 51.97 10.88
C ALA B 231 -19.33 52.14 9.77
N GLU B 232 -18.06 52.27 10.14
CA GLU B 232 -17.02 52.44 9.15
C GLU B 232 -16.84 51.19 8.30
N SER B 233 -17.08 50.01 8.86
CA SER B 233 -16.90 48.76 8.14
C SER B 233 -18.16 48.27 7.45
N CYS B 234 -19.17 49.14 7.30
CA CYS B 234 -20.39 48.84 6.56
C CYS B 234 -21.18 47.68 7.17
N LYS B 235 -21.02 47.45 8.48
CA LYS B 235 -21.77 46.39 9.17
C LYS B 235 -23.06 47.00 9.71
N ALA B 236 -24.05 47.14 8.81
CA ALA B 236 -25.26 47.87 9.13
C ALA B 236 -26.07 47.19 10.23
N ASP B 237 -26.15 45.86 10.19
CA ASP B 237 -26.93 45.14 11.20
C ASP B 237 -26.32 45.32 12.58
N VAL B 238 -24.99 45.28 12.68
CA VAL B 238 -24.33 45.53 13.95
C VAL B 238 -24.58 46.97 14.41
N VAL B 239 -24.62 47.91 13.47
CA VAL B 239 -24.91 49.30 13.81
C VAL B 239 -26.29 49.41 14.43
N GLU B 240 -27.29 48.80 13.79
CA GLU B 240 -28.65 48.83 14.33
C GLU B 240 -28.72 48.16 15.69
N LEU B 241 -28.00 47.04 15.86
CA LEU B 241 -28.02 46.33 17.13
C LEU B 241 -27.40 47.14 18.24
N LEU B 242 -26.29 47.84 17.96
CA LEU B 242 -25.61 48.65 18.97
C LEU B 242 -26.33 49.97 19.23
N LEU B 243 -27.14 50.46 18.28
CA LEU B 243 -27.85 51.72 18.51
C LEU B 243 -28.97 51.58 19.53
N SER B 244 -29.30 50.37 19.97
CA SER B 244 -30.31 50.16 21.00
C SER B 244 -29.75 50.26 22.41
N HIS B 245 -28.54 50.78 22.56
CA HIS B 245 -27.93 50.96 23.87
C HIS B 245 -28.52 52.19 24.55
N ALA B 246 -28.57 52.14 25.89
CA ALA B 246 -29.16 53.23 26.64
C ALA B 246 -28.25 54.46 26.66
N ASP B 247 -26.96 54.26 26.91
CA ASP B 247 -26.00 55.35 27.00
C ASP B 247 -25.58 55.91 25.64
N CYS B 248 -26.33 55.63 24.58
CA CYS B 248 -26.03 56.14 23.25
C CYS B 248 -26.77 57.47 23.07
N ASP B 249 -26.02 58.56 23.01
CA ASP B 249 -26.62 59.89 22.90
C ASP B 249 -27.04 60.18 21.47
N ARG B 250 -27.75 61.31 21.32
CA ARG B 250 -28.35 61.65 20.03
C ARG B 250 -27.29 61.91 18.97
N ARG B 251 -26.24 62.66 19.32
CA ARG B 251 -25.22 62.99 18.33
C ARG B 251 -24.38 61.77 17.96
N SER B 252 -24.24 60.81 18.86
CA SER B 252 -23.49 59.59 18.54
C SER B 252 -24.28 58.71 17.59
N ARG B 253 -25.60 58.65 17.76
CA ARG B 253 -26.43 57.86 16.85
C ARG B 253 -26.42 58.45 15.45
N ILE B 254 -26.59 59.76 15.33
CA ILE B 254 -26.54 60.41 14.03
C ILE B 254 -25.16 60.24 13.41
N GLU B 255 -24.11 60.33 14.23
CA GLU B 255 -22.75 60.11 13.75
C GLU B 255 -22.60 58.72 13.17
N ALA B 256 -23.10 57.71 13.87
CA ALA B 256 -22.99 56.33 13.40
C ALA B 256 -23.77 56.14 12.09
N LEU B 257 -25.00 56.66 12.03
CA LEU B 257 -25.79 56.54 10.82
C LEU B 257 -25.10 57.18 9.64
N GLU B 258 -24.52 58.37 9.85
CA GLU B 258 -23.86 59.06 8.75
C GLU B 258 -22.58 58.34 8.33
N LEU B 259 -21.81 57.83 9.29
CA LEU B 259 -20.61 57.08 8.92
C LEU B 259 -20.96 55.83 8.14
N LEU B 260 -22.04 55.14 8.54
CA LEU B 260 -22.48 53.97 7.80
C LEU B 260 -22.90 54.32 6.38
N GLY B 261 -23.76 55.34 6.24
CA GLY B 261 -24.19 55.74 4.91
C GLY B 261 -23.04 56.17 4.02
N ALA B 262 -22.12 56.94 4.56
CA ALA B 262 -20.97 57.41 3.78
C ALA B 262 -20.06 56.25 3.39
N SER B 263 -19.85 55.30 4.31
CA SER B 263 -18.98 54.17 4.01
C SER B 263 -19.60 53.26 2.96
N PHE B 264 -20.93 53.19 2.90
CA PHE B 264 -21.57 52.38 1.87
C PHE B 264 -21.30 52.89 0.46
N ALA B 265 -20.73 54.09 0.31
CA ALA B 265 -20.60 54.70 -1.01
C ALA B 265 -19.27 54.40 -1.69
N ASN B 266 -18.23 54.01 -0.93
CA ASN B 266 -16.91 53.79 -1.50
C ASN B 266 -16.25 52.51 -1.00
N ASP B 267 -16.99 51.65 -0.31
CA ASP B 267 -16.49 50.32 0.03
C ASP B 267 -16.63 49.44 -1.20
N ARG B 268 -15.50 48.91 -1.68
CA ARG B 268 -15.52 48.08 -2.89
C ARG B 268 -16.35 46.82 -2.68
N GLU B 269 -16.38 46.30 -1.46
CA GLU B 269 -17.03 45.02 -1.19
C GLU B 269 -18.49 45.15 -0.78
N ASN B 270 -18.88 46.29 -0.20
CA ASN B 270 -20.25 46.50 0.28
C ASN B 270 -20.92 47.68 -0.41
N TYR B 271 -20.53 47.96 -1.65
CA TYR B 271 -21.04 49.14 -2.35
C TYR B 271 -22.56 49.05 -2.52
N ASP B 272 -23.25 50.11 -2.12
CA ASP B 272 -24.71 50.18 -2.28
C ASP B 272 -25.08 51.67 -2.15
N ILE B 273 -25.37 52.30 -3.28
CA ILE B 273 -25.66 53.73 -3.28
C ILE B 273 -27.01 54.01 -2.61
N MET B 274 -27.95 53.07 -2.70
CA MET B 274 -29.26 53.28 -2.10
C MET B 274 -29.17 53.29 -0.57
N LYS B 275 -28.41 52.37 0.01
CA LYS B 275 -28.20 52.40 1.45
C LYS B 275 -27.43 53.64 1.87
N THR B 276 -26.49 54.09 1.03
CA THR B 276 -25.79 55.34 1.25
C THR B 276 -26.78 56.49 1.47
N TYR B 277 -27.60 56.75 0.45
CA TYR B 277 -28.58 57.82 0.57
C TYR B 277 -29.55 57.57 1.72
N HIS B 278 -29.94 56.31 1.93
CA HIS B 278 -30.93 56.02 2.96
C HIS B 278 -30.41 56.42 4.34
N TYR B 279 -29.22 55.96 4.71
CA TYR B 279 -28.72 56.27 6.04
C TYR B 279 -28.36 57.75 6.18
N LEU B 280 -27.75 58.34 5.14
CA LEU B 280 -27.43 59.77 5.22
C LEU B 280 -28.70 60.61 5.39
N TYR B 281 -29.75 60.29 4.64
CA TYR B 281 -30.98 61.06 4.67
C TYR B 281 -31.74 60.84 5.97
N LEU B 282 -31.72 59.61 6.49
CA LEU B 282 -32.34 59.36 7.79
C LEU B 282 -31.65 60.16 8.88
N ALA B 283 -30.31 60.19 8.86
CA ALA B 283 -29.59 60.98 9.86
C ALA B 283 -29.88 62.47 9.70
N MET B 284 -30.00 62.94 8.46
CA MET B 284 -30.31 64.36 8.24
C MET B 284 -31.69 64.70 8.79
N LEU B 285 -32.68 63.87 8.49
CA LEU B 285 -34.02 64.09 9.03
C LEU B 285 -34.01 64.07 10.55
N GLU B 286 -33.22 63.17 11.14
CA GLU B 286 -33.08 63.13 12.58
C GLU B 286 -32.50 64.44 13.10
N ARG B 287 -31.51 64.99 12.39
CA ARG B 287 -30.94 66.28 12.77
C ARG B 287 -32.01 67.37 12.76
N PHE B 288 -32.85 67.40 11.72
CA PHE B 288 -33.87 68.42 11.58
C PHE B 288 -35.22 68.00 12.15
N GLN B 289 -35.24 67.03 13.06
CA GLN B 289 -36.50 66.55 13.62
C GLN B 289 -37.15 67.62 14.47
N ASP B 290 -36.48 68.03 15.55
CA ASP B 290 -36.96 69.11 16.40
C ASP B 290 -36.58 70.44 15.76
N GLY B 291 -37.58 71.21 15.33
CA GLY B 291 -37.32 72.47 14.68
C GLY B 291 -36.60 73.48 15.54
N ASP B 292 -36.70 73.35 16.86
CA ASP B 292 -36.02 74.26 17.78
C ASP B 292 -34.61 73.76 18.11
N ASN B 293 -34.51 72.53 18.63
CA ASN B 293 -33.22 71.96 19.02
C ASN B 293 -32.65 71.19 17.82
N ILE B 294 -32.31 71.96 16.80
CA ILE B 294 -31.81 71.41 15.55
C ILE B 294 -30.30 71.19 15.65
N LEU B 295 -29.85 70.00 15.25
CA LEU B 295 -28.44 69.62 15.36
C LEU B 295 -27.76 69.92 14.03
N GLU B 296 -27.13 71.09 13.94
CA GLU B 296 -26.50 71.54 12.70
C GLU B 296 -25.19 70.81 12.46
N LYS B 297 -24.80 70.73 11.19
CA LYS B 297 -23.55 70.10 10.79
C LYS B 297 -22.43 71.15 10.78
N GLU B 298 -21.36 70.88 11.51
CA GLU B 298 -20.14 71.68 11.41
C GLU B 298 -19.31 71.11 10.26
N VAL B 299 -19.68 71.51 9.04
CA VAL B 299 -19.07 70.97 7.85
C VAL B 299 -17.68 71.57 7.65
N LEU B 300 -16.82 70.82 6.97
CA LEU B 300 -15.47 71.25 6.67
C LEU B 300 -15.44 72.09 5.40
N PRO B 301 -14.44 72.94 5.22
CA PRO B 301 -14.32 73.71 3.99
C PRO B 301 -14.14 72.78 2.79
N PRO B 302 -14.74 73.12 1.65
CA PRO B 302 -14.65 72.23 0.48
C PRO B 302 -13.24 72.21 -0.09
N ILE B 303 -12.80 71.03 -0.49
CA ILE B 303 -11.48 70.84 -1.08
C ILE B 303 -11.65 70.51 -2.56
N HIS B 304 -10.55 70.70 -3.30
CA HIS B 304 -10.61 70.53 -4.75
C HIS B 304 -10.68 69.06 -5.15
N ALA B 305 -10.18 68.16 -4.31
CA ALA B 305 -10.17 66.74 -4.66
C ALA B 305 -11.57 66.17 -4.70
N TYR B 306 -12.45 66.63 -3.80
CA TYR B 306 -13.84 66.18 -3.76
C TYR B 306 -14.73 66.98 -4.69
N GLY B 307 -14.16 67.71 -5.65
CA GLY B 307 -14.94 68.50 -6.59
C GLY B 307 -15.45 69.81 -6.05
N ASN B 308 -14.83 70.34 -4.99
CA ASN B 308 -15.24 71.58 -4.33
C ASN B 308 -16.67 71.49 -3.79
N ARG B 309 -17.21 70.28 -3.68
CA ARG B 309 -18.52 70.11 -3.06
C ARG B 309 -18.42 70.32 -1.57
N THR B 310 -19.46 70.92 -0.99
CA THR B 310 -19.60 71.04 0.45
C THR B 310 -20.65 70.07 0.94
N GLU B 311 -20.43 69.48 2.12
CA GLU B 311 -21.36 68.50 2.65
C GLU B 311 -22.75 69.11 2.80
N CYS B 312 -23.76 68.31 2.50
CA CYS B 312 -25.14 68.77 2.59
C CYS B 312 -25.49 69.16 4.02
N ARG B 313 -26.05 70.36 4.19
CA ARG B 313 -26.34 70.88 5.51
C ARG B 313 -27.77 70.61 5.95
N ASN B 314 -28.69 70.47 5.00
CA ASN B 314 -30.12 70.40 5.29
C ASN B 314 -30.73 69.29 4.44
N PRO B 315 -31.93 68.82 4.81
CA PRO B 315 -32.57 67.76 4.03
C PRO B 315 -32.79 68.12 2.57
N GLN B 316 -32.98 69.40 2.25
CA GLN B 316 -33.23 69.78 0.87
C GLN B 316 -32.00 69.54 0.00
N GLU B 317 -30.83 69.97 0.47
CA GLU B 317 -29.61 69.81 -0.30
C GLU B 317 -29.27 68.33 -0.50
N LEU B 318 -29.56 67.49 0.51
CA LEU B 318 -29.26 66.07 0.39
C LEU B 318 -30.27 65.38 -0.52
N GLU B 319 -31.55 65.73 -0.40
CA GLU B 319 -32.56 65.15 -1.29
C GLU B 319 -32.32 65.55 -2.73
N ALA B 320 -31.69 66.70 -2.96
CA ALA B 320 -31.42 67.13 -4.32
C ALA B 320 -30.50 66.16 -5.06
N ILE B 321 -29.60 65.49 -4.35
CA ILE B 321 -28.61 64.63 -4.99
C ILE B 321 -28.92 63.16 -4.73
N ARG B 322 -30.19 62.84 -4.52
CA ARG B 322 -30.56 61.44 -4.24
C ARG B 322 -30.17 60.53 -5.39
N GLN B 323 -30.30 61.01 -6.63
CA GLN B 323 -30.00 60.23 -7.82
C GLN B 323 -28.77 60.76 -8.56
N ASP B 324 -27.82 61.33 -7.83
CA ASP B 324 -26.56 61.81 -8.39
C ASP B 324 -25.46 60.91 -7.84
N ARG B 325 -25.09 59.90 -8.64
CA ARG B 325 -24.15 58.89 -8.16
C ARG B 325 -22.80 59.49 -7.81
N ASP B 326 -22.27 60.36 -8.69
CA ASP B 326 -20.98 60.99 -8.41
C ASP B 326 -21.06 61.87 -7.17
N ALA B 327 -22.12 62.66 -7.05
CA ALA B 327 -22.27 63.52 -5.88
C ALA B 327 -22.39 62.69 -4.61
N LEU B 328 -23.05 61.53 -4.69
CA LEU B 328 -23.18 60.68 -3.51
C LEU B 328 -21.86 60.03 -3.13
N HIS B 329 -21.05 59.62 -4.12
CA HIS B 329 -19.71 59.13 -3.84
C HIS B 329 -18.88 60.21 -3.13
N MET B 330 -18.92 61.43 -3.66
CA MET B 330 -18.16 62.51 -3.05
C MET B 330 -18.68 62.84 -1.65
N GLU B 331 -20.00 62.77 -1.45
CA GLU B 331 -20.56 63.00 -0.13
C GLU B 331 -20.12 61.93 0.85
N GLY B 332 -20.04 60.68 0.39
CA GLY B 332 -19.53 59.62 1.25
C GLY B 332 -18.10 59.90 1.68
N LEU B 333 -17.25 60.28 0.73
CA LEU B 333 -15.86 60.60 1.08
C LEU B 333 -15.79 61.78 2.04
N ILE B 334 -16.61 62.81 1.82
CA ILE B 334 -16.60 64.00 2.66
C ILE B 334 -17.04 63.65 4.08
N VAL B 335 -18.15 62.92 4.21
CA VAL B 335 -18.66 62.56 5.52
C VAL B 335 -17.67 61.67 6.26
N ARG B 336 -17.00 60.78 5.53
CA ARG B 336 -15.98 59.94 6.17
C ARG B 336 -14.83 60.79 6.69
N GLU B 337 -14.35 61.74 5.87
CA GLU B 337 -13.25 62.58 6.34
C GLU B 337 -13.67 63.51 7.47
N ARG B 338 -14.96 63.83 7.58
CA ARG B 338 -15.41 64.67 8.68
C ARG B 338 -15.56 63.87 9.97
N ILE B 339 -16.23 62.71 9.90
CA ILE B 339 -16.50 61.93 11.10
C ILE B 339 -15.22 61.29 11.62
N LEU B 340 -14.52 60.56 10.77
CA LEU B 340 -13.19 60.08 11.11
C LEU B 340 -12.20 61.23 11.00
N GLY B 341 -11.23 61.27 11.91
CA GLY B 341 -10.22 62.31 11.86
C GLY B 341 -9.36 62.19 10.62
N ALA B 342 -8.71 63.30 10.27
CA ALA B 342 -7.71 63.25 9.21
C ALA B 342 -6.55 62.35 9.58
N ASP B 343 -6.31 62.14 10.87
CA ASP B 343 -5.28 61.24 11.36
C ASP B 343 -5.74 59.78 11.42
N ASN B 344 -6.98 59.50 11.06
CA ASN B 344 -7.46 58.13 11.06
C ASN B 344 -6.72 57.30 10.01
N ILE B 345 -6.58 56.02 10.29
CA ILE B 345 -5.80 55.15 9.41
C ILE B 345 -6.61 54.78 8.16
N ASP B 346 -7.89 54.44 8.34
CA ASP B 346 -8.73 53.95 7.25
C ASP B 346 -9.38 55.08 6.44
N VAL B 347 -8.85 56.30 6.52
CA VAL B 347 -9.47 57.39 5.80
C VAL B 347 -9.05 57.40 4.33
N SER B 348 -7.87 56.90 4.01
CA SER B 348 -7.32 57.01 2.67
C SER B 348 -7.68 55.84 1.76
N HIS B 349 -8.06 54.70 2.33
CA HIS B 349 -8.34 53.53 1.50
C HIS B 349 -9.51 53.75 0.54
N PRO B 350 -10.69 54.22 0.96
CA PRO B 350 -11.76 54.41 -0.04
C PRO B 350 -11.44 55.44 -1.09
N ILE B 351 -10.87 56.59 -0.68
CA ILE B 351 -10.51 57.65 -1.63
C ILE B 351 -9.75 57.07 -2.81
N ILE B 352 -8.60 56.46 -2.54
CA ILE B 352 -7.78 55.78 -3.53
C ILE B 352 -8.67 54.93 -4.43
N TYR B 353 -9.47 54.05 -3.83
CA TYR B 353 -10.33 53.17 -4.60
C TYR B 353 -11.17 53.95 -5.60
N ARG B 354 -11.87 54.98 -5.11
CA ARG B 354 -12.71 55.77 -6.00
C ARG B 354 -11.88 56.36 -7.14
N GLY B 355 -10.72 56.92 -6.80
CA GLY B 355 -9.83 57.42 -7.84
C GLY B 355 -9.51 56.35 -8.87
N ALA B 356 -9.20 55.14 -8.40
CA ALA B 356 -8.95 54.03 -9.30
C ALA B 356 -10.10 53.86 -10.28
N VAL B 357 -11.34 53.88 -9.77
CA VAL B 357 -12.50 53.73 -10.63
C VAL B 357 -12.50 54.82 -11.70
N TYR B 358 -12.23 56.07 -11.29
CA TYR B 358 -12.12 57.14 -12.27
C TYR B 358 -11.06 56.82 -13.31
N ALA B 359 -9.90 56.34 -12.86
CA ALA B 359 -8.85 55.97 -13.80
C ALA B 359 -9.29 54.84 -14.71
N ASP B 360 -10.17 53.96 -14.23
CA ASP B 360 -10.66 52.88 -15.08
C ASP B 360 -11.63 53.37 -16.15
N ASN B 361 -12.14 54.59 -16.03
CA ASN B 361 -13.05 55.16 -17.01
C ASN B 361 -12.44 56.37 -17.71
N MET B 362 -11.10 56.38 -17.81
CA MET B 362 -10.35 57.41 -18.51
C MET B 362 -10.58 58.81 -17.94
N GLU B 363 -11.08 58.91 -16.71
CA GLU B 363 -11.28 60.20 -16.04
C GLU B 363 -10.10 60.45 -15.09
N PHE B 364 -8.96 60.79 -15.69
CA PHE B 364 -7.71 60.89 -14.95
C PHE B 364 -7.62 62.15 -14.11
N GLU B 365 -8.35 63.21 -14.44
CA GLU B 365 -8.32 64.42 -13.64
C GLU B 365 -8.80 64.15 -12.21
N GLN B 366 -10.02 63.62 -12.08
CA GLN B 366 -10.57 63.32 -10.77
C GLN B 366 -9.72 62.28 -10.04
N CYS B 367 -9.26 61.26 -10.78
CA CYS B 367 -8.41 60.24 -10.16
C CYS B 367 -7.15 60.86 -9.58
N ILE B 368 -6.51 61.76 -10.31
CA ILE B 368 -5.26 62.34 -9.86
C ILE B 368 -5.48 63.23 -8.65
N LYS B 369 -6.54 64.06 -8.66
CA LYS B 369 -6.73 64.92 -7.49
C LYS B 369 -7.13 64.11 -6.26
N LEU B 370 -7.99 63.10 -6.44
CA LEU B 370 -8.36 62.23 -5.33
C LEU B 370 -7.14 61.50 -4.77
N TRP B 371 -6.26 61.00 -5.65
CA TRP B 371 -5.08 60.27 -5.20
C TRP B 371 -4.09 61.19 -4.50
N LEU B 372 -3.93 62.41 -5.00
CA LEU B 372 -3.08 63.39 -4.31
C LEU B 372 -3.61 63.66 -2.91
N HIS B 373 -4.92 63.86 -2.77
CA HIS B 373 -5.47 64.11 -1.44
C HIS B 373 -5.31 62.89 -0.53
N ALA B 374 -5.50 61.69 -1.08
CA ALA B 374 -5.38 60.49 -0.26
C ALA B 374 -3.94 60.28 0.18
N LEU B 375 -2.97 60.61 -0.68
CA LEU B 375 -1.57 60.49 -0.29
C LEU B 375 -1.20 61.55 0.76
N HIS B 376 -1.76 62.75 0.64
CA HIS B 376 -1.55 63.75 1.67
C HIS B 376 -2.11 63.28 3.02
N LEU B 377 -3.29 62.66 3.01
CA LEU B 377 -3.88 62.14 4.24
C LEU B 377 -3.16 60.89 4.74
N ARG B 378 -2.45 60.19 3.86
CA ARG B 378 -1.80 58.94 4.23
C ARG B 378 -0.60 59.17 5.14
N GLN B 379 -0.06 60.38 5.18
CA GLN B 379 1.05 60.71 6.07
C GLN B 379 0.54 60.98 7.49
N SER C 3 -40.05 16.75 15.51
CA SER C 3 -39.32 17.92 16.00
C SER C 3 -38.73 17.65 17.37
N SER C 4 -39.39 16.81 18.15
CA SER C 4 -38.84 16.41 19.45
C SER C 4 -37.66 15.46 19.26
N MET C 5 -37.71 14.60 18.25
CA MET C 5 -36.57 13.77 17.90
C MET C 5 -35.44 14.61 17.29
N GLU C 6 -35.77 15.80 16.77
CA GLU C 6 -34.75 16.66 16.19
C GLU C 6 -33.82 17.23 17.26
N GLY C 7 -34.36 17.59 18.42
CA GLY C 7 -33.51 17.98 19.54
C GLY C 7 -32.62 16.84 20.00
N LEU C 8 -33.15 15.61 19.97
CA LEU C 8 -32.31 14.45 20.30
C LEU C 8 -31.21 14.27 19.27
N ALA C 9 -31.50 14.56 18.00
CA ALA C 9 -30.45 14.52 16.98
C ALA C 9 -29.38 15.57 17.28
N GLY C 10 -29.80 16.75 17.73
CA GLY C 10 -28.83 17.76 18.14
C GLY C 10 -27.96 17.31 19.29
N TYR C 11 -28.58 16.63 20.27
CA TYR C 11 -27.80 16.08 21.39
C TYR C 11 -26.82 15.02 20.92
N VAL C 12 -27.25 14.18 19.98
CA VAL C 12 -26.36 13.17 19.40
C VAL C 12 -25.17 13.83 18.72
N TYR C 13 -25.44 14.87 17.93
CA TYR C 13 -24.35 15.59 17.27
C TYR C 13 -23.40 16.22 18.29
N LYS C 14 -23.95 16.79 19.36
CA LYS C 14 -23.11 17.42 20.38
C LYS C 14 -22.20 16.38 21.04
N ALA C 15 -22.77 15.24 21.43
CA ALA C 15 -21.99 14.20 22.08
C ALA C 15 -20.93 13.64 21.14
N ALA C 16 -21.25 13.50 19.85
CA ALA C 16 -20.29 12.93 18.91
C ALA C 16 -19.17 13.92 18.61
N SER C 17 -19.48 15.21 18.48
CA SER C 17 -18.47 16.19 18.12
C SER C 17 -17.48 16.43 19.26
N GLU C 18 -17.91 16.23 20.50
CA GLU C 18 -17.07 16.48 21.67
C GLU C 18 -16.44 15.21 22.23
N GLY C 19 -16.64 14.07 21.58
CA GLY C 19 -15.96 12.85 21.97
C GLY C 19 -16.51 12.14 23.18
N LYS C 20 -17.78 12.36 23.51
CA LYS C 20 -18.42 11.69 24.65
C LYS C 20 -19.04 10.39 24.16
N VAL C 21 -18.18 9.37 24.00
CA VAL C 21 -18.63 8.13 23.39
C VAL C 21 -19.65 7.40 24.29
N LEU C 22 -19.55 7.57 25.60
CA LEU C 22 -20.50 6.90 26.49
C LEU C 22 -21.86 7.60 26.44
N THR C 23 -21.86 8.94 26.42
CA THR C 23 -23.12 9.66 26.24
C THR C 23 -23.78 9.30 24.93
N LEU C 24 -22.98 9.16 23.87
CA LEU C 24 -23.53 8.79 22.56
C LEU C 24 -24.09 7.37 22.59
N ALA C 25 -23.38 6.44 23.23
CA ALA C 25 -23.88 5.06 23.32
C ALA C 25 -25.18 5.01 24.11
N ALA C 26 -25.29 5.81 25.17
CA ALA C 26 -26.53 5.84 25.93
C ALA C 26 -27.66 6.47 25.13
N LEU C 27 -27.36 7.51 24.35
CA LEU C 27 -28.38 8.14 23.53
C LEU C 27 -28.92 7.19 22.47
N LEU C 28 -28.03 6.50 21.76
CA LEU C 28 -28.46 5.59 20.71
C LEU C 28 -29.06 4.32 21.30
N LEU C 29 -28.27 3.57 22.06
CA LEU C 29 -28.71 2.41 22.83
C LEU C 29 -29.70 1.51 22.10
N ASN C 30 -30.92 1.46 22.61
CA ASN C 30 -31.93 0.51 22.18
C ASN C 30 -32.86 1.04 21.10
N ARG C 31 -32.69 2.30 20.70
CA ARG C 31 -33.65 2.98 19.83
C ARG C 31 -33.87 2.19 18.54
N SER C 32 -35.06 2.33 17.98
CA SER C 32 -35.43 1.58 16.78
C SER C 32 -34.49 1.91 15.63
N GLU C 33 -34.46 0.99 14.65
CA GLU C 33 -33.61 1.20 13.48
C GLU C 33 -33.99 2.49 12.75
N SER C 34 -35.28 2.82 12.71
CA SER C 34 -35.70 4.09 12.12
C SER C 34 -35.12 5.27 12.89
N ASP C 35 -35.25 5.24 14.21
CA ASP C 35 -34.69 6.31 15.03
C ASP C 35 -33.17 6.38 14.89
N ILE C 36 -32.52 5.23 14.83
CA ILE C 36 -31.06 5.20 14.69
C ILE C 36 -30.64 5.85 13.38
N ARG C 37 -31.30 5.44 12.27
CA ARG C 37 -30.98 6.03 10.98
C ARG C 37 -31.24 7.52 10.96
N TYR C 38 -32.33 7.98 11.58
CA TYR C 38 -32.61 9.41 11.62
C TYR C 38 -31.55 10.16 12.41
N LEU C 39 -31.18 9.64 13.58
CA LEU C 39 -30.23 10.35 14.43
C LEU C 39 -28.84 10.38 13.82
N LEU C 40 -28.44 9.30 13.15
CA LEU C 40 -27.11 9.21 12.59
C LEU C 40 -27.02 9.67 11.13
N GLY C 41 -28.14 10.07 10.53
CA GLY C 41 -28.12 10.64 9.20
C GLY C 41 -28.43 12.11 9.20
N TYR C 42 -28.80 12.65 10.36
CA TYR C 42 -29.13 14.06 10.48
C TYR C 42 -27.91 14.92 10.20
N VAL C 43 -28.13 15.97 9.41
CA VAL C 43 -27.05 16.88 9.01
C VAL C 43 -27.21 18.15 9.85
N SER C 44 -26.44 18.23 10.94
CA SER C 44 -26.45 19.43 11.76
C SER C 44 -25.59 20.52 11.12
N GLN C 45 -26.10 21.75 11.18
CA GLN C 45 -25.38 22.93 10.71
C GLN C 45 -24.95 23.73 11.93
N GLN C 46 -23.64 23.78 12.16
CA GLN C 46 -23.10 24.55 13.28
C GLN C 46 -21.73 25.08 12.89
N GLY C 47 -21.48 26.34 13.25
CA GLY C 47 -20.21 26.98 12.94
C GLY C 47 -19.88 27.00 11.47
N GLY C 48 -20.89 27.12 10.61
CA GLY C 48 -20.66 27.05 9.18
C GLY C 48 -20.22 25.68 8.71
N GLN C 49 -20.60 24.63 9.40
CA GLN C 49 -20.29 23.26 9.00
C GLN C 49 -21.58 22.45 9.05
N ARG C 50 -21.98 21.93 7.88
CA ARG C 50 -23.10 20.99 7.79
C ARG C 50 -22.50 19.59 7.71
N SER C 51 -22.81 18.75 8.71
CA SER C 51 -22.19 17.44 8.76
C SER C 51 -23.05 16.50 9.61
N THR C 52 -22.75 15.21 9.49
CA THR C 52 -23.33 14.13 10.26
C THR C 52 -22.45 13.81 11.46
N PRO C 53 -22.98 13.12 12.48
CA PRO C 53 -22.14 12.79 13.65
C PRO C 53 -20.83 12.09 13.30
N LEU C 54 -20.86 11.14 12.36
CA LEU C 54 -19.62 10.47 11.97
C LEU C 54 -18.62 11.44 11.36
N ILE C 55 -19.09 12.34 10.49
CA ILE C 55 -18.19 13.27 9.82
C ILE C 55 -17.55 14.23 10.82
N ILE C 56 -18.36 14.80 11.72
CA ILE C 56 -17.80 15.75 12.68
C ILE C 56 -16.89 15.03 13.67
N ALA C 57 -17.20 13.77 14.00
CA ALA C 57 -16.33 13.01 14.89
C ALA C 57 -14.98 12.75 14.24
N ALA C 58 -15.00 12.34 12.96
CA ALA C 58 -13.74 12.10 12.26
C ALA C 58 -12.95 13.38 12.06
N ARG C 59 -13.64 14.49 11.80
CA ARG C 59 -12.97 15.76 11.59
C ARG C 59 -12.35 16.28 12.88
N ASN C 60 -13.03 16.07 14.01
CA ASN C 60 -12.47 16.45 15.31
C ASN C 60 -11.56 15.37 15.89
N GLY C 61 -11.43 14.23 15.22
CA GLY C 61 -10.47 13.22 15.64
C GLY C 61 -10.84 12.43 16.87
N HIS C 62 -12.13 12.17 17.09
CA HIS C 62 -12.57 11.36 18.22
C HIS C 62 -12.68 9.92 17.75
N ALA C 63 -11.61 9.16 17.98
CA ALA C 63 -11.52 7.81 17.44
C ALA C 63 -12.56 6.88 18.07
N LYS C 64 -12.86 7.06 19.36
CA LYS C 64 -13.82 6.19 20.02
C LYS C 64 -15.22 6.34 19.43
N VAL C 65 -15.64 7.58 19.17
CA VAL C 65 -16.96 7.81 18.59
C VAL C 65 -17.05 7.21 17.20
N VAL C 66 -16.00 7.40 16.38
CA VAL C 66 -15.97 6.82 15.04
C VAL C 66 -16.05 5.30 15.11
N ARG C 67 -15.28 4.70 16.02
CA ARG C 67 -15.28 3.25 16.16
C ARG C 67 -16.65 2.74 16.58
N LEU C 68 -17.29 3.41 17.54
CA LEU C 68 -18.63 3.01 17.96
C LEU C 68 -19.60 3.06 16.80
N LEU C 69 -19.65 4.21 16.10
CA LEU C 69 -20.60 4.36 15.00
C LEU C 69 -20.34 3.37 13.88
N LEU C 70 -19.08 3.02 13.63
CA LEU C 70 -18.78 2.07 12.56
C LEU C 70 -19.12 0.64 12.96
N GLU C 71 -18.66 0.20 14.13
CA GLU C 71 -18.77 -1.21 14.50
C GLU C 71 -20.17 -1.58 14.94
N HIS C 72 -20.87 -0.69 15.66
CA HIS C 72 -22.12 -1.08 16.32
C HIS C 72 -23.36 -0.39 15.76
N TYR C 73 -23.22 0.45 14.73
CA TYR C 73 -24.40 1.13 14.20
C TYR C 73 -24.42 1.24 12.68
N ARG C 74 -23.51 0.56 11.98
CA ARG C 74 -23.60 0.38 10.53
C ARG C 74 -23.69 1.71 9.78
N VAL C 75 -22.99 2.73 10.28
CA VAL C 75 -22.94 4.01 9.58
C VAL C 75 -22.09 3.84 8.34
N GLN C 76 -22.66 4.18 7.18
CA GLN C 76 -21.93 4.02 5.93
C GLN C 76 -20.90 5.12 5.76
N THR C 77 -19.75 4.76 5.19
CA THR C 77 -18.61 5.67 5.11
C THR C 77 -18.81 6.77 4.07
N GLN C 78 -19.77 6.61 3.17
CA GLN C 78 -19.95 7.57 2.08
C GLN C 78 -20.69 8.83 2.51
N GLN C 79 -20.99 8.98 3.80
CA GLN C 79 -21.65 10.19 4.26
C GLN C 79 -20.82 11.42 3.91
N THR C 80 -21.50 12.46 3.43
CA THR C 80 -20.84 13.62 2.85
C THR C 80 -21.39 14.90 3.48
N GLY C 81 -20.49 15.79 3.87
CA GLY C 81 -20.88 17.06 4.45
C GLY C 81 -20.02 18.22 3.97
N THR C 82 -20.21 19.38 4.60
CA THR C 82 -19.43 20.58 4.32
C THR C 82 -18.64 20.93 5.57
N VAL C 83 -17.31 21.01 5.43
CA VAL C 83 -16.42 21.17 6.57
C VAL C 83 -15.54 22.39 6.35
N ARG C 84 -15.11 23.00 7.45
CA ARG C 84 -14.32 24.23 7.43
C ARG C 84 -12.94 23.98 8.00
N PHE C 85 -11.91 24.37 7.25
CA PHE C 85 -10.52 24.28 7.67
C PHE C 85 -9.92 25.68 7.65
N ASP C 86 -9.53 26.16 8.84
CA ASP C 86 -9.13 27.56 9.03
C ASP C 86 -10.25 28.46 8.50
N GLY C 87 -10.04 29.11 7.36
CA GLY C 87 -11.09 29.92 6.75
C GLY C 87 -11.62 29.41 5.44
N TYR C 88 -11.37 28.16 5.07
CA TYR C 88 -11.75 27.62 3.78
C TYR C 88 -12.84 26.56 3.93
N VAL C 89 -13.83 26.63 3.05
CA VAL C 89 -14.99 25.74 3.07
C VAL C 89 -14.74 24.61 2.10
N ILE C 90 -14.90 23.38 2.57
CA ILE C 90 -14.72 22.20 1.74
C ILE C 90 -16.09 21.52 1.61
N ASP C 91 -16.68 21.61 0.43
CA ASP C 91 -17.94 20.94 0.16
C ASP C 91 -17.67 19.53 -0.36
N GLY C 92 -18.55 18.61 0.02
CA GLY C 92 -18.44 17.23 -0.42
C GLY C 92 -17.35 16.44 0.26
N ALA C 93 -17.16 16.64 1.57
CA ALA C 93 -16.12 15.96 2.32
C ALA C 93 -16.71 14.75 3.03
N THR C 94 -16.02 13.62 2.93
CA THR C 94 -16.37 12.44 3.72
C THR C 94 -15.55 12.42 5.01
N ALA C 95 -15.96 11.54 5.93
CA ALA C 95 -15.25 11.41 7.19
C ALA C 95 -13.78 11.08 6.96
N LEU C 96 -13.49 10.25 5.97
CA LEU C 96 -12.10 9.90 5.67
C LEU C 96 -11.32 11.12 5.19
N TRP C 97 -11.93 11.93 4.31
CA TRP C 97 -11.23 13.13 3.82
C TRP C 97 -10.93 14.08 4.96
N CYS C 98 -11.92 14.32 5.84
CA CYS C 98 -11.71 15.21 6.97
C CYS C 98 -10.61 14.68 7.87
N ALA C 99 -10.65 13.38 8.19
CA ALA C 99 -9.65 12.80 9.07
C ALA C 99 -8.25 12.90 8.46
N ALA C 100 -8.14 12.71 7.15
CA ALA C 100 -6.84 12.84 6.49
C ALA C 100 -6.35 14.28 6.54
N GLY C 101 -7.23 15.23 6.22
CA GLY C 101 -6.82 16.63 6.18
C GLY C 101 -6.51 17.20 7.54
N ALA C 102 -7.07 16.60 8.59
CA ALA C 102 -6.84 17.06 9.96
C ALA C 102 -5.70 16.31 10.64
N GLY C 103 -5.14 15.30 10.01
CA GLY C 103 -4.01 14.57 10.57
C GLY C 103 -4.38 13.66 11.72
N HIS C 104 -5.50 12.95 11.60
CA HIS C 104 -5.97 12.03 12.63
C HIS C 104 -5.74 10.60 12.12
N PHE C 105 -4.59 10.05 12.47
CA PHE C 105 -4.16 8.77 11.90
C PHE C 105 -5.07 7.63 12.35
N GLU C 106 -5.44 7.60 13.64
CA GLU C 106 -6.28 6.52 14.14
C GLU C 106 -7.63 6.51 13.43
N VAL C 107 -8.22 7.68 13.21
CA VAL C 107 -9.51 7.74 12.52
C VAL C 107 -9.38 7.31 11.07
N VAL C 108 -8.27 7.69 10.43
CA VAL C 108 -8.01 7.25 9.05
C VAL C 108 -7.94 5.74 8.98
N LYS C 109 -7.21 5.13 9.92
CA LYS C 109 -7.11 3.67 9.95
C LYS C 109 -8.47 3.04 10.21
N LEU C 110 -9.25 3.59 11.13
CA LEU C 110 -10.57 3.05 11.44
C LEU C 110 -11.48 3.09 10.21
N LEU C 111 -11.44 4.18 9.46
CA LEU C 111 -12.31 4.31 8.30
C LEU C 111 -11.85 3.42 7.15
N VAL C 112 -10.53 3.38 6.89
CA VAL C 112 -10.02 2.53 5.82
C VAL C 112 -10.29 1.06 6.14
N SER C 113 -10.23 0.69 7.43
CA SER C 113 -10.52 -0.68 7.82
C SER C 113 -11.93 -1.08 7.45
N HIS C 114 -12.89 -0.16 7.56
CA HIS C 114 -14.28 -0.42 7.23
C HIS C 114 -14.60 -0.10 5.78
N GLY C 115 -13.63 -0.22 4.88
CA GLY C 115 -13.88 -0.09 3.46
C GLY C 115 -14.29 1.29 3.00
N ALA C 116 -13.84 2.34 3.68
CA ALA C 116 -14.13 3.69 3.23
C ALA C 116 -13.43 3.95 1.90
N ASN C 117 -14.11 4.68 1.01
CA ASN C 117 -13.57 4.99 -0.30
C ASN C 117 -12.32 5.84 -0.17
N VAL C 118 -11.15 5.24 -0.39
CA VAL C 118 -9.89 5.97 -0.28
C VAL C 118 -9.69 6.95 -1.42
N ASN C 119 -10.34 6.73 -2.56
CA ASN C 119 -10.22 7.61 -3.71
C ASN C 119 -11.45 8.49 -3.90
N HIS C 120 -12.18 8.77 -2.82
CA HIS C 120 -13.31 9.68 -2.90
C HIS C 120 -12.85 11.07 -3.28
N THR C 121 -13.70 11.80 -3.99
CA THR C 121 -13.41 13.14 -4.47
C THR C 121 -14.46 14.12 -3.98
N THR C 122 -14.00 15.28 -3.51
CA THR C 122 -14.90 16.33 -3.06
C THR C 122 -15.49 17.05 -4.27
N VAL C 123 -16.11 18.21 -4.03
CA VAL C 123 -16.65 18.99 -5.14
C VAL C 123 -15.53 19.53 -6.02
N THR C 124 -14.47 20.03 -5.40
CA THR C 124 -13.28 20.47 -6.14
C THR C 124 -12.36 19.30 -6.51
N ASN C 125 -12.86 18.06 -6.38
CA ASN C 125 -12.12 16.86 -6.77
C ASN C 125 -10.84 16.70 -5.96
N SER C 126 -10.93 16.93 -4.65
CA SER C 126 -9.81 16.70 -3.75
C SER C 126 -9.93 15.31 -3.15
N THR C 127 -8.85 14.54 -3.25
CA THR C 127 -8.79 13.23 -2.63
C THR C 127 -8.26 13.35 -1.21
N PRO C 128 -8.56 12.38 -0.34
CA PRO C 128 -7.92 12.35 0.98
C PRO C 128 -6.41 12.37 0.89
N LEU C 129 -5.85 11.80 -0.18
CA LEU C 129 -4.41 11.85 -0.39
C LEU C 129 -3.92 13.29 -0.55
N ARG C 130 -4.66 14.10 -1.31
CA ARG C 130 -4.28 15.50 -1.47
C ARG C 130 -4.34 16.25 -0.15
N ALA C 131 -5.42 16.05 0.61
CA ALA C 131 -5.56 16.71 1.89
C ALA C 131 -4.42 16.33 2.83
N ALA C 132 -4.03 15.05 2.83
CA ALA C 132 -2.90 14.63 3.65
C ALA C 132 -1.59 15.21 3.14
N CYS C 133 -1.45 15.37 1.81
CA CYS C 133 -0.25 15.97 1.26
C CYS C 133 -0.14 17.45 1.64
N PHE C 134 -1.27 18.11 1.86
CA PHE C 134 -1.24 19.53 2.22
C PHE C 134 -0.43 19.75 3.50
N ASP C 135 -0.70 18.94 4.53
CA ASP C 135 0.01 19.08 5.81
C ASP C 135 1.37 18.41 5.82
N GLY C 136 1.72 17.65 4.77
CA GLY C 136 2.97 16.94 4.77
C GLY C 136 3.00 15.74 5.70
N ARG C 137 1.85 15.29 6.18
CA ARG C 137 1.78 14.12 7.04
C ARG C 137 2.15 12.86 6.27
N LEU C 138 3.44 12.54 6.26
CA LEU C 138 3.94 11.44 5.44
C LEU C 138 3.38 10.09 5.90
N ASP C 139 3.10 9.95 7.19
CA ASP C 139 2.53 8.70 7.69
C ASP C 139 1.18 8.41 7.05
N ILE C 140 0.31 9.42 7.02
CA ILE C 140 -1.01 9.24 6.42
C ILE C 140 -0.89 9.03 4.91
N VAL C 141 0.03 9.75 4.26
CA VAL C 141 0.21 9.59 2.82
C VAL C 141 0.64 8.17 2.50
N LYS C 142 1.60 7.64 3.26
CA LYS C 142 2.06 6.27 3.03
C LYS C 142 0.95 5.26 3.31
N TYR C 143 0.21 5.45 4.41
CA TYR C 143 -0.88 4.54 4.72
C TYR C 143 -1.92 4.52 3.60
N LEU C 144 -2.26 5.70 3.06
CA LEU C 144 -3.25 5.76 1.99
C LEU C 144 -2.71 5.09 0.73
N VAL C 145 -1.50 5.46 0.29
CA VAL C 145 -0.94 4.89 -0.92
C VAL C 145 -0.85 3.37 -0.81
N GLU C 146 -0.51 2.87 0.37
CA GLU C 146 -0.45 1.43 0.58
C GLU C 146 -1.83 0.78 0.56
N ASN C 147 -2.89 1.56 0.75
CA ASN C 147 -4.26 1.07 0.69
C ASN C 147 -4.97 1.57 -0.56
N ASN C 148 -4.26 1.52 -1.70
CA ASN C 148 -4.85 1.72 -3.03
C ASN C 148 -5.33 3.15 -3.25
N ALA C 149 -4.54 4.13 -2.81
CA ALA C 149 -4.85 5.54 -3.07
C ALA C 149 -4.23 5.95 -4.40
N ASN C 150 -5.05 6.43 -5.31
CA ASN C 150 -4.61 6.80 -6.65
C ASN C 150 -3.91 8.16 -6.59
N ILE C 151 -2.58 8.15 -6.76
CA ILE C 151 -1.82 9.39 -6.78
C ILE C 151 -2.15 10.25 -7.99
N SER C 152 -2.62 9.64 -9.08
CA SER C 152 -2.84 10.34 -10.34
C SER C 152 -4.08 11.23 -10.33
N ILE C 153 -4.98 11.07 -9.35
CA ILE C 153 -6.21 11.85 -9.34
C ILE C 153 -5.90 13.28 -8.93
N ALA C 154 -6.20 14.24 -9.82
CA ALA C 154 -5.97 15.65 -9.58
C ALA C 154 -7.30 16.35 -9.26
N ASN C 155 -7.22 17.65 -8.98
CA ASN C 155 -8.38 18.41 -8.57
C ASN C 155 -8.99 19.13 -9.78
N LYS C 156 -9.86 20.12 -9.50
CA LYS C 156 -10.58 20.80 -10.56
C LYS C 156 -9.64 21.57 -11.48
N TYR C 157 -8.51 22.05 -10.96
CA TYR C 157 -7.51 22.75 -11.74
C TYR C 157 -6.34 21.86 -12.14
N ASP C 158 -6.53 20.54 -12.09
CA ASP C 158 -5.52 19.56 -12.50
C ASP C 158 -4.24 19.67 -11.67
N ASN C 159 -4.38 20.08 -10.41
CA ASN C 159 -3.25 20.09 -9.49
C ASN C 159 -3.09 18.69 -8.89
N THR C 160 -1.87 18.16 -8.94
CA THR C 160 -1.59 16.83 -8.45
C THR C 160 -1.16 16.87 -6.99
N CYS C 161 -1.08 15.69 -6.37
CA CYS C 161 -0.54 15.60 -5.01
C CYS C 161 0.93 15.98 -4.98
N LEU C 162 1.70 15.55 -5.98
CA LEU C 162 3.10 15.94 -6.09
C LEU C 162 3.24 17.45 -6.17
N MET C 163 2.34 18.11 -6.92
CA MET C 163 2.41 19.56 -7.06
C MET C 163 2.26 20.25 -5.71
N ILE C 164 1.21 19.90 -4.96
CA ILE C 164 0.95 20.59 -3.71
C ILE C 164 1.99 20.24 -2.66
N ALA C 165 2.54 19.02 -2.70
CA ALA C 165 3.63 18.69 -1.79
C ALA C 165 4.87 19.49 -2.12
N ALA C 166 5.16 19.70 -3.41
CA ALA C 166 6.32 20.48 -3.81
C ALA C 166 6.14 21.96 -3.49
N TYR C 167 4.91 22.46 -3.58
CA TYR C 167 4.67 23.88 -3.33
C TYR C 167 4.73 24.21 -1.85
N LYS C 168 4.44 23.24 -0.99
CA LYS C 168 4.45 23.45 0.46
C LYS C 168 5.77 23.09 1.12
N GLY C 169 6.72 22.55 0.37
CA GLY C 169 8.02 22.24 0.93
C GLY C 169 8.12 20.90 1.63
N HIS C 170 7.23 19.95 1.31
CA HIS C 170 7.24 18.64 1.93
C HIS C 170 8.16 17.72 1.13
N THR C 171 9.46 17.86 1.40
CA THR C 171 10.46 17.13 0.63
C THR C 171 10.28 15.62 0.75
N ASP C 172 10.00 15.13 1.96
CA ASP C 172 9.82 13.69 2.16
C ASP C 172 8.62 13.18 1.37
N VAL C 173 7.51 13.92 1.39
CA VAL C 173 6.33 13.49 0.65
C VAL C 173 6.58 13.52 -0.84
N VAL C 174 7.31 14.54 -1.33
CA VAL C 174 7.66 14.60 -2.74
C VAL C 174 8.47 13.37 -3.14
N ARG C 175 9.48 13.05 -2.33
CA ARG C 175 10.33 11.89 -2.62
C ARG C 175 9.52 10.61 -2.62
N TYR C 176 8.64 10.43 -1.62
CA TYR C 176 7.83 9.22 -1.55
C TYR C 176 6.92 9.10 -2.77
N LEU C 177 6.24 10.19 -3.13
CA LEU C 177 5.35 10.16 -4.28
C LEU C 177 6.12 9.81 -5.55
N LEU C 178 7.29 10.42 -5.74
CA LEU C 178 8.11 10.10 -6.92
C LEU C 178 8.52 8.64 -6.91
N GLU C 179 8.86 8.10 -5.74
CA GLU C 179 9.19 6.68 -5.64
C GLU C 179 7.99 5.80 -5.96
N GLN C 180 6.77 6.32 -5.77
CA GLN C 180 5.56 5.55 -6.04
C GLN C 180 5.10 5.76 -7.47
N ARG C 181 6.04 6.07 -8.36
N ARG C 181 6.04 6.07 -8.36
CA ARG C 181 5.80 6.17 -9.80
CA ARG C 181 5.81 6.16 -9.80
C ARG C 181 4.84 7.30 -10.15
C ARG C 181 4.87 7.30 -10.17
N ALA C 182 4.86 8.38 -9.39
CA ALA C 182 4.05 9.54 -9.72
C ALA C 182 4.68 10.31 -10.86
N ASP C 183 3.87 10.68 -11.86
CA ASP C 183 4.35 11.39 -13.04
C ASP C 183 4.88 12.76 -12.67
N PRO C 184 6.19 12.98 -12.79
CA PRO C 184 6.76 14.29 -12.47
C PRO C 184 6.51 15.35 -13.52
N ASN C 185 6.12 14.94 -14.74
CA ASN C 185 5.89 15.87 -15.84
C ASN C 185 4.42 16.23 -16.00
N ALA C 186 3.57 15.87 -15.04
CA ALA C 186 2.16 16.23 -15.13
C ALA C 186 1.99 17.74 -15.13
N LYS C 187 1.09 18.22 -15.97
CA LYS C 187 0.82 19.64 -16.11
C LYS C 187 -0.53 19.99 -15.48
N ALA C 188 -0.61 21.19 -14.94
CA ALA C 188 -1.88 21.71 -14.44
C ALA C 188 -2.71 22.20 -15.63
N HIS C 189 -3.84 22.85 -15.34
CA HIS C 189 -4.67 23.39 -16.41
C HIS C 189 -3.92 24.43 -17.22
N CYS C 190 -2.99 25.16 -16.59
CA CYS C 190 -2.21 26.20 -17.24
C CYS C 190 -0.87 25.69 -17.75
N GLY C 191 -0.61 24.39 -17.67
CA GLY C 191 0.65 23.82 -18.10
C GLY C 191 1.76 23.83 -17.08
N ALA C 192 1.54 24.44 -15.93
CA ALA C 192 2.57 24.47 -14.90
C ALA C 192 2.77 23.08 -14.30
N THR C 193 4.01 22.79 -13.93
CA THR C 193 4.40 21.52 -13.36
C THR C 193 4.76 21.68 -11.89
N ALA C 194 5.03 20.55 -11.23
CA ALA C 194 5.48 20.59 -9.85
C ALA C 194 6.79 21.33 -9.72
N LEU C 195 7.64 21.25 -10.74
CA LEU C 195 8.90 21.98 -10.73
C LEU C 195 8.67 23.49 -10.73
N HIS C 196 7.63 23.94 -11.45
CA HIS C 196 7.28 25.36 -11.44
C HIS C 196 6.94 25.83 -10.03
N PHE C 197 6.06 25.10 -9.34
CA PHE C 197 5.67 25.49 -8.00
C PHE C 197 6.85 25.45 -7.04
N ALA C 198 7.67 24.41 -7.15
CA ALA C 198 8.85 24.28 -6.28
C ALA C 198 9.81 25.44 -6.50
N ALA C 199 10.03 25.83 -7.76
CA ALA C 199 10.94 26.93 -8.04
C ALA C 199 10.36 28.26 -7.57
N GLU C 200 9.04 28.43 -7.68
CA GLU C 200 8.41 29.65 -7.20
C GLU C 200 8.53 29.77 -5.68
N ALA C 201 8.30 28.67 -4.97
CA ALA C 201 8.39 28.70 -3.51
C ALA C 201 9.82 28.63 -2.99
N GLY C 202 10.80 28.42 -3.88
CA GLY C 202 12.20 28.41 -3.46
C GLY C 202 12.63 27.19 -2.68
N HIS C 203 12.07 26.02 -3.00
CA HIS C 203 12.41 24.78 -2.30
C HIS C 203 13.51 24.07 -3.10
N ILE C 204 14.76 24.29 -2.70
CA ILE C 204 15.90 23.82 -3.48
C ILE C 204 15.99 22.29 -3.43
N ASP C 205 15.75 21.70 -2.26
CA ASP C 205 15.80 20.24 -2.15
C ASP C 205 14.76 19.59 -3.05
N ILE C 206 13.60 20.20 -3.19
CA ILE C 206 12.54 19.60 -3.98
C ILE C 206 12.84 19.71 -5.47
N VAL C 207 13.42 20.83 -5.90
CA VAL C 207 13.82 20.91 -7.31
C VAL C 207 14.96 19.96 -7.59
N LYS C 208 15.86 19.75 -6.61
CA LYS C 208 16.88 18.72 -6.75
C LYS C 208 16.26 17.35 -6.94
N GLU C 209 15.29 17.00 -6.10
CA GLU C 209 14.66 15.69 -6.19
C GLU C 209 13.92 15.52 -7.50
N LEU C 210 13.28 16.58 -7.98
CA LEU C 210 12.56 16.50 -9.25
C LEU C 210 13.51 16.35 -10.42
N ILE C 211 14.65 17.05 -10.40
CA ILE C 211 15.65 16.87 -11.45
C ILE C 211 16.21 15.45 -11.41
N LYS C 212 16.44 14.92 -10.21
CA LYS C 212 16.94 13.56 -10.06
C LYS C 212 16.00 12.55 -10.73
N TRP C 213 14.69 12.81 -10.66
CA TRP C 213 13.70 11.96 -11.32
C TRP C 213 13.37 12.42 -12.73
N ARG C 214 14.27 13.20 -13.35
CA ARG C 214 14.19 13.54 -14.77
C ARG C 214 12.92 14.32 -15.09
N ALA C 215 12.63 15.34 -14.30
CA ALA C 215 11.51 16.23 -14.58
C ALA C 215 11.86 17.15 -15.74
N ALA C 216 10.99 17.19 -16.74
CA ALA C 216 11.27 17.96 -17.95
C ALA C 216 10.99 19.44 -17.73
N ILE C 217 11.79 20.29 -18.36
CA ILE C 217 11.56 21.73 -18.35
C ILE C 217 10.42 22.03 -19.32
N VAL C 218 9.37 22.66 -18.80
CA VAL C 218 8.15 22.92 -19.57
C VAL C 218 7.88 24.41 -19.57
N VAL C 219 7.44 24.94 -20.71
CA VAL C 219 6.95 26.30 -20.81
C VAL C 219 5.43 26.26 -20.65
N ASN C 220 4.93 26.86 -19.57
CA ASN C 220 3.51 26.83 -19.30
C ASN C 220 2.77 27.87 -20.14
N GLY C 221 1.46 27.97 -19.94
CA GLY C 221 0.65 28.93 -20.67
C GLY C 221 1.03 30.37 -20.41
N HIS C 222 1.72 30.64 -19.31
CA HIS C 222 2.21 31.97 -19.02
C HIS C 222 3.54 32.27 -19.68
N GLY C 223 4.01 31.40 -20.56
CA GLY C 223 5.30 31.57 -21.21
C GLY C 223 6.47 31.54 -20.26
N MET C 224 6.41 30.70 -19.22
CA MET C 224 7.44 30.67 -18.19
C MET C 224 7.95 29.26 -18.00
N THR C 225 9.25 29.15 -17.80
CA THR C 225 9.94 27.94 -17.39
C THR C 225 10.21 28.00 -15.89
N PRO C 226 10.52 26.86 -15.26
CA PRO C 226 10.90 26.92 -13.83
C PRO C 226 12.05 27.88 -13.55
N LEU C 227 13.01 27.97 -14.48
CA LEU C 227 14.10 28.94 -14.33
C LEU C 227 13.57 30.38 -14.35
N LYS C 228 12.70 30.68 -15.31
CA LYS C 228 12.11 32.01 -15.40
C LYS C 228 11.29 32.33 -14.17
N VAL C 229 10.56 31.33 -13.65
CA VAL C 229 9.75 31.53 -12.45
C VAL C 229 10.64 31.83 -11.25
N ALA C 230 11.69 31.04 -11.07
CA ALA C 230 12.61 31.25 -9.96
C ALA C 230 13.26 32.63 -10.06
N ALA C 231 13.60 33.07 -11.27
CA ALA C 231 14.18 34.39 -11.43
C ALA C 231 13.18 35.48 -11.10
N GLU C 232 11.92 35.29 -11.46
CA GLU C 232 10.90 36.30 -11.19
C GLU C 232 10.62 36.43 -9.70
N SER C 233 10.80 35.35 -8.94
CA SER C 233 10.46 35.32 -7.52
C SER C 233 11.67 35.58 -6.62
N CYS C 234 12.79 36.04 -7.18
CA CYS C 234 13.98 36.40 -6.40
C CYS C 234 14.57 35.19 -5.68
N LYS C 235 14.32 33.98 -6.19
CA LYS C 235 14.88 32.76 -5.61
C LYS C 235 16.26 32.53 -6.24
N ALA C 236 17.24 33.26 -5.72
CA ALA C 236 18.56 33.28 -6.33
C ALA C 236 19.22 31.90 -6.32
N ASP C 237 19.02 31.13 -5.24
CA ASP C 237 19.64 29.82 -5.16
C ASP C 237 19.06 28.86 -6.18
N VAL C 238 17.75 28.89 -6.38
CA VAL C 238 17.12 28.04 -7.40
C VAL C 238 17.63 28.43 -8.78
N VAL C 239 17.85 29.72 -9.01
CA VAL C 239 18.40 30.18 -10.29
C VAL C 239 19.81 29.64 -10.47
N GLU C 240 20.63 29.72 -9.43
CA GLU C 240 21.98 29.19 -9.50
C GLU C 240 21.98 27.70 -9.81
N LEU C 241 21.06 26.95 -9.19
CA LEU C 241 21.00 25.51 -9.42
C LEU C 241 20.56 25.19 -10.84
N LEU C 242 19.49 25.84 -11.31
CA LEU C 242 18.98 25.59 -12.65
C LEU C 242 19.93 26.10 -13.73
N LEU C 243 20.84 27.02 -13.39
CA LEU C 243 21.89 27.40 -14.33
C LEU C 243 23.06 26.43 -14.28
N SER C 244 23.30 25.80 -13.12
CA SER C 244 24.23 24.68 -13.08
C SER C 244 23.73 23.54 -13.96
N HIS C 245 22.42 23.33 -14.00
CA HIS C 245 21.79 22.47 -15.00
C HIS C 245 22.27 22.90 -16.38
N ALA C 246 23.05 22.03 -17.05
CA ALA C 246 23.86 22.47 -18.18
C ALA C 246 22.99 22.91 -19.35
N ASP C 247 22.22 21.98 -19.94
CA ASP C 247 21.57 22.22 -21.21
C ASP C 247 20.48 23.29 -21.14
N CYS C 248 20.87 24.54 -20.92
CA CYS C 248 20.00 25.69 -21.11
C CYS C 248 20.73 26.68 -22.01
N ASP C 249 20.00 27.21 -22.99
CA ASP C 249 20.64 28.05 -24.00
C ASP C 249 21.17 29.35 -23.38
N ARG C 250 22.12 29.96 -24.09
CA ARG C 250 22.76 31.18 -23.60
C ARG C 250 21.75 32.31 -23.43
N ARG C 251 20.81 32.43 -24.37
CA ARG C 251 19.80 33.47 -24.29
C ARG C 251 18.93 33.30 -23.05
N SER C 252 18.54 32.06 -22.74
CA SER C 252 17.72 31.82 -21.55
C SER C 252 18.48 32.11 -20.27
N ARG C 253 19.77 31.80 -20.23
CA ARG C 253 20.58 32.13 -19.06
C ARG C 253 20.68 33.63 -18.85
N ILE C 254 20.96 34.37 -19.94
CA ILE C 254 21.03 35.83 -19.83
C ILE C 254 19.68 36.39 -19.38
N GLU C 255 18.59 35.85 -19.92
CA GLU C 255 17.26 36.30 -19.52
C GLU C 255 17.00 36.03 -18.05
N ALA C 256 17.40 34.84 -17.55
CA ALA C 256 17.19 34.52 -16.15
C ALA C 256 17.98 35.47 -15.25
N LEU C 257 19.25 35.71 -15.59
CA LEU C 257 20.06 36.63 -14.80
C LEU C 257 19.44 38.02 -14.78
N GLU C 258 19.01 38.52 -15.94
CA GLU C 258 18.43 39.86 -16.01
C GLU C 258 17.13 39.94 -15.22
N LEU C 259 16.28 38.93 -15.35
CA LEU C 259 15.00 38.94 -14.63
C LEU C 259 15.22 38.88 -13.12
N LEU C 260 16.19 38.08 -12.67
CA LEU C 260 16.50 38.02 -11.24
C LEU C 260 17.00 39.37 -10.74
N GLY C 261 17.97 39.96 -11.43
CA GLY C 261 18.47 41.26 -11.03
C GLY C 261 17.40 42.33 -11.01
N ALA C 262 16.49 42.29 -11.99
CA ALA C 262 15.41 43.27 -12.04
C ALA C 262 14.43 43.06 -10.90
N SER C 263 14.06 41.80 -10.61
CA SER C 263 13.10 41.53 -9.56
C SER C 263 13.66 41.87 -8.19
N PHE C 264 14.99 41.83 -8.03
CA PHE C 264 15.58 42.22 -6.76
C PHE C 264 15.41 43.71 -6.46
N ALA C 265 15.10 44.53 -7.47
CA ALA C 265 15.09 45.97 -7.29
C ALA C 265 13.77 46.50 -6.74
N ASN C 266 12.68 45.75 -6.87
CA ASN C 266 11.38 46.26 -6.43
C ASN C 266 10.55 45.21 -5.70
N ASP C 267 11.18 44.15 -5.20
CA ASP C 267 10.46 43.15 -4.42
C ASP C 267 10.26 43.65 -2.99
N ARG C 268 9.03 43.55 -2.49
CA ARG C 268 8.71 44.02 -1.15
C ARG C 268 9.61 43.35 -0.10
N GLU C 269 9.58 42.02 -0.05
CA GLU C 269 10.28 41.28 0.99
C GLU C 269 11.70 40.87 0.62
N ASN C 270 12.13 41.10 -0.63
CA ASN C 270 13.43 40.62 -1.09
C ASN C 270 14.30 41.73 -1.64
N TYR C 271 14.06 42.99 -1.25
CA TYR C 271 14.80 44.10 -1.82
C TYR C 271 16.29 43.98 -1.52
N ASP C 272 17.10 44.02 -2.57
CA ASP C 272 18.56 43.98 -2.43
C ASP C 272 19.15 44.67 -3.65
N ILE C 273 19.59 45.92 -3.47
CA ILE C 273 20.07 46.72 -4.60
C ILE C 273 21.40 46.19 -5.10
N MET C 274 22.25 45.70 -4.19
CA MET C 274 23.54 45.15 -4.60
C MET C 274 23.36 43.93 -5.48
N LYS C 275 22.44 43.03 -5.11
CA LYS C 275 22.17 41.88 -5.96
C LYS C 275 21.55 42.30 -7.28
N THR C 276 20.71 43.34 -7.26
CA THR C 276 20.16 43.90 -8.49
C THR C 276 21.28 44.23 -9.48
N TYR C 277 22.18 45.13 -9.07
CA TYR C 277 23.25 45.52 -9.99
C TYR C 277 24.16 44.34 -10.31
N HIS C 278 24.39 43.46 -9.34
CA HIS C 278 25.25 42.30 -9.55
C HIS C 278 24.75 41.46 -10.72
N TYR C 279 23.50 41.04 -10.66
CA TYR C 279 22.98 40.15 -11.71
C TYR C 279 22.78 40.89 -13.02
N LEU C 280 22.31 42.14 -12.97
CA LEU C 280 22.13 42.89 -14.21
C LEU C 280 23.46 43.08 -14.94
N TYR C 281 24.52 43.45 -14.21
CA TYR C 281 25.81 43.67 -14.82
C TYR C 281 26.45 42.36 -15.26
N LEU C 282 26.22 41.26 -14.54
CA LEU C 282 26.71 39.97 -14.99
C LEU C 282 26.09 39.59 -16.32
N ALA C 283 24.77 39.77 -16.45
CA ALA C 283 24.11 39.48 -17.71
C ALA C 283 24.62 40.40 -18.82
N MET C 284 24.81 41.67 -18.51
CA MET C 284 25.34 42.61 -19.50
C MET C 284 26.71 42.18 -20.00
N LEU C 285 27.59 41.80 -19.07
CA LEU C 285 28.92 41.33 -19.46
C LEU C 285 28.84 40.06 -20.30
N GLU C 286 27.93 39.14 -19.92
CA GLU C 286 27.76 37.92 -20.70
C GLU C 286 27.26 38.23 -22.10
N ARG C 287 26.53 39.33 -22.27
CA ARG C 287 26.07 39.71 -23.61
C ARG C 287 27.23 40.21 -24.47
N PHE C 288 28.16 40.97 -23.87
CA PHE C 288 29.22 41.64 -24.61
C PHE C 288 30.57 40.92 -24.51
N GLN C 289 30.56 39.65 -24.08
CA GLN C 289 31.83 38.93 -23.94
C GLN C 289 32.53 38.73 -25.27
N ASP C 290 31.77 38.68 -26.37
CA ASP C 290 32.31 38.50 -27.71
C ASP C 290 31.96 39.77 -28.50
N GLY C 291 32.97 40.62 -28.71
CA GLY C 291 32.75 41.89 -29.39
C GLY C 291 32.31 41.75 -30.84
N ASP C 292 32.46 40.57 -31.43
CA ASP C 292 32.05 40.33 -32.81
C ASP C 292 30.71 39.62 -32.92
N ASN C 293 30.14 39.16 -31.79
CA ASN C 293 28.85 38.48 -31.78
C ASN C 293 28.10 38.90 -30.51
N ILE C 294 27.73 40.17 -30.46
CA ILE C 294 27.03 40.72 -29.29
C ILE C 294 25.56 40.34 -29.37
N LEU C 295 25.03 39.78 -28.27
CA LEU C 295 23.59 39.49 -28.18
C LEU C 295 22.89 40.75 -27.72
N GLU C 296 22.60 41.61 -28.70
CA GLU C 296 22.08 42.94 -28.43
C GLU C 296 20.71 42.88 -27.76
N LYS C 297 20.41 43.92 -27.00
CA LYS C 297 19.12 44.06 -26.34
C LYS C 297 18.12 44.72 -27.29
N GLU C 298 16.97 44.06 -27.48
CA GLU C 298 15.85 44.69 -28.17
C GLU C 298 15.01 45.41 -27.11
N VAL C 299 15.45 46.64 -26.79
CA VAL C 299 14.83 47.39 -25.70
C VAL C 299 13.50 47.97 -26.17
N LEU C 300 12.60 48.17 -25.22
CA LEU C 300 11.29 48.74 -25.50
C LEU C 300 11.37 50.26 -25.48
N PRO C 301 10.39 50.94 -26.07
CA PRO C 301 10.35 52.40 -25.99
C PRO C 301 10.21 52.87 -24.55
N PRO C 302 10.64 54.09 -24.24
CA PRO C 302 10.55 54.57 -22.86
C PRO C 302 9.11 54.74 -22.41
N ILE C 303 8.92 54.62 -21.09
CA ILE C 303 7.60 54.70 -20.47
C ILE C 303 7.58 55.88 -19.52
N HIS C 304 6.52 56.68 -19.59
CA HIS C 304 6.43 57.89 -18.77
C HIS C 304 6.52 57.56 -17.29
N ALA C 305 5.87 56.49 -16.85
CA ALA C 305 5.87 56.15 -15.43
C ALA C 305 7.25 55.74 -14.94
N TYR C 306 8.09 55.21 -15.83
CA TYR C 306 9.45 54.81 -15.46
C TYR C 306 10.46 55.93 -15.68
N GLY C 307 10.02 57.19 -15.63
CA GLY C 307 10.92 58.31 -15.83
C GLY C 307 11.36 58.51 -17.26
N ASN C 308 10.65 57.90 -18.22
CA ASN C 308 11.00 57.95 -19.64
C ASN C 308 12.44 57.49 -19.90
N ARG C 309 13.00 56.71 -18.97
CA ARG C 309 14.30 56.13 -19.17
C ARG C 309 14.21 54.95 -20.14
N THR C 310 15.36 54.57 -20.68
CA THR C 310 15.47 53.39 -21.52
C THR C 310 16.42 52.39 -20.87
N GLU C 311 16.14 51.10 -21.09
CA GLU C 311 16.97 50.06 -20.51
C GLU C 311 18.40 50.18 -21.02
N CYS C 312 19.35 49.91 -20.13
CA CYS C 312 20.76 49.97 -20.51
C CYS C 312 21.06 48.95 -21.60
N ARG C 313 21.78 49.39 -22.64
CA ARG C 313 22.06 48.56 -23.80
C ARG C 313 23.48 48.04 -23.85
N ASN C 314 24.40 48.62 -23.11
CA ASN C 314 25.80 48.23 -23.13
C ASN C 314 26.36 48.34 -21.72
N PRO C 315 27.52 47.72 -21.46
CA PRO C 315 28.09 47.80 -20.10
C PRO C 315 28.33 49.22 -19.60
N GLN C 316 28.67 50.16 -20.48
CA GLN C 316 28.96 51.52 -20.02
C GLN C 316 27.73 52.18 -19.43
N GLU C 317 26.59 52.07 -20.12
CA GLU C 317 25.36 52.66 -19.62
C GLU C 317 24.98 52.10 -18.25
N LEU C 318 25.18 50.79 -18.05
CA LEU C 318 24.83 50.18 -16.78
C LEU C 318 25.82 50.57 -15.69
N GLU C 319 27.11 50.64 -16.01
CA GLU C 319 28.10 51.15 -15.07
C GLU C 319 27.77 52.58 -14.65
N ALA C 320 27.12 53.34 -15.52
CA ALA C 320 26.81 54.73 -15.19
C ALA C 320 25.84 54.81 -14.00
N ILE C 321 24.88 53.89 -13.92
CA ILE C 321 23.83 53.96 -12.90
C ILE C 321 24.11 53.05 -11.71
N ARG C 322 25.34 52.55 -11.56
CA ARG C 322 25.66 51.68 -10.44
C ARG C 322 25.39 52.35 -9.11
N GLN C 323 25.50 53.67 -9.05
CA GLN C 323 25.27 54.43 -7.82
C GLN C 323 23.91 55.10 -7.76
N ASP C 324 23.17 55.17 -8.87
CA ASP C 324 21.87 55.81 -8.91
C ASP C 324 20.82 54.79 -8.50
N ARG C 325 20.46 54.80 -7.21
CA ARG C 325 19.50 53.82 -6.70
C ARG C 325 18.14 53.94 -7.39
N ASP C 326 17.66 55.16 -7.56
CA ASP C 326 16.37 55.37 -8.21
C ASP C 326 16.39 54.87 -9.66
N ALA C 327 17.47 55.17 -10.37
CA ALA C 327 17.60 54.68 -11.74
C ALA C 327 17.67 53.16 -11.77
N LEU C 328 18.27 52.54 -10.75
CA LEU C 328 18.32 51.09 -10.72
C LEU C 328 16.93 50.50 -10.46
N HIS C 329 16.14 51.13 -9.60
CA HIS C 329 14.75 50.71 -9.41
C HIS C 329 13.97 50.78 -10.72
N MET C 330 14.08 51.92 -11.41
CA MET C 330 13.39 52.08 -12.69
C MET C 330 13.88 51.06 -13.71
N GLU C 331 15.18 50.78 -13.71
CA GLU C 331 15.74 49.78 -14.63
C GLU C 331 15.17 48.41 -14.35
N GLY C 332 15.02 48.07 -13.07
CA GLY C 332 14.42 46.79 -12.71
C GLY C 332 12.99 46.69 -13.21
N LEU C 333 12.20 47.75 -13.01
CA LEU C 333 10.83 47.75 -13.53
C LEU C 333 10.81 47.60 -15.04
N ILE C 334 11.72 48.29 -15.73
CA ILE C 334 11.77 48.24 -17.19
C ILE C 334 12.11 46.83 -17.67
N VAL C 335 13.11 46.21 -17.04
CA VAL C 335 13.51 44.86 -17.44
C VAL C 335 12.38 43.87 -17.17
N ARG C 336 11.69 44.03 -16.04
CA ARG C 336 10.56 43.15 -15.75
C ARG C 336 9.47 43.30 -16.81
N GLU C 337 9.15 44.54 -17.20
CA GLU C 337 8.11 44.72 -18.20
C GLU C 337 8.55 44.19 -19.56
N ARG C 338 9.85 44.26 -19.87
CA ARG C 338 10.32 43.72 -21.15
C ARG C 338 10.26 42.20 -21.17
N ILE C 339 10.64 41.56 -20.07
CA ILE C 339 10.74 40.10 -20.08
C ILE C 339 9.37 39.45 -19.87
N LEU C 340 8.50 40.06 -19.07
CA LEU C 340 7.24 39.44 -18.69
C LEU C 340 6.02 40.07 -19.35
N GLY C 341 6.17 41.23 -19.99
CA GLY C 341 5.01 41.98 -20.46
C GLY C 341 4.21 41.27 -21.55
N ALA C 342 4.90 40.52 -22.41
CA ALA C 342 4.26 39.87 -23.55
C ALA C 342 3.45 38.64 -23.16
N ASP C 343 3.32 38.35 -21.88
CA ASP C 343 2.59 37.19 -21.38
C ASP C 343 1.34 37.65 -20.61
N ASN C 344 0.56 36.67 -20.17
CA ASN C 344 -0.65 36.94 -19.39
C ASN C 344 -0.34 36.98 -17.89
N ILE C 345 0.72 37.69 -17.53
CA ILE C 345 1.22 37.73 -16.17
C ILE C 345 0.89 39.10 -15.58
N ASP C 346 0.34 39.10 -14.37
CA ASP C 346 0.16 40.34 -13.62
C ASP C 346 1.50 40.76 -13.04
N VAL C 347 2.00 41.92 -13.48
CA VAL C 347 3.32 42.40 -13.13
C VAL C 347 3.25 43.73 -12.38
N SER C 348 2.09 44.03 -11.79
CA SER C 348 1.82 45.35 -11.22
C SER C 348 2.25 45.47 -9.76
N HIS C 349 2.54 44.37 -9.07
CA HIS C 349 2.83 44.46 -7.63
C HIS C 349 4.11 45.22 -7.34
N PRO C 350 5.25 44.94 -7.98
CA PRO C 350 6.44 45.78 -7.72
C PRO C 350 6.25 47.23 -8.13
N ILE C 351 5.48 47.49 -9.19
CA ILE C 351 5.18 48.85 -9.59
C ILE C 351 4.46 49.59 -8.48
N ILE C 352 3.41 48.96 -7.93
CA ILE C 352 2.64 49.58 -6.85
C ILE C 352 3.49 49.75 -5.60
N TYR C 353 4.37 48.79 -5.33
CA TYR C 353 5.24 48.90 -4.17
C TYR C 353 6.19 50.10 -4.30
N ARG C 354 6.81 50.25 -5.48
CA ARG C 354 7.71 51.37 -5.69
C ARG C 354 6.96 52.69 -5.61
N GLY C 355 5.73 52.73 -6.15
CA GLY C 355 4.91 53.92 -6.00
C GLY C 355 4.64 54.25 -4.53
N ALA C 356 4.34 53.23 -3.74
CA ALA C 356 4.09 53.45 -2.31
C ALA C 356 5.34 53.97 -1.62
N VAL C 357 6.52 53.48 -2.02
CA VAL C 357 7.75 53.99 -1.43
C VAL C 357 7.97 55.45 -1.79
N TYR C 358 7.72 55.81 -3.06
CA TYR C 358 7.77 57.21 -3.47
C TYR C 358 6.83 58.05 -2.61
N ALA C 359 5.60 57.57 -2.40
CA ALA C 359 4.64 58.30 -1.59
C ALA C 359 5.14 58.46 -0.16
N ASP C 360 5.79 57.43 0.38
CA ASP C 360 6.40 57.54 1.71
C ASP C 360 7.49 58.61 1.72
N ASN C 361 8.20 58.79 0.62
CA ASN C 361 9.20 59.84 0.51
C ASN C 361 8.65 61.16 -0.03
N MET C 362 7.33 61.36 0.07
CA MET C 362 6.67 62.63 -0.25
C MET C 362 6.75 62.99 -1.73
N GLU C 363 7.08 62.03 -2.59
CA GLU C 363 7.13 62.26 -4.03
C GLU C 363 5.87 61.64 -4.64
N PHE C 364 4.79 62.43 -4.63
CA PHE C 364 3.48 61.89 -4.99
C PHE C 364 3.30 61.77 -6.50
N GLU C 365 3.94 62.62 -7.29
CA GLU C 365 3.77 62.56 -8.74
C GLU C 365 4.28 61.24 -9.31
N GLN C 366 5.45 60.78 -8.87
CA GLN C 366 5.98 59.51 -9.35
C GLN C 366 5.11 58.35 -8.89
N CYS C 367 4.59 58.42 -7.66
CA CYS C 367 3.68 57.39 -7.18
C CYS C 367 2.44 57.31 -8.06
N ILE C 368 1.87 58.46 -8.43
CA ILE C 368 0.68 58.46 -9.27
C ILE C 368 1.00 57.94 -10.66
N LYS C 369 2.16 58.35 -11.21
CA LYS C 369 2.62 57.79 -12.48
C LYS C 369 2.63 56.27 -12.44
N LEU C 370 3.28 55.71 -11.42
CA LEU C 370 3.43 54.25 -11.33
C LEU C 370 2.08 53.57 -11.15
N TRP C 371 1.20 54.14 -10.32
CA TRP C 371 -0.08 53.49 -10.08
C TRP C 371 -0.98 53.55 -11.31
N LEU C 372 -0.95 54.67 -12.04
CA LEU C 372 -1.70 54.75 -13.29
C LEU C 372 -1.17 53.77 -14.31
N HIS C 373 0.16 53.60 -14.37
CA HIS C 373 0.71 52.61 -15.29
C HIS C 373 0.33 51.19 -14.89
N ALA C 374 0.27 50.91 -13.58
CA ALA C 374 -0.16 49.60 -13.12
C ALA C 374 -1.60 49.33 -13.52
N LEU C 375 -2.48 50.31 -13.34
CA LEU C 375 -3.87 50.15 -13.77
C LEU C 375 -3.97 49.95 -15.27
N HIS C 376 -3.16 50.69 -16.04
CA HIS C 376 -3.20 50.55 -17.50
C HIS C 376 -2.71 49.17 -17.93
N LEU C 377 -1.68 48.65 -17.26
CA LEU C 377 -1.20 47.30 -17.58
C LEU C 377 -2.23 46.25 -17.23
N ARG C 378 -2.94 46.42 -16.10
CA ARG C 378 -4.02 45.48 -15.78
C ARG C 378 -5.18 45.60 -16.74
N GLN C 379 -5.39 46.78 -17.33
CA GLN C 379 -6.53 46.99 -18.21
C GLN C 379 -6.28 46.58 -19.66
N LYS C 380 -5.03 46.67 -20.12
CA LYS C 380 -4.76 46.37 -21.53
C LYS C 380 -4.68 44.87 -21.79
N GLY C 381 -4.31 44.08 -20.78
CA GLY C 381 -4.18 42.64 -20.95
C GLY C 381 -3.19 42.02 -19.99
N MET D 5 8.30 -13.34 17.61
CA MET D 5 7.70 -13.14 18.93
C MET D 5 7.90 -11.69 19.38
N GLU D 6 7.56 -11.40 20.64
CA GLU D 6 7.50 -10.03 21.13
C GLU D 6 8.75 -9.60 21.89
N GLY D 7 9.79 -10.44 21.93
CA GLY D 7 11.05 -10.01 22.50
C GLY D 7 11.87 -9.24 21.49
N LEU D 8 13.00 -8.69 21.97
CA LEU D 8 13.92 -8.02 21.06
C LEU D 8 14.44 -8.99 20.00
N ALA D 9 14.76 -10.22 20.40
CA ALA D 9 15.13 -11.25 19.45
C ALA D 9 14.00 -11.52 18.47
N GLY D 10 12.74 -11.40 18.93
CA GLY D 10 11.62 -11.58 18.02
C GLY D 10 11.62 -10.56 16.89
N TYR D 11 11.77 -9.28 17.24
CA TYR D 11 11.81 -8.25 16.22
C TYR D 11 13.05 -8.36 15.35
N VAL D 12 14.18 -8.77 15.93
CA VAL D 12 15.38 -8.99 15.12
C VAL D 12 15.14 -10.06 14.06
N TYR D 13 14.60 -11.21 14.48
CA TYR D 13 14.30 -12.28 13.54
C TYR D 13 13.27 -11.85 12.51
N LYS D 14 12.26 -11.08 12.94
CA LYS D 14 11.23 -10.62 12.01
C LYS D 14 11.82 -9.71 10.94
N ALA D 15 12.68 -8.78 11.34
CA ALA D 15 13.33 -7.90 10.38
C ALA D 15 14.26 -8.66 9.45
N ALA D 16 14.97 -9.66 9.98
CA ALA D 16 15.87 -10.44 9.14
C ALA D 16 15.09 -11.29 8.13
N SER D 17 13.93 -11.82 8.54
CA SER D 17 13.15 -12.67 7.66
C SER D 17 12.41 -11.84 6.60
N GLU D 18 11.95 -10.65 6.95
CA GLU D 18 11.23 -9.80 6.02
C GLU D 18 12.16 -8.91 5.19
N GLY D 19 13.48 -9.10 5.31
CA GLY D 19 14.43 -8.39 4.48
C GLY D 19 14.67 -6.94 4.87
N LYS D 20 14.11 -6.49 5.98
CA LYS D 20 14.25 -5.09 6.42
C LYS D 20 15.61 -4.92 7.08
N VAL D 21 16.62 -4.60 6.27
CA VAL D 21 17.99 -4.54 6.76
C VAL D 21 18.22 -3.28 7.58
N LEU D 22 17.64 -2.15 7.15
CA LEU D 22 17.77 -0.91 7.92
C LEU D 22 17.13 -1.05 9.30
N THR D 23 15.95 -1.66 9.36
CA THR D 23 15.28 -1.88 10.64
C THR D 23 16.13 -2.75 11.56
N LEU D 24 16.74 -3.81 11.01
CA LEU D 24 17.58 -4.68 11.81
C LEU D 24 18.80 -3.93 12.35
N ALA D 25 19.50 -3.21 11.48
CA ALA D 25 20.65 -2.44 11.92
C ALA D 25 20.27 -1.43 12.99
N ALA D 26 19.11 -0.80 12.84
CA ALA D 26 18.65 0.15 13.86
C ALA D 26 18.34 -0.55 15.18
N LEU D 27 17.74 -1.74 15.11
CA LEU D 27 17.48 -2.51 16.32
C LEU D 27 18.77 -2.95 17.01
N LEU D 28 19.87 -3.05 16.27
CA LEU D 28 21.14 -3.48 16.85
C LEU D 28 22.11 -2.33 17.12
N LEU D 29 21.64 -1.08 17.08
CA LEU D 29 22.51 0.06 17.28
C LEU D 29 22.87 0.25 18.75
N ASN D 30 24.11 0.68 18.99
CA ASN D 30 24.58 1.06 20.32
C ASN D 30 24.40 -0.04 21.36
N ARG D 31 24.49 -1.30 20.94
CA ARG D 31 24.42 -2.43 21.86
C ARG D 31 25.80 -3.06 22.01
N SER D 32 25.96 -3.84 23.07
CA SER D 32 27.23 -4.51 23.31
C SER D 32 27.45 -5.61 22.30
N GLU D 33 28.71 -6.08 22.22
CA GLU D 33 29.06 -7.11 21.26
C GLU D 33 28.41 -8.44 21.64
N SER D 34 28.49 -8.82 22.91
CA SER D 34 27.90 -10.08 23.36
C SER D 34 26.38 -10.07 23.22
N ASP D 35 25.75 -8.91 23.45
CA ASP D 35 24.31 -8.81 23.27
C ASP D 35 23.92 -9.07 21.82
N ILE D 36 24.64 -8.44 20.87
CA ILE D 36 24.36 -8.66 19.46
C ILE D 36 24.61 -10.11 19.08
N ARG D 37 25.66 -10.71 19.63
CA ARG D 37 25.96 -12.12 19.35
C ARG D 37 24.81 -13.01 19.82
N TYR D 38 24.35 -12.84 21.05
CA TYR D 38 23.25 -13.63 21.56
C TYR D 38 21.98 -13.41 20.74
N LEU D 39 21.69 -12.15 20.38
CA LEU D 39 20.47 -11.85 19.64
C LEU D 39 20.49 -12.51 18.26
N LEU D 40 21.65 -12.51 17.59
CA LEU D 40 21.73 -13.09 16.25
C LEU D 40 21.95 -14.60 16.28
N GLY D 41 22.30 -15.16 17.43
CA GLY D 41 22.44 -16.60 17.55
C GLY D 41 21.19 -17.35 17.98
N TYR D 42 20.16 -16.63 18.42
CA TYR D 42 18.94 -17.27 18.87
C TYR D 42 18.26 -18.03 17.73
N VAL D 43 17.81 -19.24 18.03
CA VAL D 43 17.04 -20.04 17.10
C VAL D 43 15.56 -19.78 17.36
N SER D 44 14.85 -19.31 16.34
CA SER D 44 13.44 -18.98 16.45
C SER D 44 12.62 -19.99 15.66
N GLN D 45 11.51 -20.44 16.25
CA GLN D 45 10.64 -21.45 15.67
C GLN D 45 9.31 -20.80 15.32
N GLN D 46 9.02 -20.71 14.02
CA GLN D 46 7.74 -20.18 13.56
C GLN D 46 7.51 -20.66 12.13
N GLY D 47 6.23 -20.69 11.75
CA GLY D 47 5.85 -21.10 10.41
C GLY D 47 6.26 -22.51 10.04
N GLY D 48 6.53 -23.36 11.03
CA GLY D 48 7.02 -24.70 10.78
C GLY D 48 8.51 -24.82 10.58
N GLN D 49 9.26 -23.74 10.79
CA GLN D 49 10.70 -23.73 10.61
C GLN D 49 11.36 -23.18 11.86
N ARG D 50 12.41 -23.85 12.32
CA ARG D 50 13.28 -23.32 13.37
C ARG D 50 14.60 -22.92 12.73
N SER D 51 14.94 -21.63 12.81
CA SER D 51 16.08 -21.09 12.10
C SER D 51 16.61 -19.85 12.82
N THR D 52 17.83 -19.48 12.47
CA THR D 52 18.49 -18.27 12.94
C THR D 52 18.26 -17.14 11.95
N PRO D 53 18.47 -15.89 12.37
CA PRO D 53 18.30 -14.77 11.42
C PRO D 53 19.09 -14.94 10.12
N LEU D 54 20.35 -15.39 10.23
CA LEU D 54 21.13 -15.65 9.02
C LEU D 54 20.48 -16.74 8.16
N ILE D 55 20.02 -17.82 8.79
CA ILE D 55 19.45 -18.93 8.04
C ILE D 55 18.15 -18.51 7.36
N ILE D 56 17.28 -17.80 8.07
CA ILE D 56 16.00 -17.40 7.47
C ILE D 56 16.23 -16.37 6.38
N ALA D 57 17.22 -15.48 6.56
CA ALA D 57 17.55 -14.52 5.52
C ALA D 57 18.06 -15.22 4.28
N ALA D 58 18.90 -16.25 4.47
CA ALA D 58 19.41 -17.00 3.32
C ALA D 58 18.30 -17.75 2.61
N ARG D 59 17.40 -18.37 3.39
CA ARG D 59 16.28 -19.11 2.79
C ARG D 59 15.38 -18.18 2.00
N ASN D 60 15.02 -17.04 2.57
CA ASN D 60 14.16 -16.08 1.88
C ASN D 60 14.90 -15.29 0.81
N GLY D 61 16.22 -15.39 0.73
CA GLY D 61 16.97 -14.75 -0.32
C GLY D 61 17.23 -13.27 -0.13
N HIS D 62 17.28 -12.80 1.12
CA HIS D 62 17.54 -11.39 1.41
C HIS D 62 19.05 -11.19 1.46
N ALA D 63 19.63 -10.85 0.31
CA ALA D 63 21.08 -10.74 0.20
C ALA D 63 21.63 -9.58 1.03
N LYS D 64 20.88 -8.49 1.16
CA LYS D 64 21.37 -7.36 1.94
C LYS D 64 21.47 -7.71 3.42
N VAL D 65 20.46 -8.39 3.96
CA VAL D 65 20.52 -8.83 5.36
C VAL D 65 21.67 -9.80 5.56
N VAL D 66 21.89 -10.70 4.60
CA VAL D 66 22.99 -11.66 4.73
C VAL D 66 24.34 -10.96 4.71
N ARG D 67 24.51 -9.99 3.82
CA ARG D 67 25.76 -9.24 3.77
C ARG D 67 25.97 -8.46 5.07
N LEU D 68 24.91 -7.87 5.62
CA LEU D 68 25.04 -7.16 6.88
C LEU D 68 25.45 -8.10 8.01
N LEU D 69 24.79 -9.25 8.11
CA LEU D 69 25.09 -10.18 9.18
C LEU D 69 26.49 -10.77 9.04
N LEU D 70 26.98 -10.92 7.81
CA LEU D 70 28.31 -11.50 7.61
C LEU D 70 29.41 -10.46 7.82
N GLU D 71 29.38 -9.38 7.04
CA GLU D 71 30.48 -8.42 7.07
C GLU D 71 30.53 -7.66 8.39
N HIS D 72 29.38 -7.16 8.86
CA HIS D 72 29.37 -6.28 10.01
C HIS D 72 29.36 -7.07 11.32
N TYR D 73 28.36 -7.92 11.51
CA TYR D 73 28.16 -8.59 12.79
C TYR D 73 28.92 -9.90 12.91
N ARG D 74 29.46 -10.43 11.82
CA ARG D 74 30.32 -11.62 11.83
C ARG D 74 29.60 -12.83 12.41
N VAL D 75 28.39 -13.09 11.90
CA VAL D 75 27.59 -14.21 12.37
C VAL D 75 28.24 -15.51 11.95
N GLN D 76 28.20 -16.51 12.84
CA GLN D 76 28.69 -17.84 12.50
C GLN D 76 27.91 -18.41 11.33
N THR D 77 28.61 -19.13 10.45
CA THR D 77 27.97 -19.77 9.31
C THR D 77 27.60 -21.22 9.58
N GLN D 78 28.17 -21.84 10.61
CA GLN D 78 27.93 -23.25 10.90
C GLN D 78 26.58 -23.50 11.56
N GLN D 79 25.84 -22.46 11.91
CA GLN D 79 24.55 -22.64 12.57
C GLN D 79 23.60 -23.41 11.66
N THR D 80 22.90 -24.39 12.25
CA THR D 80 21.99 -25.24 11.50
C THR D 80 20.59 -25.13 12.09
N GLY D 81 19.59 -25.43 11.26
CA GLY D 81 18.21 -25.41 11.68
C GLY D 81 17.38 -26.33 10.82
N THR D 82 16.06 -26.18 10.95
CA THR D 82 15.09 -26.96 10.20
C THR D 82 14.31 -26.04 9.28
N VAL D 83 14.47 -26.22 7.97
CA VAL D 83 13.77 -25.44 6.97
C VAL D 83 12.66 -26.30 6.38
N ARG D 84 11.63 -25.62 5.86
CA ARG D 84 10.43 -26.30 5.36
C ARG D 84 10.12 -25.79 3.97
N PHE D 85 10.29 -26.66 2.98
CA PHE D 85 9.82 -26.39 1.63
C PHE D 85 8.41 -26.99 1.46
N ASP D 86 7.81 -26.74 0.30
CA ASP D 86 6.43 -27.17 0.08
C ASP D 86 6.31 -28.69 0.14
N GLY D 87 7.40 -29.41 -0.13
CA GLY D 87 7.34 -30.86 -0.19
C GLY D 87 7.83 -31.57 1.05
N TYR D 88 8.96 -31.14 1.60
CA TYR D 88 9.65 -31.91 2.64
C TYR D 88 10.01 -31.00 3.80
N VAL D 89 10.65 -31.60 4.81
CA VAL D 89 11.17 -30.91 5.99
C VAL D 89 12.57 -31.43 6.24
N ILE D 90 13.54 -30.53 6.33
CA ILE D 90 14.96 -30.88 6.37
C ILE D 90 15.56 -30.36 7.67
N ASP D 91 16.27 -31.24 8.38
CA ASP D 91 16.91 -30.89 9.64
C ASP D 91 18.41 -30.67 9.44
N GLY D 92 18.99 -29.86 10.31
CA GLY D 92 20.43 -29.63 10.28
C GLY D 92 20.92 -28.98 9.01
N ALA D 93 20.22 -27.96 8.52
CA ALA D 93 20.59 -27.27 7.29
C ALA D 93 21.22 -25.93 7.64
N THR D 94 22.39 -25.67 7.06
CA THR D 94 23.03 -24.38 7.21
C THR D 94 22.36 -23.35 6.30
N ALA D 95 22.77 -22.09 6.47
CA ALA D 95 22.27 -21.03 5.60
C ALA D 95 22.67 -21.27 4.15
N LEU D 96 23.88 -21.80 3.94
CA LEU D 96 24.35 -22.08 2.59
C LEU D 96 23.50 -23.14 1.92
N TRP D 97 23.15 -24.20 2.66
CA TRP D 97 22.29 -25.24 2.09
C TRP D 97 20.92 -24.69 1.73
N CYS D 98 20.34 -23.87 2.60
CA CYS D 98 19.04 -23.28 2.31
C CYS D 98 19.10 -22.38 1.08
N ALA D 99 20.17 -21.60 0.96
CA ALA D 99 20.31 -20.71 -0.20
C ALA D 99 20.49 -21.51 -1.48
N ALA D 100 21.25 -22.61 -1.43
CA ALA D 100 21.43 -23.44 -2.61
C ALA D 100 20.12 -24.12 -3.00
N GLY D 101 19.35 -24.57 -2.01
CA GLY D 101 18.09 -25.23 -2.31
C GLY D 101 17.05 -24.28 -2.87
N ALA D 102 16.93 -23.09 -2.27
CA ALA D 102 15.94 -22.12 -2.73
C ALA D 102 16.37 -21.35 -3.96
N GLY D 103 17.61 -21.50 -4.39
CA GLY D 103 18.07 -20.87 -5.62
C GLY D 103 18.37 -19.39 -5.50
N HIS D 104 19.12 -19.01 -4.46
CA HIS D 104 19.51 -17.62 -4.23
C HIS D 104 21.01 -17.52 -4.48
N PHE D 105 21.37 -17.16 -5.71
CA PHE D 105 22.78 -17.18 -6.12
C PHE D 105 23.61 -16.19 -5.32
N GLU D 106 23.09 -14.97 -5.11
CA GLU D 106 23.86 -13.95 -4.41
C GLU D 106 24.14 -14.36 -2.97
N VAL D 107 23.17 -14.96 -2.30
CA VAL D 107 23.38 -15.42 -0.93
C VAL D 107 24.42 -16.53 -0.89
N VAL D 108 24.40 -17.43 -1.89
CA VAL D 108 25.39 -18.50 -1.96
C VAL D 108 26.78 -17.90 -2.13
N LYS D 109 26.91 -16.93 -3.03
CA LYS D 109 28.20 -16.25 -3.21
C LYS D 109 28.67 -15.59 -1.92
N LEU D 110 27.76 -14.89 -1.24
CA LEU D 110 28.12 -14.20 0.00
C LEU D 110 28.59 -15.18 1.07
N LEU D 111 27.89 -16.29 1.23
CA LEU D 111 28.24 -17.25 2.26
C LEU D 111 29.54 -17.98 1.92
N VAL D 112 29.70 -18.40 0.68
CA VAL D 112 30.92 -19.11 0.28
C VAL D 112 32.13 -18.20 0.40
N SER D 113 32.00 -16.95 -0.05
CA SER D 113 33.11 -16.01 0.03
C SER D 113 33.45 -15.62 1.47
N HIS D 114 32.55 -15.88 2.42
CA HIS D 114 32.81 -15.64 3.83
C HIS D 114 33.17 -16.92 4.58
N GLY D 115 33.54 -17.97 3.87
CA GLY D 115 34.09 -19.15 4.49
C GLY D 115 33.10 -20.21 4.93
N ALA D 116 31.86 -20.15 4.44
CA ALA D 116 30.90 -21.19 4.79
C ALA D 116 31.33 -22.53 4.22
N ASN D 117 31.06 -23.60 4.96
CA ASN D 117 31.45 -24.94 4.55
C ASN D 117 30.63 -25.35 3.33
N VAL D 118 31.29 -25.47 2.17
CA VAL D 118 30.61 -25.87 0.95
C VAL D 118 30.17 -27.32 0.96
N ASN D 119 30.65 -28.11 1.91
CA ASN D 119 30.35 -29.54 1.98
C ASN D 119 29.68 -29.89 3.31
N HIS D 120 28.80 -29.03 3.79
CA HIS D 120 28.07 -29.32 5.02
C HIS D 120 26.97 -30.34 4.74
N THR D 121 26.71 -31.20 5.72
CA THR D 121 25.85 -32.35 5.56
C THR D 121 24.54 -32.17 6.32
N THR D 122 23.43 -32.43 5.64
CA THR D 122 22.12 -32.53 6.27
C THR D 122 22.04 -33.79 7.13
N VAL D 123 20.96 -33.92 7.89
CA VAL D 123 20.68 -35.20 8.56
C VAL D 123 20.49 -36.30 7.52
N THR D 124 20.00 -35.94 6.34
CA THR D 124 19.96 -36.84 5.19
C THR D 124 21.31 -36.92 4.50
N ASN D 125 22.34 -36.27 5.04
CA ASN D 125 23.68 -36.23 4.44
C ASN D 125 23.64 -35.65 3.02
N SER D 126 22.85 -34.59 2.86
CA SER D 126 22.70 -33.91 1.57
C SER D 126 23.53 -32.63 1.57
N THR D 127 24.49 -32.57 0.66
CA THR D 127 25.27 -31.36 0.49
C THR D 127 24.43 -30.29 -0.20
N PRO D 128 24.80 -29.01 -0.06
CA PRO D 128 24.12 -27.97 -0.84
C PRO D 128 24.25 -28.18 -2.34
N LEU D 129 25.33 -28.83 -2.79
CA LEU D 129 25.45 -29.17 -4.20
C LEU D 129 24.35 -30.12 -4.64
N ARG D 130 23.99 -31.08 -3.79
CA ARG D 130 22.88 -31.97 -4.14
C ARG D 130 21.58 -31.20 -4.21
N ALA D 131 21.39 -30.21 -3.33
CA ALA D 131 20.19 -29.38 -3.40
C ALA D 131 20.13 -28.60 -4.71
N ALA D 132 21.27 -28.03 -5.13
CA ALA D 132 21.31 -27.28 -6.38
C ALA D 132 21.11 -28.18 -7.59
N CYS D 133 21.58 -29.43 -7.51
CA CYS D 133 21.37 -30.36 -8.62
C CYS D 133 19.93 -30.87 -8.67
N PHE D 134 19.31 -31.05 -7.51
CA PHE D 134 17.88 -31.35 -7.45
C PHE D 134 17.08 -30.22 -8.08
N ASP D 135 17.41 -28.98 -7.72
CA ASP D 135 16.69 -27.83 -8.27
C ASP D 135 16.95 -27.66 -9.76
N GLY D 136 18.11 -28.10 -10.24
CA GLY D 136 18.46 -27.89 -11.63
C GLY D 136 19.05 -26.54 -11.92
N ARG D 137 19.68 -25.92 -10.93
CA ARG D 137 20.28 -24.58 -11.08
C ARG D 137 21.73 -24.77 -11.50
N LEU D 138 21.99 -24.68 -12.80
CA LEU D 138 23.35 -24.89 -13.30
C LEU D 138 24.32 -23.84 -12.78
N ASP D 139 23.85 -22.61 -12.58
CA ASP D 139 24.75 -21.55 -12.12
C ASP D 139 25.28 -21.85 -10.73
N ILE D 140 24.39 -22.20 -9.79
CA ILE D 140 24.82 -22.50 -8.44
C ILE D 140 25.68 -23.76 -8.41
N VAL D 141 25.33 -24.75 -9.24
CA VAL D 141 26.12 -25.99 -9.30
C VAL D 141 27.54 -25.68 -9.75
N LYS D 142 27.68 -24.92 -10.84
CA LYS D 142 28.99 -24.56 -11.34
C LYS D 142 29.78 -23.75 -10.32
N TYR D 143 29.12 -22.80 -9.65
CA TYR D 143 29.81 -21.98 -8.66
C TYR D 143 30.31 -22.84 -7.50
N LEU D 144 29.47 -23.75 -7.00
CA LEU D 144 29.87 -24.59 -5.88
C LEU D 144 31.01 -25.54 -6.28
N VAL D 145 30.89 -26.19 -7.43
CA VAL D 145 31.94 -27.11 -7.88
C VAL D 145 33.25 -26.35 -8.07
N GLU D 146 33.18 -25.14 -8.63
CA GLU D 146 34.38 -24.32 -8.80
C GLU D 146 34.94 -23.80 -7.49
N ASN D 147 34.23 -23.99 -6.38
CA ASN D 147 34.71 -23.60 -5.06
C ASN D 147 34.86 -24.83 -4.16
N ASN D 148 35.35 -25.93 -4.74
CA ASN D 148 35.74 -27.13 -4.00
C ASN D 148 34.56 -27.81 -3.31
N ALA D 149 33.42 -27.88 -3.99
CA ALA D 149 32.31 -28.70 -3.50
C ALA D 149 32.54 -30.14 -3.91
N ASN D 150 32.45 -31.05 -2.93
CA ASN D 150 32.73 -32.46 -3.20
C ASN D 150 31.59 -33.07 -4.00
N ILE D 151 31.89 -33.50 -5.23
CA ILE D 151 30.87 -34.05 -6.11
C ILE D 151 30.45 -35.45 -5.70
N SER D 152 31.25 -36.14 -4.90
CA SER D 152 31.06 -37.55 -4.62
C SER D 152 30.39 -37.84 -3.29
N ILE D 153 29.93 -36.82 -2.58
CA ILE D 153 29.26 -37.00 -1.29
C ILE D 153 27.77 -37.23 -1.55
N ALA D 154 27.30 -38.44 -1.29
CA ALA D 154 25.92 -38.81 -1.49
C ALA D 154 25.14 -38.76 -0.18
N ASN D 155 23.82 -38.92 -0.29
CA ASN D 155 22.96 -38.85 0.88
C ASN D 155 23.00 -40.16 1.67
N LYS D 156 22.02 -40.36 2.56
CA LYS D 156 22.00 -41.56 3.38
C LYS D 156 21.57 -42.80 2.60
N TYR D 157 21.16 -42.66 1.34
CA TYR D 157 20.85 -43.78 0.48
C TYR D 157 21.89 -43.98 -0.62
N ASP D 158 23.07 -43.36 -0.47
CA ASP D 158 24.14 -43.43 -1.48
C ASP D 158 23.65 -42.92 -2.83
N ASN D 159 22.78 -41.91 -2.81
CA ASN D 159 22.27 -41.28 -4.02
C ASN D 159 23.14 -40.06 -4.32
N THR D 160 23.97 -40.16 -5.35
CA THR D 160 24.92 -39.11 -5.67
C THR D 160 24.21 -37.94 -6.36
N CYS D 161 24.96 -36.86 -6.57
CA CYS D 161 24.42 -35.71 -7.28
C CYS D 161 24.06 -36.07 -8.71
N LEU D 162 24.87 -36.93 -9.34
CA LEU D 162 24.58 -37.34 -10.71
C LEU D 162 23.28 -38.12 -10.81
N MET D 163 23.01 -38.97 -9.81
CA MET D 163 21.79 -39.77 -9.83
C MET D 163 20.55 -38.90 -9.80
N ILE D 164 20.48 -37.96 -8.86
CA ILE D 164 19.31 -37.09 -8.74
C ILE D 164 19.23 -36.15 -9.93
N ALA D 165 20.39 -35.69 -10.44
CA ALA D 165 20.39 -34.83 -11.60
C ALA D 165 19.84 -35.55 -12.83
N ALA D 166 20.16 -36.83 -12.97
CA ALA D 166 19.65 -37.60 -14.10
C ALA D 166 18.18 -37.98 -13.91
N TYR D 167 17.75 -38.24 -12.67
CA TYR D 167 16.35 -38.59 -12.44
C TYR D 167 15.44 -37.39 -12.66
N LYS D 168 15.87 -36.20 -12.25
CA LYS D 168 15.04 -35.02 -12.39
C LYS D 168 15.00 -34.49 -13.82
N GLY D 169 15.92 -34.91 -14.68
CA GLY D 169 15.87 -34.56 -16.08
C GLY D 169 16.63 -33.33 -16.50
N HIS D 170 17.47 -32.77 -15.62
CA HIS D 170 18.25 -31.59 -15.97
C HIS D 170 19.48 -32.04 -16.74
N THR D 171 19.40 -31.96 -18.07
CA THR D 171 20.46 -32.51 -18.91
C THR D 171 21.76 -31.73 -18.75
N ASP D 172 21.67 -30.41 -18.61
CA ASP D 172 22.88 -29.58 -18.57
C ASP D 172 23.71 -29.87 -17.34
N VAL D 173 23.07 -30.02 -16.18
CA VAL D 173 23.84 -30.31 -14.97
C VAL D 173 24.44 -31.71 -15.04
N VAL D 174 23.78 -32.65 -15.73
CA VAL D 174 24.36 -33.96 -15.92
C VAL D 174 25.61 -33.87 -16.79
N ARG D 175 25.53 -33.12 -17.89
CA ARG D 175 26.71 -32.91 -18.73
C ARG D 175 27.85 -32.28 -17.93
N TYR D 176 27.53 -31.28 -17.10
CA TYR D 176 28.57 -30.61 -16.34
C TYR D 176 29.20 -31.55 -15.32
N LEU D 177 28.38 -32.31 -14.58
CA LEU D 177 28.92 -33.23 -13.59
C LEU D 177 29.77 -34.30 -14.24
N LEU D 178 29.34 -34.82 -15.40
CA LEU D 178 30.13 -35.82 -16.09
C LEU D 178 31.47 -35.24 -16.57
N GLU D 179 31.44 -34.02 -17.11
CA GLU D 179 32.70 -33.38 -17.50
C GLU D 179 33.59 -33.06 -16.30
N GLN D 180 33.01 -32.94 -15.11
CA GLN D 180 33.78 -32.77 -13.88
C GLN D 180 34.24 -34.09 -13.29
N ARG D 181 34.23 -35.16 -14.09
CA ARG D 181 34.75 -36.47 -13.70
C ARG D 181 33.99 -37.04 -12.50
N ALA D 182 32.67 -36.87 -12.50
CA ALA D 182 31.84 -37.58 -11.53
C ALA D 182 31.71 -39.04 -11.95
N ASP D 183 31.87 -39.94 -10.98
CA ASP D 183 31.82 -41.37 -11.26
C ASP D 183 30.44 -41.75 -11.77
N PRO D 184 30.31 -42.22 -13.01
CA PRO D 184 28.99 -42.63 -13.50
C PRO D 184 28.54 -43.96 -12.95
N ASN D 185 29.47 -44.80 -12.46
CA ASN D 185 29.17 -46.15 -12.03
C ASN D 185 28.91 -46.25 -10.52
N ALA D 186 28.52 -45.16 -9.89
CA ALA D 186 28.17 -45.22 -8.48
C ALA D 186 26.85 -45.97 -8.30
N LYS D 187 26.76 -46.76 -7.24
CA LYS D 187 25.59 -47.56 -6.95
C LYS D 187 24.96 -47.09 -5.65
N ALA D 188 23.64 -46.94 -5.66
CA ALA D 188 22.90 -46.46 -4.50
C ALA D 188 22.75 -47.59 -3.48
N HIS D 189 21.93 -47.35 -2.44
CA HIS D 189 21.67 -48.40 -1.46
C HIS D 189 21.01 -49.60 -2.11
N CYS D 190 20.05 -49.38 -3.00
CA CYS D 190 19.38 -50.44 -3.73
C CYS D 190 20.17 -50.90 -4.96
N GLY D 191 21.48 -50.63 -5.00
CA GLY D 191 22.31 -51.04 -6.10
C GLY D 191 22.08 -50.32 -7.41
N ALA D 192 21.11 -49.42 -7.48
CA ALA D 192 20.80 -48.72 -8.72
C ALA D 192 21.87 -47.67 -9.03
N THR D 193 22.08 -47.44 -10.32
CA THR D 193 23.02 -46.44 -10.80
C THR D 193 22.25 -45.28 -11.44
N ALA D 194 23.01 -44.30 -11.95
CA ALA D 194 22.39 -43.14 -12.57
C ALA D 194 21.65 -43.51 -13.85
N LEU D 195 22.19 -44.48 -14.60
CA LEU D 195 21.54 -44.89 -15.84
C LEU D 195 20.18 -45.52 -15.58
N HIS D 196 20.03 -46.24 -14.46
CA HIS D 196 18.73 -46.80 -14.10
C HIS D 196 17.70 -45.69 -13.90
N PHE D 197 18.07 -44.64 -13.17
CA PHE D 197 17.15 -43.52 -12.96
C PHE D 197 16.85 -42.81 -14.27
N ALA D 198 17.86 -42.63 -15.12
CA ALA D 198 17.65 -41.97 -16.40
C ALA D 198 16.68 -42.77 -17.28
N ALA D 199 16.79 -44.11 -17.24
CA ALA D 199 15.91 -44.93 -18.06
C ALA D 199 14.50 -44.97 -17.48
N GLU D 200 14.37 -45.04 -16.16
CA GLU D 200 13.05 -45.09 -15.54
C GLU D 200 12.23 -43.85 -15.88
N ALA D 201 12.85 -42.67 -15.78
CA ALA D 201 12.15 -41.42 -16.04
C ALA D 201 12.01 -41.11 -17.52
N GLY D 202 12.76 -41.80 -18.38
CA GLY D 202 12.59 -41.62 -19.82
C GLY D 202 13.25 -40.40 -20.39
N HIS D 203 14.37 -39.96 -19.80
CA HIS D 203 15.10 -38.79 -20.31
C HIS D 203 16.10 -39.27 -21.36
N ILE D 204 15.81 -38.98 -22.63
CA ILE D 204 16.56 -39.57 -23.73
C ILE D 204 17.98 -39.00 -23.78
N ASP D 205 18.10 -37.67 -23.73
CA ASP D 205 19.40 -37.03 -23.89
C ASP D 205 20.34 -37.34 -22.72
N ILE D 206 19.79 -37.52 -21.51
CA ILE D 206 20.62 -37.89 -20.38
C ILE D 206 21.18 -39.30 -20.58
N VAL D 207 20.35 -40.21 -21.13
CA VAL D 207 20.84 -41.55 -21.45
C VAL D 207 21.91 -41.48 -22.53
N LYS D 208 21.70 -40.62 -23.54
CA LYS D 208 22.73 -40.42 -24.57
C LYS D 208 24.05 -39.98 -23.95
N GLU D 209 23.98 -39.01 -23.04
CA GLU D 209 25.20 -38.49 -22.43
C GLU D 209 25.88 -39.53 -21.54
N LEU D 210 25.08 -40.33 -20.84
CA LEU D 210 25.65 -41.37 -19.98
C LEU D 210 26.33 -42.46 -20.82
N ILE D 211 25.70 -42.85 -21.94
CA ILE D 211 26.32 -43.82 -22.83
C ILE D 211 27.60 -43.25 -23.44
N LYS D 212 27.58 -41.94 -23.77
CA LYS D 212 28.76 -41.29 -24.30
C LYS D 212 29.93 -41.37 -23.34
N TRP D 213 29.66 -41.36 -22.04
CA TRP D 213 30.69 -41.44 -21.01
C TRP D 213 30.97 -42.87 -20.57
N ARG D 214 30.57 -43.86 -21.37
CA ARG D 214 30.85 -45.27 -21.11
C ARG D 214 30.31 -45.70 -19.74
N ALA D 215 29.00 -45.52 -19.58
CA ALA D 215 28.33 -45.92 -18.35
C ALA D 215 28.27 -47.44 -18.27
N ALA D 216 28.89 -48.00 -17.24
CA ALA D 216 28.95 -49.45 -17.09
C ALA D 216 27.56 -50.00 -16.79
N ILE D 217 27.12 -50.94 -17.62
CA ILE D 217 25.83 -51.60 -17.40
C ILE D 217 25.95 -52.54 -16.21
N VAL D 218 24.90 -52.60 -15.39
CA VAL D 218 24.92 -53.43 -14.18
C VAL D 218 23.48 -53.67 -13.75
N VAL D 219 23.30 -54.70 -12.92
CA VAL D 219 21.99 -55.02 -12.36
C VAL D 219 21.82 -54.28 -11.03
N ASN D 220 20.58 -54.07 -10.63
CA ASN D 220 20.27 -53.36 -9.40
C ASN D 220 19.95 -54.36 -8.29
N GLY D 221 19.32 -53.88 -7.21
CA GLY D 221 18.97 -54.76 -6.11
C GLY D 221 17.84 -55.71 -6.43
N HIS D 222 16.92 -55.29 -7.29
CA HIS D 222 15.83 -56.15 -7.74
C HIS D 222 16.23 -57.06 -8.89
N GLY D 223 17.47 -56.94 -9.38
CA GLY D 223 17.93 -57.74 -10.49
C GLY D 223 17.71 -57.13 -11.86
N MET D 224 17.19 -55.92 -11.93
CA MET D 224 16.86 -55.28 -13.20
C MET D 224 18.06 -54.54 -13.77
N THR D 225 18.15 -54.53 -15.09
CA THR D 225 19.11 -53.73 -15.83
C THR D 225 18.42 -52.51 -16.42
N PRO D 226 19.17 -51.47 -16.78
CA PRO D 226 18.55 -50.30 -17.43
C PRO D 226 17.65 -50.67 -18.60
N LEU D 227 18.02 -51.67 -19.41
CA LEU D 227 17.13 -52.14 -20.46
C LEU D 227 15.83 -52.68 -19.87
N LYS D 228 15.93 -53.49 -18.82
CA LYS D 228 14.73 -54.07 -18.22
C LYS D 228 13.88 -53.01 -17.52
N VAL D 229 14.52 -52.05 -16.86
CA VAL D 229 13.78 -50.97 -16.22
C VAL D 229 13.05 -50.13 -17.25
N ALA D 230 13.71 -49.86 -18.39
CA ALA D 230 13.07 -49.08 -19.44
C ALA D 230 11.94 -49.86 -20.09
N ALA D 231 12.11 -51.16 -20.28
CA ALA D 231 11.06 -51.97 -20.91
C ALA D 231 9.86 -52.13 -20.00
N GLU D 232 10.09 -52.24 -18.68
CA GLU D 232 8.99 -52.36 -17.74
C GLU D 232 8.17 -51.08 -17.67
N SER D 233 8.82 -49.92 -17.84
CA SER D 233 8.15 -48.63 -17.73
C SER D 233 7.63 -48.12 -19.06
N CYS D 234 7.57 -48.97 -20.09
CA CYS D 234 7.06 -48.65 -21.42
C CYS D 234 7.86 -47.55 -22.12
N LYS D 235 9.05 -47.21 -21.62
CA LYS D 235 9.89 -46.18 -22.24
C LYS D 235 10.54 -46.80 -23.48
N ALA D 236 9.77 -46.83 -24.57
CA ALA D 236 10.22 -47.52 -25.77
C ALA D 236 11.39 -46.81 -26.44
N ASP D 237 11.39 -45.48 -26.42
CA ASP D 237 12.51 -44.74 -26.98
C ASP D 237 13.81 -45.09 -26.28
N VAL D 238 13.76 -45.19 -24.94
CA VAL D 238 14.95 -45.55 -24.17
C VAL D 238 15.44 -46.93 -24.55
N VAL D 239 14.51 -47.88 -24.72
CA VAL D 239 14.89 -49.25 -25.07
C VAL D 239 15.56 -49.28 -26.44
N GLU D 240 14.92 -48.64 -27.44
CA GLU D 240 15.48 -48.66 -28.79
C GLU D 240 16.82 -47.94 -28.85
N LEU D 241 17.01 -46.90 -28.04
CA LEU D 241 18.28 -46.18 -28.05
C LEU D 241 19.37 -46.97 -27.35
N LEU D 242 19.02 -47.65 -26.26
CA LEU D 242 20.01 -48.38 -25.46
C LEU D 242 20.37 -49.73 -26.07
N LEU D 243 19.51 -50.29 -26.92
CA LEU D 243 19.81 -51.60 -27.51
C LEU D 243 21.03 -51.58 -28.42
N SER D 244 21.49 -50.39 -28.83
CA SER D 244 22.63 -50.28 -29.74
C SER D 244 23.98 -50.47 -29.04
N HIS D 245 24.00 -51.00 -27.83
CA HIS D 245 25.23 -51.19 -27.10
C HIS D 245 25.98 -52.42 -27.61
N ALA D 246 27.30 -52.45 -27.35
CA ALA D 246 28.13 -53.54 -27.83
C ALA D 246 27.96 -54.79 -26.99
N ASP D 247 27.95 -54.66 -25.66
CA ASP D 247 27.80 -55.81 -24.78
C ASP D 247 26.40 -56.40 -24.78
N CYS D 248 25.47 -55.81 -25.52
CA CYS D 248 24.10 -56.32 -25.58
C CYS D 248 24.08 -57.62 -26.37
N ASP D 249 23.86 -58.74 -25.68
CA ASP D 249 23.73 -60.02 -26.36
C ASP D 249 22.33 -60.18 -26.95
N ARG D 250 22.16 -61.21 -27.78
CA ARG D 250 20.89 -61.43 -28.45
C ARG D 250 19.80 -61.84 -27.46
N ARG D 251 20.17 -62.67 -26.47
CA ARG D 251 19.19 -63.12 -25.48
C ARG D 251 18.56 -61.95 -24.74
N SER D 252 19.40 -61.06 -24.19
CA SER D 252 18.89 -59.92 -23.46
C SER D 252 18.14 -58.94 -24.36
N ARG D 253 18.57 -58.82 -25.62
CA ARG D 253 17.84 -57.95 -26.55
C ARG D 253 16.42 -58.45 -26.78
N ILE D 254 16.28 -59.74 -27.05
CA ILE D 254 14.95 -60.32 -27.25
C ILE D 254 14.13 -60.22 -25.95
N GLU D 255 14.79 -60.42 -24.81
CA GLU D 255 14.10 -60.30 -23.53
C GLU D 255 13.54 -58.89 -23.34
N ALA D 256 14.35 -57.87 -23.63
CA ALA D 256 13.90 -56.50 -23.48
C ALA D 256 12.77 -56.16 -24.45
N LEU D 257 12.89 -56.64 -25.69
CA LEU D 257 11.83 -56.39 -26.67
C LEU D 257 10.51 -57.00 -26.21
N GLU D 258 10.55 -58.26 -25.76
CA GLU D 258 9.31 -58.91 -25.32
C GLU D 258 8.76 -58.26 -24.07
N LEU D 259 9.63 -57.84 -23.14
CA LEU D 259 9.15 -57.18 -21.93
C LEU D 259 8.50 -55.84 -22.26
N LEU D 260 9.07 -55.09 -23.20
CA LEU D 260 8.47 -53.83 -23.60
C LEU D 260 7.11 -54.06 -24.25
N GLY D 261 7.04 -55.01 -25.19
CA GLY D 261 5.76 -55.30 -25.82
C GLY D 261 4.71 -55.75 -24.83
N ALA D 262 5.11 -56.52 -23.82
CA ALA D 262 4.16 -56.99 -22.82
C ALA D 262 3.71 -55.86 -21.91
N SER D 263 4.65 -55.00 -21.48
CA SER D 263 4.28 -53.89 -20.60
C SER D 263 3.40 -52.88 -21.31
N PHE D 264 3.51 -52.78 -22.63
CA PHE D 264 2.61 -51.91 -23.38
C PHE D 264 1.15 -52.35 -23.30
N ALA D 265 0.86 -53.52 -22.73
CA ALA D 265 -0.47 -54.11 -22.83
C ALA D 265 -1.38 -53.75 -21.66
N ASN D 266 -0.84 -53.65 -20.44
CA ASN D 266 -1.68 -53.40 -19.27
C ASN D 266 -1.16 -52.23 -18.44
N ASP D 267 -0.50 -51.27 -19.07
CA ASP D 267 -0.14 -50.02 -18.44
C ASP D 267 -1.25 -49.00 -18.72
N ARG D 268 -1.74 -48.37 -17.66
CA ARG D 268 -2.96 -47.56 -17.78
C ARG D 268 -2.75 -46.36 -18.69
N GLU D 269 -1.74 -45.54 -18.40
CA GLU D 269 -1.47 -44.35 -19.21
C GLU D 269 -0.43 -44.61 -20.30
N ASN D 270 -0.19 -45.89 -20.64
CA ASN D 270 0.69 -46.22 -21.77
C ASN D 270 0.07 -47.31 -22.63
N TYR D 271 -1.24 -47.51 -22.54
CA TYR D 271 -1.93 -48.62 -23.21
C TYR D 271 -1.94 -48.36 -24.72
N ASP D 272 -0.86 -48.78 -25.37
CA ASP D 272 -0.74 -48.76 -26.82
C ASP D 272 -0.89 -50.21 -27.30
N ILE D 273 -2.10 -50.59 -27.68
CA ILE D 273 -2.37 -51.98 -28.05
C ILE D 273 -1.56 -52.38 -29.28
N MET D 274 -1.36 -51.46 -30.21
CA MET D 274 -0.63 -51.77 -31.43
C MET D 274 0.82 -52.12 -31.13
N LYS D 275 1.47 -51.33 -30.27
CA LYS D 275 2.90 -51.52 -30.00
C LYS D 275 3.16 -52.83 -29.26
N THR D 276 2.19 -53.30 -28.47
CA THR D 276 2.30 -54.62 -27.85
C THR D 276 2.63 -55.68 -28.90
N TYR D 277 1.71 -55.87 -29.85
CA TYR D 277 1.93 -56.87 -30.87
C TYR D 277 3.11 -56.53 -31.76
N HIS D 278 3.36 -55.23 -32.01
CA HIS D 278 4.52 -54.85 -32.79
C HIS D 278 5.80 -55.43 -32.20
N TYR D 279 6.06 -55.13 -30.92
CA TYR D 279 7.31 -55.56 -30.31
C TYR D 279 7.32 -57.06 -30.05
N LEU D 280 6.18 -57.65 -29.70
CA LEU D 280 6.13 -59.09 -29.51
C LEU D 280 6.47 -59.82 -30.81
N TYR D 281 5.86 -59.41 -31.91
CA TYR D 281 6.11 -60.05 -33.20
C TYR D 281 7.52 -59.78 -33.68
N LEU D 282 8.06 -58.58 -33.41
CA LEU D 282 9.43 -58.29 -33.78
C LEU D 282 10.40 -59.22 -33.06
N ALA D 283 10.20 -59.39 -31.74
CA ALA D 283 11.06 -60.29 -30.99
C ALA D 283 10.89 -61.73 -31.43
N MET D 284 9.66 -62.12 -31.79
CA MET D 284 9.44 -63.49 -32.27
C MET D 284 10.18 -63.74 -33.58
N LEU D 285 10.06 -62.80 -34.53
CA LEU D 285 10.77 -62.93 -35.80
C LEU D 285 12.27 -62.91 -35.59
N GLU D 286 12.77 -62.15 -34.62
CA GLU D 286 14.20 -62.17 -34.32
C GLU D 286 14.61 -63.50 -33.72
N ARG D 287 13.74 -64.13 -32.94
CA ARG D 287 14.01 -65.47 -32.44
C ARG D 287 14.04 -66.49 -33.59
N PHE D 288 13.18 -66.29 -34.59
CA PHE D 288 13.03 -67.24 -35.70
C PHE D 288 13.80 -66.82 -36.95
N GLN D 289 14.89 -66.06 -36.80
CA GLN D 289 15.67 -65.63 -37.96
C GLN D 289 16.42 -66.81 -38.57
N ASP D 290 17.38 -67.36 -37.84
CA ASP D 290 18.15 -68.50 -38.31
C ASP D 290 17.48 -69.79 -37.84
N GLY D 291 17.21 -70.69 -38.78
CA GLY D 291 16.45 -71.89 -38.48
C GLY D 291 17.28 -73.12 -38.13
N ASP D 292 18.53 -72.91 -37.71
CA ASP D 292 19.39 -74.01 -37.29
C ASP D 292 19.53 -74.11 -35.78
N ASN D 293 19.59 -72.96 -35.07
CA ASN D 293 19.61 -72.92 -33.62
C ASN D 293 18.66 -71.79 -33.18
N ILE D 294 17.36 -72.01 -33.40
CA ILE D 294 16.36 -71.04 -32.98
C ILE D 294 16.37 -70.92 -31.46
N LEU D 295 16.72 -69.73 -30.96
CA LEU D 295 16.69 -69.49 -29.53
C LEU D 295 15.25 -69.56 -29.05
N GLU D 296 14.80 -70.77 -28.69
CA GLU D 296 13.40 -70.99 -28.36
C GLU D 296 13.13 -70.63 -26.91
N LYS D 297 11.94 -70.08 -26.66
CA LYS D 297 11.58 -69.60 -25.33
C LYS D 297 11.16 -70.77 -24.44
N GLU D 298 11.76 -70.84 -23.25
CA GLU D 298 11.36 -71.83 -22.26
C GLU D 298 10.09 -71.34 -21.58
N VAL D 299 8.94 -71.77 -22.11
CA VAL D 299 7.66 -71.26 -21.64
C VAL D 299 7.34 -71.82 -20.26
N LEU D 300 6.43 -71.13 -19.57
CA LEU D 300 5.97 -71.46 -18.23
C LEU D 300 4.64 -72.20 -18.30
N PRO D 301 4.30 -73.00 -17.28
CA PRO D 301 3.02 -73.70 -17.27
C PRO D 301 1.85 -72.74 -17.31
N PRO D 302 0.69 -73.17 -17.78
CA PRO D 302 -0.47 -72.28 -17.87
C PRO D 302 -1.02 -71.92 -16.49
N ILE D 303 -1.75 -70.82 -16.44
CA ILE D 303 -2.35 -70.31 -15.22
C ILE D 303 -3.83 -70.06 -15.49
N HIS D 304 -4.68 -70.43 -14.53
CA HIS D 304 -6.12 -70.31 -14.73
C HIS D 304 -6.57 -68.86 -14.82
N ALA D 305 -5.89 -67.95 -14.12
CA ALA D 305 -6.28 -66.55 -14.14
C ALA D 305 -6.14 -65.93 -15.52
N TYR D 306 -5.37 -66.55 -16.41
CA TYR D 306 -5.16 -66.06 -17.76
C TYR D 306 -5.94 -66.87 -18.80
N GLY D 307 -6.93 -67.64 -18.36
CA GLY D 307 -7.70 -68.46 -19.28
C GLY D 307 -7.00 -69.72 -19.73
N ASN D 308 -6.08 -70.25 -18.93
CA ASN D 308 -5.28 -71.43 -19.22
C ASN D 308 -4.42 -71.28 -20.48
N ARG D 309 -4.38 -70.08 -21.06
CA ARG D 309 -3.61 -69.87 -22.27
C ARG D 309 -2.11 -69.94 -21.98
N THR D 310 -1.37 -70.51 -22.91
CA THR D 310 0.09 -70.57 -22.85
C THR D 310 0.69 -69.52 -23.77
N GLU D 311 1.87 -69.03 -23.42
CA GLU D 311 2.53 -68.00 -24.21
C GLU D 311 2.84 -68.54 -25.61
N CYS D 312 2.70 -67.66 -26.60
CA CYS D 312 2.94 -68.05 -27.99
C CYS D 312 4.41 -68.41 -28.18
N ARG D 313 4.64 -69.55 -28.84
CA ARG D 313 5.98 -70.07 -29.04
C ARG D 313 6.47 -69.97 -30.48
N ASN D 314 5.60 -69.65 -31.43
CA ASN D 314 6.01 -69.54 -32.83
C ASN D 314 5.20 -68.41 -33.46
N PRO D 315 5.69 -67.82 -34.56
CA PRO D 315 4.98 -66.68 -35.16
C PRO D 315 3.52 -66.95 -35.47
N GLN D 316 3.16 -68.19 -35.84
CA GLN D 316 1.77 -68.49 -36.21
C GLN D 316 0.82 -68.18 -35.06
N GLU D 317 1.19 -68.55 -33.83
CA GLU D 317 0.32 -68.30 -32.68
C GLU D 317 0.13 -66.81 -32.45
N LEU D 318 1.21 -66.02 -32.58
CA LEU D 318 1.12 -64.59 -32.37
C LEU D 318 0.20 -63.94 -33.39
N GLU D 319 0.41 -64.25 -34.68
CA GLU D 319 -0.50 -63.69 -35.69
C GLU D 319 -1.89 -64.28 -35.58
N ALA D 320 -2.05 -65.43 -34.93
CA ALA D 320 -3.39 -65.96 -34.68
C ALA D 320 -4.13 -65.10 -33.66
N ILE D 321 -3.42 -64.67 -32.60
CA ILE D 321 -4.08 -63.84 -31.60
C ILE D 321 -4.01 -62.36 -31.91
N ARG D 322 -3.34 -61.97 -33.02
CA ARG D 322 -3.21 -60.57 -33.39
C ARG D 322 -4.48 -59.75 -33.19
N GLN D 323 -5.63 -60.26 -33.65
CA GLN D 323 -6.86 -59.48 -33.61
C GLN D 323 -7.70 -59.74 -32.36
N ASP D 324 -7.16 -60.47 -31.38
CA ASP D 324 -7.86 -60.73 -30.13
C ASP D 324 -7.12 -60.00 -29.01
N ARG D 325 -7.63 -58.83 -28.63
CA ARG D 325 -6.95 -58.07 -27.58
C ARG D 325 -7.03 -58.80 -26.24
N ASP D 326 -8.22 -59.25 -25.83
CA ASP D 326 -8.33 -60.05 -24.59
C ASP D 326 -7.17 -61.03 -24.43
N ALA D 327 -6.93 -61.81 -25.49
CA ALA D 327 -5.77 -62.70 -25.52
C ALA D 327 -4.45 -61.95 -25.50
N LEU D 328 -4.37 -60.77 -26.14
CA LEU D 328 -3.11 -60.01 -26.13
C LEU D 328 -2.79 -59.45 -24.74
N HIS D 329 -3.81 -58.93 -24.06
CA HIS D 329 -3.72 -58.58 -22.64
C HIS D 329 -3.17 -59.74 -21.82
N MET D 330 -3.80 -60.92 -21.96
CA MET D 330 -3.32 -62.09 -21.21
C MET D 330 -1.89 -62.44 -21.60
N GLU D 331 -1.55 -62.26 -22.88
CA GLU D 331 -0.19 -62.54 -23.36
C GLU D 331 0.82 -61.60 -22.73
N GLY D 332 0.50 -60.31 -22.69
CA GLY D 332 1.37 -59.36 -22.02
C GLY D 332 1.56 -59.69 -20.56
N LEU D 333 0.48 -60.08 -19.88
CA LEU D 333 0.58 -60.43 -18.48
C LEU D 333 1.49 -61.64 -18.27
N ILE D 334 1.33 -62.68 -19.10
CA ILE D 334 2.14 -63.88 -18.92
C ILE D 334 3.60 -63.62 -19.29
N VAL D 335 3.84 -62.78 -20.30
CA VAL D 335 5.22 -62.45 -20.67
C VAL D 335 5.88 -61.65 -19.56
N ARG D 336 5.14 -60.74 -18.93
CA ARG D 336 5.68 -60.01 -17.78
C ARG D 336 6.00 -60.95 -16.64
N GLU D 337 5.08 -61.86 -16.32
CA GLU D 337 5.32 -62.80 -15.22
C GLU D 337 6.49 -63.72 -15.51
N ARG D 338 6.74 -64.03 -16.79
CA ARG D 338 7.89 -64.85 -17.14
C ARG D 338 9.20 -64.07 -17.06
N ILE D 339 9.21 -62.83 -17.54
CA ILE D 339 10.45 -62.09 -17.67
C ILE D 339 10.88 -61.47 -16.34
N LEU D 340 9.96 -60.77 -15.66
CA LEU D 340 10.31 -60.08 -14.43
C LEU D 340 10.60 -61.04 -13.29
N GLY D 341 10.08 -62.25 -13.34
CA GLY D 341 10.18 -63.16 -12.22
C GLY D 341 8.89 -63.17 -11.41
N ALA D 342 8.63 -64.32 -10.76
CA ALA D 342 7.39 -64.46 -10.01
C ALA D 342 7.34 -63.54 -8.80
N ASP D 343 8.49 -63.21 -8.23
CA ASP D 343 8.57 -62.41 -7.01
C ASP D 343 9.23 -61.06 -7.34
N ASN D 344 8.42 -60.16 -7.87
CA ASN D 344 8.83 -58.77 -8.09
C ASN D 344 7.64 -57.87 -7.83
N ILE D 345 7.92 -56.69 -7.27
CA ILE D 345 6.85 -55.81 -6.82
C ILE D 345 6.02 -55.31 -8.01
N ASP D 346 6.68 -54.87 -9.08
CA ASP D 346 5.98 -54.27 -10.20
C ASP D 346 5.33 -55.31 -11.11
N VAL D 347 4.78 -56.38 -10.54
CA VAL D 347 4.19 -57.46 -11.34
C VAL D 347 2.69 -57.45 -11.14
N SER D 348 2.26 -57.07 -9.94
CA SER D 348 0.85 -57.24 -9.58
C SER D 348 -0.04 -56.13 -10.13
N HIS D 349 0.46 -54.91 -10.24
CA HIS D 349 -0.41 -53.79 -10.54
C HIS D 349 -1.04 -53.85 -11.94
N PRO D 350 -0.37 -54.34 -12.99
CA PRO D 350 -1.10 -54.48 -14.27
C PRO D 350 -2.16 -55.56 -14.22
N ILE D 351 -1.92 -56.63 -13.46
CA ILE D 351 -2.94 -57.66 -13.25
C ILE D 351 -4.17 -57.05 -12.58
N ILE D 352 -3.95 -56.25 -11.53
CA ILE D 352 -5.08 -55.64 -10.84
C ILE D 352 -5.79 -54.63 -11.74
N TYR D 353 -5.04 -53.92 -12.60
CA TYR D 353 -5.68 -52.97 -13.51
C TYR D 353 -6.56 -53.69 -14.53
N ARG D 354 -6.07 -54.80 -15.08
CA ARG D 354 -6.89 -55.57 -16.03
C ARG D 354 -8.11 -56.16 -15.32
N GLY D 355 -7.95 -56.60 -14.07
CA GLY D 355 -9.09 -57.06 -13.31
C GLY D 355 -10.12 -55.97 -13.09
N ALA D 356 -9.66 -54.76 -12.79
CA ALA D 356 -10.59 -53.65 -12.60
C ALA D 356 -11.31 -53.30 -13.90
N VAL D 357 -10.60 -53.37 -15.03
CA VAL D 357 -11.24 -53.14 -16.33
C VAL D 357 -12.34 -54.17 -16.55
N TYR D 358 -12.04 -55.43 -16.27
CA TYR D 358 -13.05 -56.49 -16.40
C TYR D 358 -14.23 -56.23 -15.45
N ALA D 359 -13.95 -55.78 -14.23
CA ALA D 359 -15.01 -55.51 -13.27
C ALA D 359 -15.93 -54.39 -13.76
N ASP D 360 -15.34 -53.36 -14.36
CA ASP D 360 -16.15 -52.28 -14.93
C ASP D 360 -16.97 -52.77 -16.12
N ASN D 361 -16.39 -53.64 -16.94
CA ASN D 361 -17.13 -54.23 -18.06
C ASN D 361 -18.11 -55.30 -17.62
N MET D 362 -18.11 -55.66 -16.33
CA MET D 362 -19.03 -56.60 -15.68
C MET D 362 -18.57 -58.04 -15.84
N GLU D 363 -17.32 -58.25 -16.21
CA GLU D 363 -16.74 -59.60 -16.31
C GLU D 363 -16.19 -59.98 -14.93
N PHE D 364 -17.13 -60.32 -14.04
CA PHE D 364 -16.83 -60.40 -12.61
C PHE D 364 -15.93 -61.59 -12.29
N GLU D 365 -16.20 -62.77 -12.86
CA GLU D 365 -15.40 -63.93 -12.52
C GLU D 365 -13.98 -63.81 -13.09
N GLN D 366 -13.85 -63.22 -14.28
CA GLN D 366 -12.52 -62.94 -14.83
C GLN D 366 -11.76 -61.98 -13.91
N CYS D 367 -12.42 -60.91 -13.49
CA CYS D 367 -11.80 -59.98 -12.55
C CYS D 367 -11.39 -60.68 -11.26
N ILE D 368 -12.25 -61.57 -10.75
CA ILE D 368 -11.99 -62.24 -9.49
C ILE D 368 -10.79 -63.16 -9.59
N LYS D 369 -10.69 -63.93 -10.68
CA LYS D 369 -9.54 -64.83 -10.81
C LYS D 369 -8.25 -64.04 -11.03
N LEU D 370 -8.31 -62.95 -11.80
CA LEU D 370 -7.13 -62.11 -11.95
C LEU D 370 -6.67 -61.53 -10.61
N TRP D 371 -7.63 -61.03 -9.82
CA TRP D 371 -7.28 -60.47 -8.52
C TRP D 371 -6.79 -61.53 -7.55
N LEU D 372 -7.33 -62.74 -7.61
CA LEU D 372 -6.84 -63.82 -6.77
C LEU D 372 -5.38 -64.14 -7.10
N HIS D 373 -5.06 -64.24 -8.39
CA HIS D 373 -3.66 -64.47 -8.77
C HIS D 373 -2.78 -63.31 -8.33
N ALA D 374 -3.26 -62.07 -8.46
CA ALA D 374 -2.46 -60.92 -8.07
C ALA D 374 -2.21 -60.89 -6.57
N LEU D 375 -3.22 -61.21 -5.77
CA LEU D 375 -3.06 -61.24 -4.32
C LEU D 375 -2.14 -62.38 -3.89
N HIS D 376 -2.20 -63.52 -4.58
CA HIS D 376 -1.26 -64.59 -4.31
C HIS D 376 0.17 -64.15 -4.63
N LEU D 377 0.34 -63.38 -5.71
CA LEU D 377 1.66 -62.86 -6.04
C LEU D 377 2.14 -61.86 -4.98
N ARG D 378 1.23 -61.06 -4.43
CA ARG D 378 1.58 -60.16 -3.34
C ARG D 378 1.91 -60.94 -2.08
N THR E 15 -0.74 -36.61 -6.86
CA THR E 15 -1.11 -35.53 -5.96
C THR E 15 -2.30 -34.73 -6.49
N ARG E 16 -2.84 -33.86 -5.66
CA ARG E 16 -3.96 -33.02 -6.04
C ARG E 16 -3.49 -31.82 -6.86
N THR E 17 -4.39 -31.29 -7.67
CA THR E 17 -4.07 -30.12 -8.48
C THR E 17 -3.89 -28.91 -7.57
N PRO E 18 -2.84 -28.11 -7.78
CA PRO E 18 -2.65 -26.91 -6.93
C PRO E 18 -3.61 -25.79 -7.26
N ASN E 19 -4.35 -25.87 -8.35
CA ASN E 19 -5.29 -24.83 -8.74
C ASN E 19 -6.61 -24.89 -7.98
N CYS E 20 -6.84 -25.96 -7.22
CA CYS E 20 -8.05 -26.07 -6.40
C CYS E 20 -7.74 -27.02 -5.25
N ASN E 21 -7.82 -26.53 -4.02
CA ASN E 21 -7.40 -27.28 -2.85
C ASN E 21 -8.51 -28.17 -2.28
N CYS E 22 -9.63 -28.30 -2.99
CA CYS E 22 -10.73 -29.13 -2.50
C CYS E 22 -10.43 -30.60 -2.76
N LYS E 23 -10.37 -31.40 -1.69
CA LYS E 23 -10.08 -32.82 -1.84
C LYS E 23 -11.23 -33.58 -2.46
N TYR E 24 -12.46 -33.05 -2.38
CA TYR E 24 -13.64 -33.74 -2.84
C TYR E 24 -13.97 -33.46 -4.30
N CYS E 25 -13.19 -32.59 -4.95
CA CYS E 25 -13.33 -32.38 -6.38
C CYS E 25 -12.61 -33.48 -7.15
N SER E 26 -12.85 -33.53 -8.46
CA SER E 26 -12.25 -34.53 -9.34
C SER E 26 -11.66 -33.81 -10.55
N HIS E 27 -10.54 -33.12 -10.34
CA HIS E 27 -9.83 -32.45 -11.42
C HIS E 27 -8.71 -33.36 -11.96
N PRO E 28 -8.37 -33.23 -13.24
CA PRO E 28 -7.32 -34.09 -13.80
C PRO E 28 -5.92 -33.68 -13.38
N VAL E 29 -5.71 -33.58 -12.06
CA VAL E 29 -4.42 -33.21 -11.47
C VAL E 29 -3.90 -31.90 -12.07
N LEU F 8 -1.07 51.65 -0.50
CA LEU F 8 -1.20 50.55 -1.45
C LEU F 8 -2.65 50.12 -1.59
N PHE F 9 -3.19 50.21 -2.80
CA PHE F 9 -4.56 49.78 -3.04
C PHE F 9 -4.64 48.32 -3.48
N LYS F 10 -3.66 47.83 -4.23
CA LYS F 10 -3.60 46.43 -4.62
C LYS F 10 -2.16 45.94 -4.71
N SER F 12 -3.88 43.74 -2.87
CA SER F 12 -4.01 42.48 -3.57
C SER F 12 -3.13 41.40 -2.94
N GLU F 13 -3.14 41.35 -1.60
CA GLU F 13 -2.48 40.24 -0.91
C GLU F 13 -3.03 38.90 -1.40
N GLU F 14 -4.36 38.80 -1.50
CA GLU F 14 -5.08 37.70 -2.13
C GLU F 14 -4.42 36.35 -1.95
N THR F 15 -4.58 35.73 -0.78
CA THR F 15 -4.08 34.38 -0.56
C THR F 15 -4.58 33.47 -1.66
N ARG F 16 -3.64 32.93 -2.44
CA ARG F 16 -3.98 32.19 -3.65
C ARG F 16 -5.01 31.11 -3.36
N THR F 17 -5.87 30.85 -4.34
CA THR F 17 -6.86 29.80 -4.21
C THR F 17 -6.15 28.49 -3.90
N PRO F 18 -6.50 27.80 -2.81
CA PRO F 18 -5.79 26.56 -2.47
C PRO F 18 -5.96 25.45 -3.50
N ASN F 19 -6.83 25.64 -4.48
CA ASN F 19 -7.05 24.62 -5.51
C ASN F 19 -6.02 24.70 -6.64
N CYS F 20 -5.41 25.86 -6.85
CA CYS F 20 -4.35 26.01 -7.85
C CYS F 20 -3.21 26.80 -7.23
N ASN F 21 -2.05 26.15 -7.12
CA ASN F 21 -0.87 26.75 -6.49
C ASN F 21 -0.06 27.60 -7.46
N CYS F 22 -0.57 27.87 -8.66
CA CYS F 22 0.18 28.64 -9.64
C CYS F 22 0.12 30.12 -9.29
N LYS F 23 1.30 30.73 -9.11
CA LYS F 23 1.37 32.14 -8.77
C LYS F 23 0.86 33.03 -9.91
N TYR F 24 1.12 32.63 -11.15
CA TYR F 24 0.86 33.46 -12.30
C TYR F 24 -0.51 33.22 -12.93
N CYS F 25 -1.34 32.37 -12.33
CA CYS F 25 -2.71 32.21 -12.78
C CYS F 25 -3.58 33.36 -12.29
N SER F 26 -4.67 33.59 -13.01
CA SER F 26 -5.68 34.57 -12.63
C SER F 26 -6.98 33.83 -12.39
N HIS F 27 -7.29 33.55 -11.12
CA HIS F 27 -8.57 32.96 -10.74
C HIS F 27 -9.37 34.01 -9.97
N PRO F 28 -9.95 34.99 -10.66
CA PRO F 28 -10.52 36.13 -9.96
C PRO F 28 -11.87 35.82 -9.34
N VAL F 29 -12.10 36.41 -8.17
CA VAL F 29 -13.41 36.34 -7.53
C VAL F 29 -14.33 37.37 -8.17
N LEU F 30 -15.62 37.05 -8.21
CA LEU F 30 -16.58 37.88 -8.91
C LEU F 30 -16.96 39.10 -8.07
N GLY F 31 -17.28 40.19 -8.76
CA GLY F 31 -17.66 41.42 -8.10
C GLY F 31 -19.13 41.75 -8.22
N1 EPE G . 3.17 -22.01 -7.46
C2 EPE G . 3.89 -20.95 -6.73
C3 EPE G . 5.40 -21.19 -6.72
N4 EPE G . 5.73 -22.57 -6.43
C5 EPE G . 4.94 -23.63 -7.04
C6 EPE G . 3.46 -23.33 -6.88
C7 EPE G . 7.01 -22.91 -5.84
C8 EPE G . 7.21 -24.41 -5.71
O8 EPE G . 8.43 -24.68 -5.05
C9 EPE G . 1.73 -21.79 -7.37
C10 EPE G . 1.09 -22.18 -8.70
S EPE G . -0.61 -21.58 -8.86
O1S EPE G . -1.50 -22.38 -8.01
O2S EPE G . -1.02 -21.72 -10.25
O3S EPE G . -0.66 -20.18 -8.47
ZN ZN H . -14.93 -29.13 -4.27
N1 EPE I . -2.67 29.76 16.17
C2 EPE I . -2.69 28.52 16.99
C3 EPE I . -3.63 27.45 16.47
N4 EPE I . -3.46 27.19 15.04
C5 EPE I . -2.77 28.19 14.26
C6 EPE I . -3.13 29.58 14.78
C7 EPE I . -4.28 26.19 14.39
C8 EPE I . -4.30 26.34 12.88
O8 EPE I . -5.16 25.36 12.32
C9 EPE I . -3.47 30.80 16.83
C10 EPE I . -2.64 32.04 17.11
S EPE I . -1.79 31.96 18.70
O1S EPE I . -2.71 31.46 19.71
O2S EPE I . -0.64 31.07 18.58
O3S EPE I . -1.33 33.30 19.06
ZN ZN J . -6.20 48.66 17.43
ZN ZN K . -3.14 45.46 18.40
N1 EPE L . -6.77 21.67 2.61
C2 EPE L . -7.02 22.83 3.48
C3 EPE L . -6.05 22.81 4.66
N4 EPE L . -5.88 21.50 5.27
C5 EPE L . -6.03 20.30 4.46
C6 EPE L . -7.07 20.45 3.36
C7 EPE L . -5.04 21.39 6.45
C8 EPE L . -5.58 22.12 7.67
O8 EPE L . -5.31 23.51 7.57
C9 EPE L . -7.63 21.74 1.42
C10 EPE L . -6.75 21.81 0.18
S EPE L . -7.62 21.11 -1.25
O1S EPE L . -7.03 21.65 -2.48
O2S EPE L . -7.48 19.65 -1.24
O3S EPE L . -9.02 21.47 -1.17
ZN ZN M . -0.76 29.08 -14.14
N1 EPE N . 15.36 -30.10 -2.27
C2 EPE N . 13.96 -29.96 -1.88
C3 EPE N . 13.20 -29.22 -2.98
N4 EPE N . 13.88 -28.02 -3.43
C5 EPE N . 15.34 -28.01 -3.49
C6 EPE N . 15.97 -28.77 -2.34
C7 EPE N . 13.17 -27.14 -4.35
C8 EPE N . 11.72 -26.92 -3.96
O8 EPE N . 11.00 -26.43 -5.06
C9 EPE N . 16.08 -30.94 -1.29
C10 EPE N . 16.40 -32.28 -1.93
S EPE N . 17.50 -33.30 -0.91
O1S EPE N . 18.87 -32.86 -1.10
O2S EPE N . 17.38 -34.70 -1.30
O3S EPE N . 17.13 -33.16 0.50
ZN ZN O . 16.28 -49.86 -6.34
ZN ZN P . 17.05 -47.20 -2.33
ZN ZN Q . -12.49 -27.94 -7.39
ZN ZN R . -4.51 28.07 -12.22
#